data_7Z4K
#
_entry.id   7Z4K
#
_cell.length_a   1.00
_cell.length_b   1.00
_cell.length_c   1.00
_cell.angle_alpha   90.00
_cell.angle_beta   90.00
_cell.angle_gamma   90.00
#
_symmetry.space_group_name_H-M   'P 1'
#
loop_
_entity.id
_entity.type
_entity.pdbx_description
1 polymer 'CRISPR-associated endonuclease Cas9/Csn1'
2 polymer sgRNA
3 polymer 'Target strand of 10-nucleotide complementary DNA substrate'
4 polymer 'Non-target strand of 10-nucleotide complementary DNA substrate'
#
loop_
_entity_poly.entity_id
_entity_poly.type
_entity_poly.pdbx_seq_one_letter_code
_entity_poly.pdbx_strand_id
1 'polypeptide(L)'
;MDKKYSIGLAIGTNSVGWAVITDEYKVPSKKFKVLGNTDRHSIKKNLIGALLFDSGETAEATRLKRTARRRYTRRKNRIC
YLQEIFSNEMAKVDDSFFHRLEESFLVEEDKKHERHPIFGNIVDEVAYHEKYPTIYHLRKKLVDSTDKADLRLIYLALAH
MIKFRGHFLIEGDLNPDNSDVDKLFIQLVQTYNQLFEENPINASGVDAKAILSARLSKSRRLENLIAQLPGEKKNGLFGN
LIALSLGLTPNFKSNFDLAEDAKLQLSKDTYDDDLDNLLAQIGDQYADLFLAAKNLSDAILLSDILRVNTEITKAPLSAS
MIKRYDEHHQDLTLLKALVRQQLPEKYKEIFFDQSKNGYAGYIDGGASQEEFYKFIKPILEKMDGTEELLVKLNREDLLR
KQRTFDNGSIPHQIHLGELHAILRRQEDFYPFLKDNREKIEKILTFRIPYYVGPLARGNSRFAWMTRKSEETITPWNFEE
VVDKGASAQSFIERMTNFDKNLPNEKVLPKHSLLYEYFTVYNELTKVKYVTEGMRKPAFLSGEQKKAIVDLLFKTNRKVT
VKQLKEDYFKKIECFDSVEISGVEDRFNASLGTYHDLLKIIKDKDFLDNEENEDILEDIVLTLTLFEDREMIEERLKTYA
HLFDDKVMKQLKRRRYTGWGRLSRKLINGIRDKQSGKTILDFLKSDGFANRNFMQLIHDDSLTFKEDIQKAQVSGQGDSL
HEHIANLAGSPAIKKGILQTVKVVDELVKVMGRHKPENIVIEMARENQTTQKGQKNSRERMKRIEEGIKELGSQILKEHP
VENTQLQNEKLYLYYLQNGRDMYVDQELDINRLSDYDVDAIVPQSFLKDDSIDNKVLTRSDKNRGKSDNVPSEEVVKKMK
NYWRQLLNAKLITQRKFDNLTKAERGGLSELDKAGFIKRQLVETRQITKHVAQILDSRMNTKYDENDKLIREVKVITLKS
KLVSDFRKDFQFYKVREINNYHHAHDAYLNAVVGTALIKKYPKLESEFVYGDYKVYDVRKMIAKSEQEIGKATAKYFFYS
NIMNFFKTEITLANGEIRKRPLIETNGETGEIVWDKGRDFATVRKVLSMPQVNIVKKTEVQTGGFSKESILPKRNSDKLI
ARKKDWDPKKYGGFDSPTVAYSVLVVAKVEKGKSKKLKSVKELLGITIMERSSFEKNPIDFLEAKGYKEVKKDLIIKLPK
YSLFELENGRKRMLASAGELQKGNELALPSKYVNFLYLASHYEKLKGSPEDNEQKQLFVEQHKHYLDEIIEQISEFSKRV
ILADANLDKVLSAYNKHRDKPIREQAENIIHLFTLTNLGAPAAFKYFDTTIDRKRYTSTKEVLDATLIHQSITGLYETRI
DLSQLGGD
;
B
2 'polyribonucleotide'
;GGGACGCAUAAAGAUGAGACGCGUUUUAGAGCUAGAAAUAGCAAGUUAAAAUAAGGCUAGUCCGUUAUCAACUUGAAAAA
GUGGCACCGAGUCGGUGCUUUU
;
A
3 'polydeoxyribonucleotide'
;(DC)(DG)(DT)(DG)(DA)(DT)(DT)(DC)(DC)(DA)(DG)(DC)(DG)(DT)(DC)(DT)(DC)(DA)(DT)(DC)
(DA)(DA)(DA)(DT)(DA)(DC)(DG)(DC)(DA)(DG)(DC)(DG)
;
C
4 'polydeoxyribonucleotide'
;(DC)(DG)(DC)(DT)(DG)(DC)(DG)(DT)(DA)(DT)(DT)(DT)(DA)(DC)(DG)(DC)(DT)(DA)(DT)(DT)
(DA)(DT)(DT)(DG)(DG)(DA)(DA)(DT)(DC)(DA)(DC)(DG)
;
D
#
loop_
_chem_comp.id
_chem_comp.type
_chem_comp.name
_chem_comp.formula
A RNA linking ADENOSINE-5'-MONOPHOSPHATE 'C10 H14 N5 O7 P'
C RNA linking CYTIDINE-5'-MONOPHOSPHATE 'C9 H14 N3 O8 P'
DA DNA linking 2'-DEOXYADENOSINE-5'-MONOPHOSPHATE 'C10 H14 N5 O6 P'
DC DNA linking 2'-DEOXYCYTIDINE-5'-MONOPHOSPHATE 'C9 H14 N3 O7 P'
DG DNA linking 2'-DEOXYGUANOSINE-5'-MONOPHOSPHATE 'C10 H14 N5 O7 P'
DT DNA linking THYMIDINE-5'-MONOPHOSPHATE 'C10 H15 N2 O8 P'
G RNA linking GUANOSINE-5'-MONOPHOSPHATE 'C10 H14 N5 O8 P'
U RNA linking URIDINE-5'-MONOPHOSPHATE 'C9 H13 N2 O9 P'
#
# COMPACT_ATOMS: atom_id res chain seq x y z
N ASP A 2 0.73 43.24 11.32
CA ASP A 2 1.92 42.41 11.35
C ASP A 2 1.93 41.53 12.59
N LYS A 3 1.33 42.02 13.66
CA LYS A 3 1.28 41.29 14.93
C LYS A 3 0.01 40.45 15.02
N LYS A 4 0.14 39.32 15.72
CA LYS A 4 -0.99 38.43 16.03
C LYS A 4 -1.66 37.93 14.76
N TYR A 5 -0.90 37.16 14.00
CA TYR A 5 -1.38 36.52 12.77
C TYR A 5 -1.42 35.02 12.96
N SER A 6 -2.12 34.34 12.05
CA SER A 6 -2.29 32.90 12.08
C SER A 6 -2.03 32.31 10.70
N ILE A 7 -1.68 31.03 10.67
CA ILE A 7 -1.37 30.31 9.45
C ILE A 7 -2.30 29.11 9.34
N GLY A 8 -2.95 28.97 8.19
CA GLY A 8 -3.79 27.82 7.89
C GLY A 8 -3.21 27.03 6.73
N LEU A 9 -3.31 25.71 6.83
CA LEU A 9 -2.70 24.80 5.87
C LEU A 9 -3.69 23.72 5.48
N ALA A 10 -3.52 23.20 4.26
CA ALA A 10 -4.29 22.07 3.76
C ALA A 10 -3.29 21.14 3.09
N ILE A 11 -3.00 20.02 3.74
CA ILE A 11 -1.99 19.08 3.27
C ILE A 11 -2.66 18.02 2.41
N GLY A 12 -2.05 17.74 1.26
CA GLY A 12 -2.59 16.76 0.34
C GLY A 12 -1.47 16.02 -0.36
N THR A 13 -1.86 14.96 -1.08
CA THR A 13 -0.87 14.14 -1.78
C THR A 13 -0.22 14.90 -2.91
N ASN A 14 -0.97 15.74 -3.61
CA ASN A 14 -0.47 16.50 -4.75
C ASN A 14 -0.50 18.01 -4.55
N SER A 15 -0.89 18.50 -3.38
CA SER A 15 -1.01 19.93 -3.16
C SER A 15 -0.82 20.26 -1.69
N VAL A 16 -0.28 21.45 -1.43
CA VAL A 16 -0.15 21.98 -0.08
C VAL A 16 -0.62 23.43 -0.13
N GLY A 17 -1.81 23.70 0.42
CA GLY A 17 -2.34 25.05 0.43
C GLY A 17 -2.01 25.76 1.73
N TRP A 18 -1.64 27.04 1.61
CA TRP A 18 -1.28 27.85 2.75
C TRP A 18 -1.99 29.19 2.68
N ALA A 19 -2.31 29.75 3.84
CA ALA A 19 -2.97 31.04 3.92
C ALA A 19 -2.60 31.72 5.23
N VAL A 20 -2.06 32.93 5.14
CA VAL A 20 -1.75 33.74 6.31
C VAL A 20 -2.91 34.71 6.53
N ILE A 21 -3.49 34.68 7.73
CA ILE A 21 -4.63 35.52 8.07
C ILE A 21 -4.29 36.33 9.32
N THR A 22 -5.11 37.33 9.58
CA THR A 22 -4.99 38.19 10.75
C THR A 22 -6.10 37.86 11.75
N ASP A 23 -6.17 38.66 12.82
CA ASP A 23 -7.20 38.46 13.82
C ASP A 23 -8.59 38.67 13.25
N GLU A 24 -8.74 39.66 12.36
CA GLU A 24 -10.02 39.95 11.73
C GLU A 24 -10.29 39.10 10.50
N TYR A 25 -9.63 37.94 10.38
CA TYR A 25 -9.86 36.99 9.28
C TYR A 25 -9.56 37.62 7.92
N LYS A 26 -8.58 38.51 7.85
CA LYS A 26 -8.17 39.15 6.61
C LYS A 26 -6.80 38.65 6.18
N VAL A 27 -6.65 38.39 4.89
CA VAL A 27 -5.39 37.94 4.33
C VAL A 27 -4.58 39.18 3.94
N PRO A 28 -3.41 39.40 4.54
CA PRO A 28 -2.64 40.60 4.21
C PRO A 28 -2.07 40.53 2.80
N SER A 29 -1.76 41.72 2.28
CA SER A 29 -1.10 41.87 0.99
C SER A 29 0.18 42.67 1.21
N LYS A 30 1.30 42.16 0.70
CA LYS A 30 2.60 42.75 0.97
C LYS A 30 3.36 43.01 -0.32
N LYS A 31 4.22 44.00 -0.27
CA LYS A 31 5.13 44.31 -1.38
C LYS A 31 6.38 43.46 -1.22
N PHE A 32 6.61 42.57 -2.18
CA PHE A 32 7.80 41.72 -2.21
C PHE A 32 8.74 42.22 -3.30
N LYS A 33 10.02 42.33 -2.95
CA LYS A 33 11.02 42.75 -3.91
C LYS A 33 11.25 41.66 -4.94
N VAL A 34 11.36 42.05 -6.21
CA VAL A 34 11.57 41.13 -7.32
C VAL A 34 13.00 41.32 -7.82
N LEU A 35 13.81 40.27 -7.68
CA LEU A 35 15.20 40.32 -8.10
C LEU A 35 15.32 39.96 -9.58
N GLY A 36 16.53 40.13 -10.10
CA GLY A 36 16.84 39.81 -11.48
C GLY A 36 17.37 41.02 -12.23
N ASN A 37 17.42 40.88 -13.56
CA ASN A 37 17.94 41.91 -14.44
C ASN A 37 16.84 42.61 -15.23
N THR A 38 15.61 42.55 -14.76
CA THR A 38 14.49 43.18 -15.44
C THR A 38 14.28 44.59 -14.92
N ASP A 39 13.31 45.30 -15.52
CA ASP A 39 12.95 46.64 -15.08
C ASP A 39 11.95 46.64 -13.95
N ARG A 40 11.47 45.47 -13.53
CA ARG A 40 10.52 45.34 -12.42
C ARG A 40 11.31 45.16 -11.12
N HIS A 41 10.95 45.96 -10.11
CA HIS A 41 11.66 45.94 -8.84
C HIS A 41 10.80 45.51 -7.67
N SER A 42 9.48 45.60 -7.76
CA SER A 42 8.61 45.22 -6.66
C SER A 42 7.30 44.68 -7.22
N ILE A 43 6.68 43.77 -6.47
CA ILE A 43 5.40 43.21 -6.83
C ILE A 43 4.54 43.16 -5.57
N LYS A 44 3.24 43.03 -5.76
CA LYS A 44 2.29 42.92 -4.66
C LYS A 44 1.74 41.50 -4.63
N LYS A 45 1.83 40.86 -3.48
CA LYS A 45 1.39 39.48 -3.34
C LYS A 45 0.47 39.34 -2.13
N ASN A 46 -0.63 38.61 -2.33
CA ASN A 46 -1.52 38.26 -1.23
C ASN A 46 -0.97 37.01 -0.53
N LEU A 47 -1.06 37.02 0.81
CA LEU A 47 -0.47 35.95 1.62
C LEU A 47 -1.40 34.73 1.66
N ILE A 48 -1.65 34.17 0.47
CA ILE A 48 -2.46 32.97 0.32
C ILE A 48 -2.09 32.33 -1.01
N GLY A 49 -1.97 31.01 -1.01
CA GLY A 49 -1.60 30.31 -2.22
C GLY A 49 -1.52 28.82 -2.00
N ALA A 50 -0.97 28.12 -2.99
CA ALA A 50 -0.84 26.68 -2.92
C ALA A 50 0.38 26.24 -3.71
N LEU A 51 1.09 25.25 -3.17
CA LEU A 51 2.21 24.61 -3.85
C LEU A 51 1.75 23.30 -4.46
N LEU A 52 2.08 23.09 -5.73
CA LEU A 52 1.68 21.89 -6.47
C LEU A 52 2.92 21.11 -6.87
N PHE A 53 2.85 19.79 -6.69
CA PHE A 53 3.97 18.91 -6.99
C PHE A 53 3.44 17.53 -7.35
N ASP A 54 4.29 16.76 -8.03
CA ASP A 54 3.93 15.39 -8.38
C ASP A 54 3.90 14.51 -7.13
N SER A 55 3.13 13.42 -7.22
CA SER A 55 2.99 12.51 -6.10
C SER A 55 4.31 11.82 -5.78
N GLY A 56 4.53 11.56 -4.50
CA GLY A 56 5.75 10.89 -4.07
C GLY A 56 5.67 9.42 -4.41
N GLU A 57 6.54 8.95 -5.31
CA GLU A 57 6.53 7.56 -5.73
C GLU A 57 7.11 6.65 -4.66
N THR A 58 6.59 5.43 -4.59
CA THR A 58 7.13 4.42 -3.70
C THR A 58 8.35 3.76 -4.33
N ALA A 59 9.09 3.02 -3.51
CA ALA A 59 10.29 2.32 -3.95
C ALA A 59 10.02 0.88 -4.36
N GLU A 60 8.74 0.50 -4.53
CA GLU A 60 8.41 -0.87 -4.90
C GLU A 60 8.97 -1.23 -6.26
N ALA A 61 8.75 -0.36 -7.25
CA ALA A 61 9.27 -0.62 -8.60
C ALA A 61 10.79 -0.64 -8.61
N THR A 62 11.41 0.29 -7.88
CA THR A 62 12.87 0.31 -7.79
C THR A 62 13.39 -0.97 -7.15
N ARG A 63 12.72 -1.44 -6.10
CA ARG A 63 13.12 -2.69 -5.46
C ARG A 63 12.99 -3.87 -6.42
N LEU A 64 11.89 -3.94 -7.17
CA LEU A 64 11.72 -5.02 -8.12
C LEU A 64 12.79 -4.99 -9.20
N LYS A 65 13.12 -3.81 -9.71
CA LYS A 65 14.15 -3.70 -10.73
C LYS A 65 15.52 -4.06 -10.17
N ARG A 66 15.80 -3.68 -8.92
CA ARG A 66 17.06 -4.06 -8.28
C ARG A 66 17.17 -5.57 -8.15
N THR A 67 16.07 -6.23 -7.74
CA THR A 67 16.08 -7.69 -7.64
C THR A 67 16.28 -8.32 -9.01
N ALA A 68 15.65 -7.76 -10.04
CA ALA A 68 15.84 -8.28 -11.40
C ALA A 68 17.28 -8.16 -11.84
N ARG A 69 17.91 -7.02 -11.54
CA ARG A 69 19.33 -6.83 -11.89
C ARG A 69 20.21 -7.85 -11.18
N ARG A 70 19.97 -8.07 -9.88
CA ARG A 70 20.76 -9.04 -9.14
C ARG A 70 20.57 -10.45 -9.71
N ARG A 71 19.33 -10.81 -10.03
CA ARG A 71 19.06 -12.13 -10.58
C ARG A 71 19.71 -12.32 -11.94
N TYR A 72 19.68 -11.29 -12.79
CA TYR A 72 20.34 -11.37 -14.09
C TYR A 72 21.85 -11.56 -13.92
N THR A 73 22.44 -10.79 -13.00
CA THR A 73 23.88 -10.94 -12.74
C THR A 73 24.21 -12.34 -12.27
N ARG A 74 23.40 -12.89 -11.37
CA ARG A 74 23.69 -14.22 -10.84
C ARG A 74 23.44 -15.33 -11.85
N ARG A 75 22.46 -15.15 -12.74
CA ARG A 75 22.28 -16.11 -13.83
C ARG A 75 23.48 -16.09 -14.77
N LYS A 76 23.97 -14.89 -15.11
CA LYS A 76 25.16 -14.81 -15.95
C LYS A 76 26.37 -15.43 -15.25
N ASN A 77 26.47 -15.25 -13.94
CA ASN A 77 27.57 -15.85 -13.19
C ASN A 77 27.45 -17.38 -13.14
N ARG A 78 26.22 -17.89 -13.08
CA ARG A 78 26.02 -19.34 -13.17
C ARG A 78 26.50 -19.86 -14.52
N ILE A 79 26.15 -19.16 -15.60
CA ILE A 79 26.62 -19.56 -16.92
C ILE A 79 28.14 -19.49 -16.99
N CYS A 80 28.74 -18.48 -16.36
CA CYS A 80 30.19 -18.35 -16.33
C CYS A 80 30.83 -19.51 -15.58
N TYR A 81 30.24 -19.92 -14.46
CA TYR A 81 30.76 -21.08 -13.72
C TYR A 81 30.66 -22.34 -14.57
N LEU A 82 29.55 -22.52 -15.28
CA LEU A 82 29.40 -23.69 -16.13
C LEU A 82 30.45 -23.70 -17.23
N GLN A 83 30.72 -22.53 -17.83
CA GLN A 83 31.79 -22.45 -18.82
C GLN A 83 33.16 -22.70 -18.20
N GLU A 84 33.35 -22.26 -16.96
CA GLU A 84 34.61 -22.52 -16.26
C GLU A 84 34.84 -24.02 -16.07
N ILE A 85 33.79 -24.76 -15.74
CA ILE A 85 33.93 -26.21 -15.58
C ILE A 85 34.33 -26.85 -16.89
N PHE A 86 33.74 -26.42 -18.00
CA PHE A 86 33.97 -27.01 -19.31
C PHE A 86 35.13 -26.39 -20.08
N SER A 87 35.87 -25.46 -19.48
CA SER A 87 36.82 -24.65 -20.24
C SER A 87 37.88 -25.51 -20.91
N ASN A 88 38.56 -26.37 -20.14
CA ASN A 88 39.68 -27.13 -20.69
C ASN A 88 39.22 -28.13 -21.74
N GLU A 89 38.16 -28.90 -21.44
CA GLU A 89 37.69 -29.90 -22.38
C GLU A 89 37.11 -29.27 -23.63
N MET A 90 36.39 -28.15 -23.48
CA MET A 90 35.87 -27.45 -24.65
C MET A 90 37.00 -26.91 -25.51
N ALA A 91 38.04 -26.36 -24.88
CA ALA A 91 39.20 -25.89 -25.64
C ALA A 91 39.87 -27.06 -26.36
N LYS A 92 39.88 -28.24 -25.75
CA LYS A 92 40.38 -29.43 -26.44
C LYS A 92 39.51 -29.75 -27.64
N VAL A 93 38.20 -29.62 -27.52
CA VAL A 93 37.29 -29.95 -28.61
C VAL A 93 37.19 -28.80 -29.60
N ASP A 94 36.71 -27.65 -29.14
CA ASP A 94 36.56 -26.47 -29.99
C ASP A 94 36.87 -25.23 -29.15
N ASP A 95 38.04 -24.63 -29.39
CA ASP A 95 38.52 -23.55 -28.54
C ASP A 95 37.67 -22.28 -28.65
N SER A 96 36.94 -22.09 -29.76
CA SER A 96 36.19 -20.87 -30.01
C SER A 96 34.69 -21.03 -29.80
N PHE A 97 34.25 -22.15 -29.21
CA PHE A 97 32.82 -22.39 -29.03
C PHE A 97 32.20 -21.38 -28.08
N PHE A 98 32.83 -21.16 -26.92
CA PHE A 98 32.31 -20.17 -25.99
C PHE A 98 32.44 -18.76 -26.55
N HIS A 99 33.47 -18.49 -27.35
CA HIS A 99 33.59 -17.19 -27.99
C HIS A 99 32.46 -16.96 -28.98
N ARG A 100 32.10 -17.99 -29.76
CA ARG A 100 30.96 -17.84 -30.67
C ARG A 100 29.65 -17.72 -29.91
N LEU A 101 29.54 -18.36 -28.74
CA LEU A 101 28.33 -18.18 -27.94
C LEU A 101 28.23 -16.78 -27.37
N GLU A 102 29.36 -16.17 -27.00
CA GLU A 102 29.34 -14.84 -26.41
C GLU A 102 29.06 -13.75 -27.45
N GLU A 103 29.45 -13.97 -28.70
CA GLU A 103 29.29 -12.97 -29.74
C GLU A 103 28.17 -13.31 -30.72
N SER A 104 27.21 -14.15 -30.32
CA SER A 104 26.13 -14.52 -31.22
C SER A 104 25.24 -13.33 -31.54
N PHE A 105 25.18 -12.34 -30.65
CA PHE A 105 24.32 -11.18 -30.87
C PHE A 105 24.83 -10.31 -32.01
N LEU A 106 26.15 -10.23 -32.20
CA LEU A 106 26.72 -9.37 -33.22
C LEU A 106 26.35 -9.86 -34.62
N VAL A 107 26.26 -8.91 -35.55
CA VAL A 107 25.97 -9.22 -36.95
C VAL A 107 27.18 -9.90 -37.58
N GLU A 108 26.99 -10.45 -38.78
CA GLU A 108 28.10 -11.13 -39.47
C GLU A 108 29.29 -10.22 -39.68
N GLU A 109 29.05 -8.92 -39.93
CA GLU A 109 30.16 -7.99 -40.10
C GLU A 109 30.95 -7.83 -38.81
N ASP A 110 30.26 -7.75 -37.67
CA ASP A 110 30.93 -7.55 -36.39
C ASP A 110 31.47 -8.85 -35.78
N LYS A 111 31.05 -10.00 -36.29
CA LYS A 111 31.54 -11.27 -35.75
C LYS A 111 33.00 -11.47 -36.11
N LYS A 112 33.80 -11.88 -35.13
CA LYS A 112 35.19 -12.22 -35.36
C LYS A 112 35.39 -13.70 -35.68
N HIS A 113 34.33 -14.51 -35.57
CA HIS A 113 34.41 -15.93 -35.87
C HIS A 113 33.27 -16.33 -36.81
N GLU A 114 33.09 -17.63 -37.03
CA GLU A 114 32.01 -18.10 -37.88
C GLU A 114 30.66 -17.77 -37.26
N ARG A 115 29.68 -17.48 -38.13
CA ARG A 115 28.37 -17.05 -37.69
C ARG A 115 27.56 -18.17 -37.02
N HIS A 116 27.98 -19.42 -37.18
CA HIS A 116 27.27 -20.55 -36.57
C HIS A 116 27.88 -20.83 -35.21
N PRO A 117 27.17 -20.60 -34.10
CA PRO A 117 27.76 -20.77 -32.78
C PRO A 117 28.06 -22.21 -32.41
N ILE A 118 27.10 -23.10 -32.63
CA ILE A 118 27.17 -24.44 -32.05
C ILE A 118 28.32 -25.24 -32.66
N PHE A 119 28.42 -25.25 -33.99
CA PHE A 119 29.42 -26.07 -34.66
C PHE A 119 30.41 -25.29 -35.50
N GLY A 120 30.12 -24.04 -35.86
CA GLY A 120 31.03 -23.24 -36.65
C GLY A 120 30.98 -23.50 -38.13
N ASN A 121 30.12 -24.38 -38.61
CA ASN A 121 29.97 -24.63 -40.03
C ASN A 121 28.50 -24.82 -40.36
N ILE A 122 28.16 -24.55 -41.62
CA ILE A 122 26.76 -24.58 -42.06
C ILE A 122 26.19 -26.00 -42.01
N VAL A 123 26.97 -26.98 -42.48
CA VAL A 123 26.44 -28.32 -42.65
C VAL A 123 26.08 -28.94 -41.29
N ASP A 124 26.99 -28.82 -40.32
CA ASP A 124 26.74 -29.42 -39.01
C ASP A 124 25.59 -28.72 -38.29
N GLU A 125 25.50 -27.40 -38.43
CA GLU A 125 24.39 -26.67 -37.82
C GLU A 125 23.06 -27.13 -38.42
N VAL A 126 23.00 -27.26 -39.75
CA VAL A 126 21.77 -27.74 -40.39
C VAL A 126 21.44 -29.15 -39.93
N ALA A 127 22.45 -30.01 -39.83
CA ALA A 127 22.21 -31.38 -39.39
C ALA A 127 21.68 -31.42 -37.97
N TYR A 128 22.25 -30.60 -37.07
CA TYR A 128 21.80 -30.56 -35.69
C TYR A 128 20.36 -30.07 -35.60
N HIS A 129 20.03 -29.01 -36.34
CA HIS A 129 18.66 -28.48 -36.27
C HIS A 129 17.66 -29.40 -36.93
N GLU A 130 18.08 -30.17 -37.93
CA GLU A 130 17.19 -31.17 -38.52
C GLU A 130 16.97 -32.34 -37.57
N LYS A 131 18.03 -32.79 -36.90
CA LYS A 131 17.88 -33.90 -35.96
C LYS A 131 17.19 -33.46 -34.68
N TYR A 132 17.53 -32.28 -34.17
CA TYR A 132 16.95 -31.74 -32.94
C TYR A 132 16.24 -30.44 -33.27
N PRO A 133 14.93 -30.48 -33.56
CA PRO A 133 14.20 -29.23 -33.82
C PRO A 133 14.20 -28.27 -32.65
N THR A 134 14.17 -28.78 -31.42
CA THR A 134 14.16 -27.95 -30.22
C THR A 134 15.27 -28.41 -29.29
N ILE A 135 15.50 -27.62 -28.23
CA ILE A 135 16.48 -27.99 -27.22
C ILE A 135 15.99 -29.19 -26.41
N TYR A 136 14.67 -29.35 -26.28
CA TYR A 136 14.14 -30.46 -25.50
C TYR A 136 14.38 -31.80 -26.19
N HIS A 137 14.40 -31.83 -27.52
CA HIS A 137 14.77 -33.05 -28.22
C HIS A 137 16.20 -33.45 -27.87
N LEU A 138 17.12 -32.49 -27.84
CA LEU A 138 18.50 -32.77 -27.45
C LEU A 138 18.56 -33.24 -26.00
N ARG A 139 17.79 -32.60 -25.12
CA ARG A 139 17.80 -33.00 -23.71
C ARG A 139 17.31 -34.42 -23.54
N LYS A 140 16.21 -34.79 -24.21
CA LYS A 140 15.70 -36.15 -24.10
C LYS A 140 16.67 -37.15 -24.71
N LYS A 141 17.31 -36.79 -25.82
CA LYS A 141 18.29 -37.69 -26.44
C LYS A 141 19.46 -37.93 -25.49
N LEU A 142 19.95 -36.88 -24.84
CA LEU A 142 21.06 -37.05 -23.90
C LEU A 142 20.63 -37.85 -22.68
N VAL A 143 19.39 -37.67 -22.23
CA VAL A 143 18.91 -38.43 -21.07
C VAL A 143 18.79 -39.91 -21.41
N ASP A 144 18.25 -40.24 -22.58
CA ASP A 144 17.93 -41.62 -22.89
C ASP A 144 19.05 -42.38 -23.59
N SER A 145 19.68 -41.77 -24.59
CA SER A 145 20.71 -42.46 -25.35
C SER A 145 21.95 -42.72 -24.50
N THR A 146 22.57 -43.87 -24.71
CA THR A 146 23.77 -44.27 -24.00
C THR A 146 25.04 -44.08 -24.83
N ASP A 147 24.91 -43.62 -26.07
CA ASP A 147 26.07 -43.40 -26.92
C ASP A 147 26.80 -42.13 -26.50
N LYS A 148 28.10 -42.10 -26.77
CA LYS A 148 28.90 -40.91 -26.48
C LYS A 148 28.39 -39.74 -27.31
N ALA A 149 28.18 -38.60 -26.65
CA ALA A 149 27.66 -37.40 -27.28
C ALA A 149 28.74 -36.33 -27.36
N ASP A 150 28.55 -35.41 -28.30
CA ASP A 150 29.47 -34.29 -28.43
C ASP A 150 29.43 -33.43 -27.18
N LEU A 151 30.60 -32.92 -26.78
CA LEU A 151 30.68 -32.10 -25.57
C LEU A 151 29.87 -30.82 -25.71
N ARG A 152 29.81 -30.25 -26.91
CA ARG A 152 29.06 -29.01 -27.12
C ARG A 152 27.57 -29.22 -26.86
N LEU A 153 27.01 -30.34 -27.33
CA LEU A 153 25.60 -30.62 -27.08
C LEU A 153 25.31 -30.80 -25.60
N ILE A 154 26.20 -31.51 -24.89
CA ILE A 154 26.03 -31.70 -23.46
C ILE A 154 26.07 -30.37 -22.73
N TYR A 155 27.03 -29.51 -23.10
CA TYR A 155 27.10 -28.19 -22.47
C TYR A 155 25.87 -27.36 -22.78
N LEU A 156 25.35 -27.44 -24.01
CA LEU A 156 24.15 -26.68 -24.35
C LEU A 156 22.96 -27.14 -23.52
N ALA A 157 22.80 -28.45 -23.36
CA ALA A 157 21.70 -28.96 -22.54
C ALA A 157 21.85 -28.52 -21.09
N LEU A 158 23.07 -28.62 -20.54
CA LEU A 158 23.28 -28.22 -19.15
C LEU A 158 23.06 -26.72 -18.97
N ALA A 159 23.49 -25.92 -19.95
CA ALA A 159 23.28 -24.47 -19.87
C ALA A 159 21.80 -24.11 -19.95
N HIS A 160 21.05 -24.80 -20.80
CA HIS A 160 19.61 -24.57 -20.85
C HIS A 160 18.95 -24.94 -19.53
N MET A 161 19.39 -26.05 -18.92
CA MET A 161 18.81 -26.45 -17.65
C MET A 161 19.15 -25.46 -16.53
N ILE A 162 20.40 -25.01 -16.47
CA ILE A 162 20.83 -24.12 -15.39
C ILE A 162 20.21 -22.73 -15.55
N LYS A 163 20.23 -22.21 -16.78
CA LYS A 163 19.74 -20.85 -17.02
C LYS A 163 18.26 -20.73 -16.70
N PHE A 164 17.47 -21.72 -17.11
CA PHE A 164 16.04 -21.79 -16.81
C PHE A 164 15.82 -23.07 -16.02
N ARG A 165 15.84 -22.96 -14.70
CA ARG A 165 15.84 -24.11 -13.81
C ARG A 165 14.54 -24.32 -13.06
N GLY A 166 13.57 -23.43 -13.20
CA GLY A 166 12.31 -23.57 -12.50
C GLY A 166 12.37 -23.10 -11.06
N HIS A 167 11.20 -23.06 -10.43
CA HIS A 167 11.05 -22.47 -9.11
C HIS A 167 11.61 -23.41 -8.03
N PHE A 168 11.75 -22.85 -6.82
CA PHE A 168 12.25 -23.58 -5.67
C PHE A 168 11.22 -23.62 -4.54
N LEU A 169 9.94 -23.71 -4.89
CA LEU A 169 8.87 -23.65 -3.90
C LEU A 169 8.66 -24.95 -3.16
N ILE A 170 9.34 -26.03 -3.56
CA ILE A 170 9.18 -27.34 -2.94
C ILE A 170 10.52 -27.74 -2.32
N GLU A 171 10.50 -28.06 -1.04
CA GLU A 171 11.69 -28.52 -0.33
C GLU A 171 11.81 -30.04 -0.44
N GLY A 172 13.04 -30.51 -0.66
CA GLY A 172 13.30 -31.92 -0.79
C GLY A 172 13.20 -32.41 -2.23
N ASP A 173 13.59 -33.67 -2.42
CA ASP A 173 13.56 -34.26 -3.74
C ASP A 173 12.12 -34.56 -4.17
N LEU A 174 11.91 -34.60 -5.49
CA LEU A 174 10.60 -34.88 -6.06
C LEU A 174 10.80 -35.90 -7.18
N ASN A 175 10.42 -37.15 -6.91
CA ASN A 175 10.59 -38.22 -7.88
C ASN A 175 9.55 -38.08 -8.98
N PRO A 176 9.95 -37.94 -10.25
CA PRO A 176 8.97 -37.71 -11.32
C PRO A 176 8.17 -38.94 -11.73
N ASP A 177 8.56 -40.14 -11.29
CA ASP A 177 7.86 -41.34 -11.72
C ASP A 177 6.43 -41.39 -11.18
N ASN A 178 6.20 -40.87 -9.98
CA ASN A 178 4.88 -40.92 -9.35
C ASN A 178 3.96 -39.91 -10.05
N SER A 179 3.49 -40.28 -11.23
CA SER A 179 2.60 -39.44 -12.02
C SER A 179 1.19 -40.01 -12.18
N ASP A 180 1.01 -41.31 -11.95
CA ASP A 180 -0.30 -41.94 -12.07
C ASP A 180 -1.15 -41.52 -10.87
N VAL A 181 -2.10 -40.61 -11.10
CA VAL A 181 -2.95 -40.13 -10.03
C VAL A 181 -3.87 -41.23 -9.54
N ASP A 182 -4.38 -42.07 -10.45
CA ASP A 182 -5.37 -43.07 -10.08
C ASP A 182 -4.82 -44.07 -9.07
N LYS A 183 -3.66 -44.65 -9.36
CA LYS A 183 -3.12 -45.69 -8.48
C LYS A 183 -2.77 -45.14 -7.11
N LEU A 184 -2.11 -43.98 -7.07
CA LEU A 184 -1.73 -43.41 -5.78
C LEU A 184 -2.94 -42.95 -4.98
N PHE A 185 -3.96 -42.40 -5.66
CA PHE A 185 -5.19 -42.02 -4.97
C PHE A 185 -5.88 -43.25 -4.39
N ILE A 186 -5.95 -44.34 -5.16
CA ILE A 186 -6.55 -45.58 -4.65
C ILE A 186 -5.77 -46.11 -3.46
N GLN A 187 -4.43 -46.05 -3.53
CA GLN A 187 -3.61 -46.51 -2.41
C GLN A 187 -3.86 -45.66 -1.17
N LEU A 188 -3.97 -44.34 -1.33
CA LEU A 188 -4.24 -43.48 -0.18
C LEU A 188 -5.62 -43.77 0.40
N VAL A 189 -6.62 -44.02 -0.47
CA VAL A 189 -7.94 -44.37 0.02
C VAL A 189 -7.89 -45.67 0.82
N GLN A 190 -7.16 -46.67 0.32
CA GLN A 190 -7.04 -47.94 1.03
C GLN A 190 -6.34 -47.75 2.38
N THR A 191 -5.29 -46.93 2.42
CA THR A 191 -4.61 -46.66 3.67
C THR A 191 -5.53 -45.97 4.67
N TYR A 192 -6.31 -44.99 4.20
CA TYR A 192 -7.24 -44.30 5.08
C TYR A 192 -8.31 -45.26 5.62
N ASN A 193 -8.82 -46.15 4.76
CA ASN A 193 -9.79 -47.13 5.22
C ASN A 193 -9.19 -48.09 6.22
N GLN A 194 -7.95 -48.52 5.99
CA GLN A 194 -7.28 -49.43 6.92
C GLN A 194 -7.00 -48.75 8.26
N LEU A 195 -6.75 -47.44 8.25
CA LEU A 195 -6.50 -46.71 9.49
C LEU A 195 -7.78 -46.60 10.32
N PHE A 196 -8.80 -45.94 9.77
CA PHE A 196 -10.10 -45.82 10.42
C PHE A 196 -11.05 -46.85 9.81
N GLU A 197 -10.91 -48.09 10.27
CA GLU A 197 -11.77 -49.16 9.79
C GLU A 197 -13.23 -48.94 10.20
N GLU A 198 -13.45 -48.21 11.30
CA GLU A 198 -14.81 -47.92 11.74
C GLU A 198 -15.47 -46.84 10.90
N ASN A 199 -14.70 -46.04 10.17
CA ASN A 199 -15.22 -44.99 9.31
C ASN A 199 -14.59 -45.13 7.92
N PRO A 200 -15.01 -46.13 7.15
CA PRO A 200 -14.44 -46.34 5.82
C PRO A 200 -15.07 -45.41 4.80
N ILE A 201 -14.45 -45.37 3.62
CA ILE A 201 -14.94 -44.59 2.49
C ILE A 201 -14.88 -45.47 1.24
N ASN A 202 -15.67 -45.09 0.24
CA ASN A 202 -15.75 -45.81 -1.02
C ASN A 202 -15.20 -44.94 -2.13
N ALA A 203 -14.19 -45.43 -2.83
CA ALA A 203 -13.56 -44.71 -3.93
C ALA A 203 -14.01 -45.22 -5.30
N SER A 204 -15.01 -46.10 -5.34
CA SER A 204 -15.45 -46.67 -6.61
C SER A 204 -16.05 -45.59 -7.51
N GLY A 205 -15.68 -45.62 -8.78
CA GLY A 205 -16.19 -44.66 -9.74
C GLY A 205 -15.73 -43.23 -9.49
N VAL A 206 -14.49 -43.05 -9.05
CA VAL A 206 -13.93 -41.72 -8.78
C VAL A 206 -12.63 -41.62 -9.55
N ASP A 207 -12.66 -40.99 -10.72
CA ASP A 207 -11.47 -40.76 -11.54
C ASP A 207 -10.88 -39.43 -11.11
N ALA A 208 -10.07 -39.45 -10.05
CA ALA A 208 -9.51 -38.22 -9.50
C ALA A 208 -8.49 -37.57 -10.43
N LYS A 209 -7.93 -38.33 -11.37
CA LYS A 209 -6.90 -37.78 -12.26
C LYS A 209 -7.45 -36.62 -13.07
N ALA A 210 -8.59 -36.82 -13.74
CA ALA A 210 -9.17 -35.74 -14.54
C ALA A 210 -9.78 -34.65 -13.66
N ILE A 211 -10.22 -35.00 -12.44
CA ILE A 211 -10.83 -34.02 -11.56
C ILE A 211 -9.77 -33.02 -11.07
N LEU A 212 -8.61 -33.53 -10.65
CA LEU A 212 -7.60 -32.67 -10.05
C LEU A 212 -6.59 -32.14 -11.06
N SER A 213 -6.38 -32.82 -12.18
CA SER A 213 -5.45 -32.35 -13.19
C SER A 213 -6.09 -31.37 -14.17
N ALA A 214 -7.38 -31.12 -14.06
CA ALA A 214 -8.05 -30.19 -14.95
C ALA A 214 -7.60 -28.76 -14.69
N ARG A 215 -7.65 -27.94 -15.75
CA ARG A 215 -7.29 -26.52 -15.66
C ARG A 215 -8.45 -25.74 -15.05
N LEU A 216 -8.66 -25.96 -13.77
CA LEU A 216 -9.73 -25.31 -13.00
C LEU A 216 -9.15 -24.72 -11.73
N SER A 217 -10.02 -24.07 -10.96
CA SER A 217 -9.59 -23.44 -9.71
C SER A 217 -9.26 -24.49 -8.66
N LYS A 218 -8.43 -24.08 -7.70
CA LYS A 218 -8.04 -24.98 -6.61
C LYS A 218 -9.24 -25.37 -5.76
N SER A 219 -10.01 -24.38 -5.30
CA SER A 219 -11.17 -24.65 -4.46
C SER A 219 -12.25 -25.36 -5.26
N ARG A 220 -12.42 -24.99 -6.53
CA ARG A 220 -13.41 -25.65 -7.38
C ARG A 220 -13.09 -27.13 -7.55
N ARG A 221 -11.82 -27.44 -7.83
CA ARG A 221 -11.42 -28.84 -7.97
C ARG A 221 -11.52 -29.59 -6.65
N LEU A 222 -11.20 -28.93 -5.54
CA LEU A 222 -11.34 -29.55 -4.23
C LEU A 222 -12.80 -29.92 -3.96
N GLU A 223 -13.71 -28.98 -4.24
CA GLU A 223 -15.13 -29.24 -4.02
C GLU A 223 -15.64 -30.33 -4.96
N ASN A 224 -15.20 -30.33 -6.21
CA ASN A 224 -15.62 -31.37 -7.14
C ASN A 224 -15.15 -32.75 -6.69
N LEU A 225 -13.89 -32.85 -6.23
CA LEU A 225 -13.39 -34.13 -5.75
C LEU A 225 -14.12 -34.58 -4.49
N ILE A 226 -14.44 -33.64 -3.59
CA ILE A 226 -15.17 -34.00 -2.38
C ILE A 226 -16.56 -34.49 -2.73
N ALA A 227 -17.23 -33.83 -3.69
CA ALA A 227 -18.56 -34.26 -4.10
C ALA A 227 -18.53 -35.62 -4.79
N GLN A 228 -17.50 -35.86 -5.61
CA GLN A 228 -17.42 -37.13 -6.34
C GLN A 228 -17.26 -38.30 -5.37
N LEU A 229 -16.45 -38.14 -4.34
CA LEU A 229 -16.24 -39.21 -3.37
C LEU A 229 -17.47 -39.35 -2.48
N PRO A 230 -18.13 -40.50 -2.45
CA PRO A 230 -19.27 -40.68 -1.54
C PRO A 230 -18.83 -40.58 -0.08
N GLY A 231 -19.70 -39.97 0.74
CA GLY A 231 -19.41 -39.84 2.15
C GLY A 231 -18.23 -38.95 2.48
N GLU A 232 -17.84 -38.07 1.56
CA GLU A 232 -16.70 -37.18 1.76
C GLU A 232 -17.20 -35.74 1.82
N LYS A 233 -16.70 -34.98 2.79
CA LYS A 233 -17.09 -33.59 2.99
C LYS A 233 -15.86 -32.69 2.92
N LYS A 234 -16.11 -31.39 2.99
CA LYS A 234 -15.01 -30.42 2.88
C LYS A 234 -14.05 -30.55 4.05
N ASN A 235 -14.57 -30.80 5.25
CA ASN A 235 -13.76 -30.89 6.46
C ASN A 235 -13.47 -32.34 6.85
N GLY A 236 -13.75 -33.30 5.99
CA GLY A 236 -13.46 -34.69 6.30
C GLY A 236 -11.97 -34.94 6.42
N LEU A 237 -11.63 -35.98 7.17
CA LEU A 237 -10.22 -36.29 7.43
C LEU A 237 -9.50 -36.65 6.14
N PHE A 238 -10.11 -37.49 5.30
CA PHE A 238 -9.54 -37.72 3.98
C PHE A 238 -9.62 -36.46 3.12
N GLY A 239 -10.69 -35.69 3.28
CA GLY A 239 -10.74 -34.37 2.67
C GLY A 239 -9.63 -33.46 3.18
N ASN A 240 -9.30 -33.58 4.47
CA ASN A 240 -8.17 -32.83 5.01
C ASN A 240 -6.86 -33.26 4.37
N LEU A 241 -6.68 -34.56 4.15
CA LEU A 241 -5.49 -35.04 3.46
C LEU A 241 -5.44 -34.52 2.03
N ILE A 242 -6.59 -34.49 1.36
CA ILE A 242 -6.65 -33.96 -0.01
C ILE A 242 -6.27 -32.48 -0.01
N ALA A 243 -6.77 -31.72 0.95
CA ALA A 243 -6.42 -30.31 1.05
C ALA A 243 -4.94 -30.12 1.35
N LEU A 244 -4.37 -31.00 2.19
CA LEU A 244 -2.94 -30.97 2.44
C LEU A 244 -2.15 -31.20 1.16
N SER A 245 -2.60 -32.16 0.34
CA SER A 245 -1.97 -32.38 -0.96
C SER A 245 -2.10 -31.16 -1.86
N LEU A 246 -3.25 -30.50 -1.82
CA LEU A 246 -3.48 -29.33 -2.67
C LEU A 246 -2.76 -28.09 -2.17
N GLY A 247 -2.39 -28.04 -0.88
CA GLY A 247 -1.65 -26.90 -0.39
C GLY A 247 -2.14 -26.32 0.93
N LEU A 248 -3.06 -27.01 1.59
CA LEU A 248 -3.55 -26.59 2.89
C LEU A 248 -2.74 -27.27 4.00
N THR A 249 -2.94 -26.80 5.24
CA THR A 249 -2.22 -27.31 6.40
C THR A 249 -3.22 -27.74 7.47
N PRO A 250 -3.77 -28.94 7.35
CA PRO A 250 -4.69 -29.45 8.36
C PRO A 250 -3.96 -30.15 9.50
N ASN A 251 -4.75 -30.56 10.49
CA ASN A 251 -4.24 -31.28 11.66
C ASN A 251 -5.15 -32.47 11.94
N PHE A 252 -4.85 -33.19 13.02
CA PHE A 252 -5.61 -34.36 13.43
C PHE A 252 -5.94 -34.27 14.92
N LYS A 253 -6.33 -33.08 15.37
CA LYS A 253 -6.57 -32.88 16.80
C LYS A 253 -7.86 -33.58 17.24
N SER A 254 -8.98 -33.22 16.63
CA SER A 254 -10.28 -33.75 17.02
C SER A 254 -10.60 -35.09 16.37
N ASN A 255 -9.71 -35.62 15.53
CA ASN A 255 -9.97 -36.87 14.84
C ASN A 255 -9.68 -38.08 15.71
N PHE A 256 -10.22 -38.08 16.94
CA PHE A 256 -10.21 -39.20 17.87
C PHE A 256 -8.80 -39.70 18.22
N ASP A 257 -7.76 -38.94 17.87
CA ASP A 257 -6.40 -39.41 18.08
C ASP A 257 -5.57 -38.49 18.96
N LEU A 258 -5.55 -37.19 18.68
CA LEU A 258 -4.64 -36.27 19.34
C LEU A 258 -5.31 -35.55 20.50
N ALA A 259 -4.47 -35.03 21.40
CA ALA A 259 -4.92 -34.17 22.48
C ALA A 259 -4.52 -32.71 22.30
N GLU A 260 -3.56 -32.43 21.42
CA GLU A 260 -3.14 -31.08 21.09
C GLU A 260 -3.36 -30.84 19.60
N ASP A 261 -2.88 -29.69 19.11
CA ASP A 261 -3.18 -29.27 17.75
C ASP A 261 -1.92 -29.15 16.89
N ALA A 262 -1.04 -30.14 16.97
CA ALA A 262 0.15 -30.15 16.12
C ALA A 262 -0.25 -30.32 14.66
N LYS A 263 0.40 -29.55 13.79
CA LYS A 263 0.10 -29.55 12.37
C LYS A 263 1.32 -30.01 11.56
N LEU A 264 1.05 -30.69 10.45
CA LEU A 264 2.07 -31.19 9.56
C LEU A 264 1.81 -30.68 8.15
N GLN A 265 2.85 -30.15 7.50
CA GLN A 265 2.77 -29.69 6.13
C GLN A 265 3.93 -30.26 5.34
N LEU A 266 3.68 -30.55 4.06
CA LEU A 266 4.67 -31.18 3.19
C LEU A 266 5.29 -30.24 2.17
N SER A 267 4.54 -29.25 1.70
CA SER A 267 5.05 -28.35 0.66
C SER A 267 6.15 -27.43 1.18
N LYS A 268 6.30 -27.29 2.50
CA LYS A 268 7.28 -26.39 3.08
C LYS A 268 8.09 -27.12 4.14
N ASP A 269 9.30 -26.61 4.37
CA ASP A 269 10.21 -27.10 5.40
C ASP A 269 10.66 -28.53 5.12
N THR A 270 11.43 -29.12 6.03
CA THR A 270 11.93 -30.47 5.82
C THR A 270 10.82 -31.50 5.89
N TYR A 271 9.89 -31.33 6.84
CA TYR A 271 8.72 -32.20 7.01
C TYR A 271 9.13 -33.58 7.52
N ASP A 272 10.43 -33.84 7.63
CA ASP A 272 10.93 -35.12 8.11
C ASP A 272 11.12 -35.14 9.62
N ASP A 273 10.92 -34.02 10.30
CA ASP A 273 10.98 -33.95 11.76
C ASP A 273 9.62 -33.86 12.42
N ASP A 274 8.70 -33.09 11.84
CA ASP A 274 7.34 -33.05 12.37
C ASP A 274 6.66 -34.41 12.23
N LEU A 275 6.89 -35.09 11.11
CA LEU A 275 6.33 -36.43 10.92
C LEU A 275 6.87 -37.40 11.97
N ASP A 276 8.18 -37.33 12.24
CA ASP A 276 8.77 -38.20 13.26
C ASP A 276 8.20 -37.89 14.64
N ASN A 277 8.02 -36.61 14.95
CA ASN A 277 7.45 -36.24 16.24
C ASN A 277 6.02 -36.76 16.38
N LEU A 278 5.22 -36.65 15.30
CA LEU A 278 3.86 -37.16 15.34
C LEU A 278 3.84 -38.68 15.49
N LEU A 279 4.70 -39.37 14.75
CA LEU A 279 4.78 -40.82 14.86
C LEU A 279 5.29 -41.28 16.23
N ALA A 280 6.06 -40.44 16.92
CA ALA A 280 6.46 -40.77 18.28
C ALA A 280 5.25 -40.91 19.19
N GLN A 281 4.17 -40.18 18.91
CA GLN A 281 2.95 -40.27 19.68
C GLN A 281 1.99 -41.32 19.13
N ILE A 282 1.87 -41.42 17.80
CA ILE A 282 0.90 -42.31 17.19
C ILE A 282 1.54 -43.59 16.66
N GLY A 283 2.78 -43.88 17.05
CA GLY A 283 3.42 -45.09 16.60
C GLY A 283 3.71 -45.06 15.10
N ASP A 284 3.70 -46.25 14.49
CA ASP A 284 3.95 -46.41 13.07
C ASP A 284 2.67 -46.57 12.27
N GLN A 285 1.51 -46.30 12.87
CA GLN A 285 0.24 -46.48 12.18
C GLN A 285 0.11 -45.53 11.00
N TYR A 286 0.55 -44.28 11.17
CA TYR A 286 0.37 -43.26 10.15
C TYR A 286 1.46 -43.27 9.08
N ALA A 287 2.46 -44.14 9.19
CA ALA A 287 3.58 -44.11 8.26
C ALA A 287 3.14 -44.43 6.84
N ASP A 288 2.38 -45.52 6.66
CA ASP A 288 1.93 -45.90 5.33
C ASP A 288 0.96 -44.86 4.76
N LEU A 289 0.06 -44.34 5.60
CA LEU A 289 -0.87 -43.31 5.14
C LEU A 289 -0.14 -42.06 4.68
N PHE A 290 0.89 -41.63 5.43
CA PHE A 290 1.65 -40.46 5.03
C PHE A 290 2.49 -40.71 3.79
N LEU A 291 2.99 -41.94 3.62
CA LEU A 291 3.70 -42.29 2.38
C LEU A 291 2.76 -42.19 1.18
N ALA A 292 1.55 -42.72 1.31
CA ALA A 292 0.57 -42.62 0.23
C ALA A 292 0.17 -41.18 -0.02
N ALA A 293 0.04 -40.38 1.04
CA ALA A 293 -0.30 -38.97 0.88
C ALA A 293 0.81 -38.22 0.16
N LYS A 294 2.07 -38.51 0.48
CA LYS A 294 3.18 -37.90 -0.22
C LYS A 294 3.18 -38.29 -1.69
N ASN A 295 2.92 -39.57 -1.98
CA ASN A 295 2.85 -40.00 -3.37
C ASN A 295 1.74 -39.27 -4.12
N LEU A 296 0.57 -39.14 -3.51
CA LEU A 296 -0.53 -38.44 -4.17
C LEU A 296 -0.22 -36.95 -4.35
N SER A 297 0.43 -36.34 -3.35
CA SER A 297 0.80 -34.94 -3.47
C SER A 297 1.77 -34.71 -4.62
N ASP A 298 2.75 -35.62 -4.77
CA ASP A 298 3.64 -35.54 -5.93
C ASP A 298 2.88 -35.73 -7.23
N ALA A 299 1.96 -36.70 -7.26
CA ALA A 299 1.25 -37.03 -8.49
C ALA A 299 0.36 -35.88 -8.94
N ILE A 300 -0.29 -35.19 -8.01
CA ILE A 300 -1.20 -34.11 -8.38
C ILE A 300 -0.44 -33.00 -9.11
N LEU A 301 0.74 -32.64 -8.59
CA LEU A 301 1.55 -31.64 -9.27
C LEU A 301 2.08 -32.17 -10.60
N LEU A 302 2.60 -33.40 -10.62
CA LEU A 302 3.26 -33.92 -11.80
C LEU A 302 2.30 -34.10 -12.97
N SER A 303 1.05 -34.52 -12.69
CA SER A 303 0.09 -34.75 -13.77
C SER A 303 -0.20 -33.47 -14.54
N ASP A 304 -0.39 -32.36 -13.82
CA ASP A 304 -0.57 -31.08 -14.50
C ASP A 304 0.73 -30.60 -15.14
N ILE A 305 1.86 -30.84 -14.48
CA ILE A 305 3.14 -30.40 -15.04
C ILE A 305 3.50 -31.23 -16.27
N LEU A 306 3.36 -32.55 -16.18
CA LEU A 306 3.75 -33.44 -17.26
C LEU A 306 2.75 -34.59 -17.38
N ARG A 307 2.06 -34.65 -18.51
CA ARG A 307 1.10 -35.73 -18.75
C ARG A 307 1.76 -37.00 -19.27
N VAL A 308 3.00 -36.92 -19.75
CA VAL A 308 3.64 -38.08 -20.38
C VAL A 308 4.00 -39.10 -19.31
N ASN A 309 3.69 -40.36 -19.58
CA ASN A 309 4.09 -41.46 -18.69
C ASN A 309 5.61 -41.56 -18.60
N THR A 310 6.10 -41.85 -17.40
CA THR A 310 7.53 -41.88 -17.14
C THR A 310 8.16 -43.24 -17.40
N GLU A 311 7.37 -44.26 -17.74
CA GLU A 311 7.95 -45.56 -18.06
C GLU A 311 8.76 -45.52 -19.35
N ILE A 312 8.28 -44.77 -20.34
CA ILE A 312 8.93 -44.75 -21.65
C ILE A 312 10.30 -44.08 -21.56
N THR A 313 10.37 -42.92 -20.90
CA THR A 313 11.60 -42.15 -20.85
C THR A 313 11.84 -41.65 -19.43
N LYS A 314 13.11 -41.38 -19.13
CA LYS A 314 13.52 -40.92 -17.81
C LYS A 314 13.44 -39.40 -17.68
N ALA A 315 13.03 -38.68 -18.73
CA ALA A 315 12.90 -37.23 -18.72
C ALA A 315 11.45 -36.89 -19.07
N PRO A 316 10.58 -36.75 -18.07
CA PRO A 316 9.16 -36.51 -18.37
C PRO A 316 8.83 -35.09 -18.82
N LEU A 317 9.78 -34.16 -18.71
CA LEU A 317 9.54 -32.79 -19.18
C LEU A 317 9.95 -32.61 -20.63
N SER A 318 11.11 -33.15 -21.00
CA SER A 318 11.50 -33.14 -22.41
C SER A 318 10.52 -33.93 -23.25
N ALA A 319 10.01 -35.04 -22.71
CA ALA A 319 8.99 -35.82 -23.42
C ALA A 319 7.71 -35.01 -23.59
N SER A 320 7.31 -34.27 -22.56
CA SER A 320 6.11 -33.43 -22.69
C SER A 320 6.30 -32.35 -23.73
N MET A 321 7.48 -31.72 -23.76
CA MET A 321 7.74 -30.69 -24.76
C MET A 321 7.81 -31.28 -26.16
N ILE A 322 8.36 -32.48 -26.32
CA ILE A 322 8.37 -33.13 -27.63
C ILE A 322 6.95 -33.49 -28.07
N LYS A 323 6.11 -33.91 -27.13
CA LYS A 323 4.71 -34.15 -27.44
C LYS A 323 4.02 -32.87 -27.88
N ARG A 324 4.31 -31.75 -27.20
CA ARG A 324 3.79 -30.46 -27.62
C ARG A 324 4.22 -30.12 -29.04
N TYR A 325 5.51 -30.34 -29.34
CA TYR A 325 6.01 -30.04 -30.68
C TYR A 325 5.34 -30.91 -31.74
N ASP A 326 5.18 -32.19 -31.46
CA ASP A 326 4.54 -33.09 -32.42
C ASP A 326 3.08 -32.71 -32.65
N GLU A 327 2.35 -32.40 -31.58
CA GLU A 327 0.97 -31.97 -31.73
C GLU A 327 0.88 -30.67 -32.49
N HIS A 328 1.80 -29.73 -32.22
CA HIS A 328 1.82 -28.47 -32.95
C HIS A 328 2.05 -28.70 -34.43
N HIS A 329 3.01 -29.56 -34.77
CA HIS A 329 3.29 -29.83 -36.19
C HIS A 329 2.09 -30.47 -36.88
N GLN A 330 1.49 -31.48 -36.23
CA GLN A 330 0.35 -32.16 -36.85
C GLN A 330 -0.84 -31.22 -37.02
N ASP A 331 -1.14 -30.43 -35.98
CA ASP A 331 -2.26 -29.50 -36.07
C ASP A 331 -1.99 -28.38 -37.07
N LEU A 332 -0.74 -27.93 -37.18
CA LEU A 332 -0.41 -26.92 -38.17
C LEU A 332 -0.60 -27.45 -39.59
N THR A 333 -0.15 -28.68 -39.84
CA THR A 333 -0.34 -29.27 -41.17
C THR A 333 -1.84 -29.44 -41.47
N LEU A 334 -2.59 -29.95 -40.50
CA LEU A 334 -4.02 -30.14 -40.71
C LEU A 334 -4.73 -28.81 -40.94
N LEU A 335 -4.38 -27.78 -40.18
CA LEU A 335 -4.98 -26.47 -40.34
C LEU A 335 -4.64 -25.87 -41.70
N LYS A 336 -3.38 -26.00 -42.14
CA LYS A 336 -3.00 -25.51 -43.45
C LYS A 336 -3.82 -26.19 -44.54
N ALA A 337 -3.94 -27.51 -44.47
CA ALA A 337 -4.68 -28.25 -45.48
C ALA A 337 -6.16 -27.83 -45.49
N LEU A 338 -6.77 -27.77 -44.31
CA LEU A 338 -8.19 -27.46 -44.24
C LEU A 338 -8.48 -26.03 -44.67
N VAL A 339 -7.62 -25.08 -44.31
CA VAL A 339 -7.83 -23.70 -44.72
C VAL A 339 -7.63 -23.53 -46.21
N ARG A 340 -6.59 -24.16 -46.77
CA ARG A 340 -6.38 -24.08 -48.21
C ARG A 340 -7.52 -24.76 -48.97
N GLN A 341 -8.15 -25.76 -48.38
CA GLN A 341 -9.27 -26.44 -49.03
C GLN A 341 -10.55 -25.61 -48.97
N GLN A 342 -10.94 -25.19 -47.77
CA GLN A 342 -12.26 -24.59 -47.57
C GLN A 342 -12.26 -23.07 -47.76
N LEU A 343 -11.30 -22.37 -47.15
CA LEU A 343 -11.26 -20.90 -47.17
C LEU A 343 -9.90 -20.43 -47.65
N PRO A 344 -9.61 -20.59 -48.95
CA PRO A 344 -8.30 -20.16 -49.46
C PRO A 344 -8.04 -18.67 -49.31
N GLU A 345 -9.08 -17.84 -49.39
CA GLU A 345 -8.88 -16.39 -49.36
C GLU A 345 -8.25 -15.94 -48.04
N LYS A 346 -8.70 -16.51 -46.92
CA LYS A 346 -8.18 -16.11 -45.62
C LYS A 346 -6.85 -16.77 -45.30
N TYR A 347 -6.41 -17.75 -46.10
CA TYR A 347 -5.13 -18.41 -45.87
C TYR A 347 -3.98 -17.42 -46.01
N LYS A 348 -4.03 -16.55 -47.02
CA LYS A 348 -2.96 -15.59 -47.24
C LYS A 348 -2.77 -14.69 -46.01
N GLU A 349 -3.88 -14.25 -45.41
CA GLU A 349 -3.77 -13.45 -44.19
C GLU A 349 -3.27 -14.29 -43.02
N ILE A 350 -3.84 -15.48 -42.82
CA ILE A 350 -3.59 -16.22 -41.59
C ILE A 350 -2.11 -16.56 -41.42
N PHE A 351 -1.45 -17.01 -42.49
CA PHE A 351 -0.09 -17.51 -42.40
C PHE A 351 0.95 -16.53 -42.90
N PHE A 352 0.56 -15.30 -43.26
CA PHE A 352 1.53 -14.31 -43.73
C PHE A 352 1.35 -12.92 -43.12
N ASP A 353 0.19 -12.57 -42.60
CA ASP A 353 -0.06 -11.23 -42.07
C ASP A 353 0.37 -11.20 -40.61
N GLN A 354 1.55 -10.64 -40.34
CA GLN A 354 2.05 -10.52 -38.98
C GLN A 354 1.25 -9.50 -38.17
N SER A 355 0.61 -8.53 -38.83
CA SER A 355 -0.17 -7.52 -38.12
C SER A 355 -1.45 -8.11 -37.54
N LYS A 356 -1.98 -9.17 -38.14
CA LYS A 356 -3.17 -9.83 -37.63
C LYS A 356 -2.78 -10.91 -36.63
N ASN A 357 -3.71 -11.23 -35.72
CA ASN A 357 -3.43 -12.23 -34.69
C ASN A 357 -3.66 -13.63 -35.22
N GLY A 358 -3.08 -13.95 -36.36
CA GLY A 358 -3.12 -15.29 -36.92
C GLY A 358 -1.93 -16.11 -36.47
N TYR A 359 -1.69 -17.21 -37.19
CA TYR A 359 -0.53 -18.04 -36.88
C TYR A 359 0.76 -17.29 -37.14
N ALA A 360 0.80 -16.51 -38.23
CA ALA A 360 1.98 -15.68 -38.51
C ALA A 360 2.20 -14.65 -37.40
N GLY A 361 1.11 -14.03 -36.93
CA GLY A 361 1.21 -13.11 -35.81
C GLY A 361 1.41 -13.80 -34.48
N TYR A 362 1.02 -15.07 -34.37
CA TYR A 362 1.24 -15.81 -33.13
C TYR A 362 2.71 -16.22 -33.01
N ILE A 363 3.35 -16.55 -34.13
CA ILE A 363 4.73 -17.02 -34.12
C ILE A 363 5.68 -15.83 -34.32
N ASP A 364 5.55 -15.16 -35.47
CA ASP A 364 6.47 -14.08 -35.81
C ASP A 364 6.03 -12.72 -35.29
N GLY A 365 4.73 -12.51 -35.11
CA GLY A 365 4.22 -11.25 -34.63
C GLY A 365 4.18 -11.19 -33.11
N GLY A 366 3.60 -10.10 -32.61
CA GLY A 366 3.45 -9.87 -31.19
C GLY A 366 2.25 -10.50 -30.54
N ALA A 367 1.39 -11.16 -31.32
CA ALA A 367 0.20 -11.79 -30.74
C ALA A 367 0.58 -12.95 -29.84
N SER A 368 -0.14 -13.09 -28.73
CA SER A 368 0.10 -14.14 -27.76
C SER A 368 -0.84 -15.32 -28.01
N GLN A 369 -0.73 -16.33 -27.14
CA GLN A 369 -1.58 -17.52 -27.27
C GLN A 369 -3.06 -17.16 -27.09
N GLU A 370 -3.36 -16.33 -26.10
CA GLU A 370 -4.75 -15.93 -25.86
C GLU A 370 -5.32 -15.18 -27.06
N GLU A 371 -4.57 -14.22 -27.59
CA GLU A 371 -5.03 -13.46 -28.74
C GLU A 371 -5.18 -14.35 -29.97
N PHE A 372 -4.22 -15.26 -30.17
CA PHE A 372 -4.31 -16.18 -31.31
C PHE A 372 -5.55 -17.05 -31.22
N TYR A 373 -5.82 -17.60 -30.03
CA TYR A 373 -7.03 -18.42 -29.86
C TYR A 373 -8.28 -17.61 -30.08
N LYS A 374 -8.32 -16.39 -29.53
CA LYS A 374 -9.51 -15.55 -29.67
C LYS A 374 -9.75 -15.19 -31.14
N PHE A 375 -8.67 -15.00 -31.91
CA PHE A 375 -8.83 -14.69 -33.33
C PHE A 375 -9.26 -15.91 -34.13
N ILE A 376 -8.67 -17.08 -33.85
CA ILE A 376 -8.84 -18.23 -34.73
C ILE A 376 -10.00 -19.14 -34.33
N LYS A 377 -10.60 -18.94 -33.15
CA LYS A 377 -11.75 -19.75 -32.77
C LYS A 377 -12.93 -19.58 -33.71
N PRO A 378 -13.38 -18.36 -34.06
CA PRO A 378 -14.47 -18.26 -35.04
C PRO A 378 -14.14 -18.85 -36.39
N ILE A 379 -12.88 -18.74 -36.83
CA ILE A 379 -12.49 -19.32 -38.11
C ILE A 379 -12.59 -20.84 -38.05
N LEU A 380 -12.14 -21.45 -36.95
CA LEU A 380 -12.25 -22.90 -36.80
C LEU A 380 -13.71 -23.33 -36.73
N GLU A 381 -14.55 -22.57 -36.02
CA GLU A 381 -15.96 -22.93 -35.92
C GLU A 381 -16.66 -22.81 -37.27
N LYS A 382 -16.27 -21.81 -38.07
CA LYS A 382 -16.89 -21.62 -39.38
C LYS A 382 -16.59 -22.80 -40.31
N MET A 383 -15.37 -23.32 -40.24
CA MET A 383 -14.95 -24.38 -41.14
C MET A 383 -15.50 -25.73 -40.68
N ASP A 384 -15.16 -26.78 -41.42
CA ASP A 384 -15.60 -28.14 -41.12
C ASP A 384 -14.39 -29.05 -40.99
N GLY A 385 -14.53 -30.06 -40.14
CA GLY A 385 -13.43 -30.97 -39.87
C GLY A 385 -12.45 -30.47 -38.83
N THR A 386 -12.74 -29.35 -38.18
CA THR A 386 -11.88 -28.79 -37.14
C THR A 386 -12.42 -29.05 -35.73
N GLU A 387 -13.25 -30.08 -35.56
CA GLU A 387 -13.84 -30.36 -34.26
C GLU A 387 -12.76 -30.70 -33.24
N GLU A 388 -11.80 -31.56 -33.62
CA GLU A 388 -10.71 -31.90 -32.71
C GLU A 388 -9.84 -30.69 -32.42
N LEU A 389 -9.57 -29.86 -33.43
CA LEU A 389 -8.80 -28.64 -33.21
C LEU A 389 -9.53 -27.70 -32.26
N LEU A 390 -10.85 -27.56 -32.42
CA LEU A 390 -11.61 -26.70 -31.52
C LEU A 390 -11.61 -27.27 -30.10
N VAL A 391 -11.70 -28.59 -29.96
CA VAL A 391 -11.63 -29.21 -28.64
C VAL A 391 -10.29 -28.93 -27.98
N LYS A 392 -9.20 -29.06 -28.75
CA LYS A 392 -7.88 -28.73 -28.21
C LYS A 392 -7.80 -27.26 -27.82
N LEU A 393 -8.39 -26.38 -28.64
CA LEU A 393 -8.37 -24.95 -28.33
C LEU A 393 -9.15 -24.65 -27.05
N ASN A 394 -10.23 -25.39 -26.79
CA ASN A 394 -10.98 -25.18 -25.55
C ASN A 394 -10.14 -25.47 -24.32
N ARG A 395 -9.23 -26.44 -24.41
CA ARG A 395 -8.33 -26.77 -23.30
C ARG A 395 -7.04 -25.97 -23.35
N GLU A 396 -6.95 -24.96 -24.22
CA GLU A 396 -5.75 -24.14 -24.38
C GLU A 396 -4.53 -25.00 -24.71
N ASP A 397 -4.71 -25.98 -25.58
CA ASP A 397 -3.66 -26.91 -25.96
C ASP A 397 -3.64 -27.10 -27.48
N LEU A 398 -3.71 -25.99 -28.21
CA LEU A 398 -3.67 -26.01 -29.67
C LEU A 398 -2.48 -25.17 -30.14
N LEU A 399 -1.61 -25.77 -30.95
CA LEU A 399 -0.44 -25.09 -31.49
C LEU A 399 0.40 -24.45 -30.38
N ARG A 400 0.60 -25.21 -29.30
CA ARG A 400 1.32 -24.69 -28.14
C ARG A 400 2.81 -24.61 -28.42
N LYS A 401 3.48 -23.70 -27.72
CA LYS A 401 4.92 -23.57 -27.76
C LYS A 401 5.56 -24.28 -26.57
N GLN A 402 6.85 -24.52 -26.65
CA GLN A 402 7.56 -25.16 -25.55
C GLN A 402 7.89 -24.13 -24.47
N ARG A 403 8.14 -22.89 -24.87
CA ARG A 403 8.43 -21.80 -23.93
C ARG A 403 7.20 -20.90 -23.86
N THR A 404 6.32 -21.18 -22.91
CA THR A 404 5.07 -20.44 -22.74
C THR A 404 5.05 -19.78 -21.37
N PHE A 405 3.94 -19.07 -21.10
CA PHE A 405 3.79 -18.31 -19.87
C PHE A 405 3.50 -19.19 -18.66
N ASP A 406 3.05 -20.42 -18.87
CA ASP A 406 2.64 -21.30 -17.78
C ASP A 406 3.73 -22.26 -17.36
N ASN A 407 4.95 -22.07 -17.83
CA ASN A 407 6.08 -22.92 -17.43
C ASN A 407 6.63 -22.56 -16.05
N GLY A 408 5.96 -21.67 -15.32
CA GLY A 408 6.38 -21.32 -13.98
C GLY A 408 5.95 -22.30 -12.90
N SER A 409 5.12 -23.27 -13.25
CA SER A 409 4.70 -24.31 -12.32
C SER A 409 5.68 -25.48 -12.27
N ILE A 410 6.70 -25.48 -13.12
CA ILE A 410 7.70 -26.55 -13.16
C ILE A 410 8.68 -26.35 -12.01
N PRO A 411 8.80 -27.31 -11.10
CA PRO A 411 9.77 -27.18 -10.01
C PRO A 411 11.18 -27.49 -10.48
N HIS A 412 12.15 -27.02 -9.70
CA HIS A 412 13.54 -27.24 -10.05
C HIS A 412 13.96 -28.70 -9.90
N GLN A 413 13.14 -29.51 -9.23
CA GLN A 413 13.48 -30.92 -9.07
C GLN A 413 13.46 -31.67 -10.40
N ILE A 414 12.55 -31.31 -11.31
CA ILE A 414 12.49 -31.98 -12.60
C ILE A 414 13.75 -31.70 -13.41
N HIS A 415 14.15 -30.42 -13.48
CA HIS A 415 15.39 -30.07 -14.19
C HIS A 415 16.60 -30.70 -13.52
N LEU A 416 16.62 -30.74 -12.19
CA LEU A 416 17.73 -31.38 -11.48
C LEU A 416 17.80 -32.87 -11.81
N GLY A 417 16.64 -33.54 -11.86
CA GLY A 417 16.65 -34.95 -12.21
C GLY A 417 17.11 -35.20 -13.64
N GLU A 418 16.67 -34.36 -14.58
CA GLU A 418 17.13 -34.52 -15.96
C GLU A 418 18.64 -34.28 -16.07
N LEU A 419 19.15 -33.26 -15.37
CA LEU A 419 20.58 -33.00 -15.38
C LEU A 419 21.35 -34.15 -14.75
N HIS A 420 20.84 -34.71 -13.66
CA HIS A 420 21.48 -35.85 -13.02
C HIS A 420 21.50 -37.05 -13.96
N ALA A 421 20.40 -37.28 -14.68
CA ALA A 421 20.36 -38.38 -15.64
C ALA A 421 21.38 -38.17 -16.76
N ILE A 422 21.49 -36.94 -17.26
CA ILE A 422 22.47 -36.64 -18.31
C ILE A 422 23.88 -36.90 -17.80
N LEU A 423 24.18 -36.44 -16.58
CA LEU A 423 25.52 -36.63 -16.03
C LEU A 423 25.81 -38.10 -15.78
N ARG A 424 24.83 -38.87 -15.31
CA ARG A 424 25.01 -40.30 -15.15
C ARG A 424 25.30 -40.98 -16.48
N ARG A 425 24.56 -40.59 -17.53
CA ARG A 425 24.78 -41.20 -18.84
C ARG A 425 26.16 -40.86 -19.40
N GLN A 426 26.59 -39.61 -19.25
CA GLN A 426 27.78 -39.11 -19.92
C GLN A 426 29.03 -39.11 -19.04
N GLU A 427 28.94 -39.58 -17.80
CA GLU A 427 30.12 -39.59 -16.93
C GLU A 427 31.14 -40.62 -17.39
N ASP A 428 30.69 -41.71 -18.02
CA ASP A 428 31.61 -42.77 -18.42
C ASP A 428 32.53 -42.33 -19.55
N PHE A 429 32.09 -41.39 -20.37
CA PHE A 429 32.89 -40.94 -21.51
C PHE A 429 33.77 -39.74 -21.15
N TYR A 430 33.27 -38.83 -20.33
CA TYR A 430 34.02 -37.66 -19.91
C TYR A 430 34.29 -37.73 -18.41
N PRO A 431 35.51 -38.06 -17.98
CA PRO A 431 35.78 -38.15 -16.54
C PRO A 431 35.55 -36.86 -15.78
N PHE A 432 35.80 -35.70 -16.41
CA PHE A 432 35.59 -34.44 -15.72
C PHE A 432 34.12 -34.22 -15.39
N LEU A 433 33.21 -34.73 -16.22
CA LEU A 433 31.80 -34.69 -15.89
C LEU A 433 31.51 -35.52 -14.63
N LYS A 434 32.13 -36.69 -14.53
CA LYS A 434 31.95 -37.51 -13.33
C LYS A 434 32.49 -36.80 -12.09
N ASP A 435 33.62 -36.10 -12.23
CA ASP A 435 34.20 -35.41 -11.09
C ASP A 435 33.36 -34.19 -10.68
N ASN A 436 32.82 -33.46 -11.65
CA ASN A 436 32.13 -32.20 -11.40
C ASN A 436 30.61 -32.33 -11.43
N ARG A 437 30.08 -33.55 -11.40
CA ARG A 437 28.64 -33.72 -11.28
C ARG A 437 28.09 -33.03 -10.04
N GLU A 438 28.77 -33.18 -8.90
CA GLU A 438 28.32 -32.52 -7.68
C GLU A 438 28.36 -31.01 -7.84
N LYS A 439 29.42 -30.48 -8.45
CA LYS A 439 29.52 -29.03 -8.64
C LYS A 439 28.41 -28.51 -9.54
N ILE A 440 28.11 -29.23 -10.63
CA ILE A 440 27.06 -28.79 -11.54
C ILE A 440 25.70 -28.85 -10.85
N GLU A 441 25.44 -29.92 -10.09
CA GLU A 441 24.19 -30.01 -9.36
C GLU A 441 24.06 -28.88 -8.34
N LYS A 442 25.16 -28.54 -7.67
CA LYS A 442 25.14 -27.43 -6.72
C LYS A 442 24.88 -26.11 -7.43
N ILE A 443 25.49 -25.92 -8.61
CA ILE A 443 25.25 -24.70 -9.38
C ILE A 443 23.78 -24.58 -9.73
N LEU A 444 23.16 -25.68 -10.18
CA LEU A 444 21.75 -25.65 -10.53
C LEU A 444 20.88 -25.40 -9.31
N THR A 445 21.17 -26.07 -8.19
CA THR A 445 20.28 -26.07 -7.04
C THR A 445 20.59 -24.99 -6.01
N PHE A 446 21.69 -24.25 -6.15
CA PHE A 446 22.04 -23.27 -5.15
C PHE A 446 21.10 -22.07 -5.23
N ARG A 447 20.62 -21.63 -4.07
CA ARG A 447 19.77 -20.44 -3.97
C ARG A 447 20.15 -19.70 -2.70
N ILE A 448 20.48 -18.42 -2.83
CA ILE A 448 20.89 -17.63 -1.68
C ILE A 448 19.74 -17.54 -0.69
N PRO A 449 19.95 -17.87 0.59
CA PRO A 449 18.85 -17.77 1.57
C PRO A 449 18.36 -16.33 1.69
N TYR A 450 17.06 -16.19 1.95
CA TYR A 450 16.46 -14.87 2.08
C TYR A 450 17.06 -14.10 3.26
N TYR A 451 17.46 -14.80 4.32
CA TYR A 451 18.00 -14.15 5.50
C TYR A 451 19.47 -13.78 5.36
N VAL A 452 20.13 -14.22 4.28
CA VAL A 452 21.52 -13.86 4.04
C VAL A 452 21.63 -12.53 3.31
N GLY A 453 20.80 -12.33 2.27
CA GLY A 453 20.81 -11.10 1.53
C GLY A 453 21.94 -11.02 0.53
N PRO A 454 22.18 -9.82 0.00
CA PRO A 454 23.26 -9.65 -0.99
C PRO A 454 24.61 -9.99 -0.39
N LEU A 455 25.47 -10.61 -1.21
CA LEU A 455 26.80 -11.01 -0.78
C LEU A 455 27.81 -9.89 -1.03
N ALA A 456 27.55 -8.76 -0.39
CA ALA A 456 28.41 -7.59 -0.53
C ALA A 456 29.62 -7.71 0.40
N ARG A 457 30.50 -6.72 0.33
CA ARG A 457 31.72 -6.67 1.13
C ARG A 457 31.87 -5.28 1.77
N GLY A 458 30.81 -4.82 2.42
CA GLY A 458 30.80 -3.53 3.08
C GLY A 458 30.84 -2.33 2.14
N ASN A 459 30.14 -2.42 1.01
CA ASN A 459 30.01 -1.29 0.09
C ASN A 459 28.59 -1.20 -0.46
N SER A 460 27.61 -1.68 0.28
CA SER A 460 26.21 -1.63 -0.13
C SER A 460 25.35 -1.20 1.05
N ARG A 461 24.24 -0.56 0.76
CA ARG A 461 23.32 -0.08 1.77
C ARG A 461 22.12 -1.01 1.98
N PHE A 462 22.13 -2.18 1.33
CA PHE A 462 21.07 -3.16 1.51
C PHE A 462 21.55 -4.45 2.17
N ALA A 463 22.86 -4.67 2.24
CA ALA A 463 23.40 -5.94 2.71
C ALA A 463 23.60 -5.94 4.22
N TRP A 464 23.50 -7.13 4.80
CA TRP A 464 23.76 -7.36 6.22
C TRP A 464 24.57 -8.62 6.46
N MET A 465 24.98 -9.33 5.41
CA MET A 465 25.65 -10.61 5.56
C MET A 465 27.02 -10.45 6.21
N THR A 466 27.35 -11.40 7.09
CA THR A 466 28.65 -11.44 7.74
C THR A 466 29.41 -12.67 7.27
N ARG A 467 30.71 -12.50 7.01
CA ARG A 467 31.54 -13.54 6.42
C ARG A 467 32.48 -14.10 7.48
N LYS A 468 32.55 -15.43 7.57
CA LYS A 468 33.54 -16.06 8.44
C LYS A 468 34.95 -15.76 7.95
N SER A 469 35.17 -15.81 6.64
CA SER A 469 36.44 -15.47 6.04
C SER A 469 36.19 -14.64 4.79
N GLU A 470 37.18 -13.84 4.41
CA GLU A 470 37.08 -12.93 3.27
C GLU A 470 37.64 -13.63 2.04
N GLU A 471 36.74 -14.14 1.20
CA GLU A 471 37.11 -14.78 -0.06
C GLU A 471 35.91 -14.75 -0.99
N THR A 472 36.18 -14.99 -2.27
CA THR A 472 35.13 -14.96 -3.29
C THR A 472 34.10 -16.04 -3.00
N ILE A 473 32.86 -15.62 -2.77
CA ILE A 473 31.79 -16.54 -2.40
C ILE A 473 31.30 -17.27 -3.65
N THR A 474 31.24 -18.59 -3.55
CA THR A 474 30.76 -19.49 -4.60
C THR A 474 29.80 -20.48 -3.99
N PRO A 475 28.92 -21.10 -4.79
CA PRO A 475 27.96 -22.05 -4.22
C PRO A 475 28.63 -23.22 -3.51
N TRP A 476 29.84 -23.59 -3.92
CA TRP A 476 30.49 -24.77 -3.37
C TRP A 476 31.03 -24.52 -1.95
N ASN A 477 31.32 -23.27 -1.59
CA ASN A 477 31.87 -22.93 -0.29
C ASN A 477 31.02 -21.89 0.44
N PHE A 478 29.75 -21.75 0.06
CA PHE A 478 28.91 -20.71 0.64
C PHE A 478 28.76 -20.89 2.14
N GLU A 479 28.35 -22.09 2.56
CA GLU A 479 28.25 -22.38 3.99
C GLU A 479 29.60 -22.28 4.68
N GLU A 480 30.70 -22.41 3.93
CA GLU A 480 32.03 -22.29 4.50
C GLU A 480 32.48 -20.85 4.65
N VAL A 481 31.74 -19.88 4.09
CA VAL A 481 32.11 -18.48 4.14
C VAL A 481 31.07 -17.64 4.87
N VAL A 482 29.81 -17.75 4.46
CA VAL A 482 28.75 -16.91 5.03
C VAL A 482 28.37 -17.44 6.40
N ASP A 483 28.36 -16.54 7.39
CA ASP A 483 27.91 -16.87 8.75
C ASP A 483 26.38 -16.86 8.74
N LYS A 484 25.78 -18.04 8.55
CA LYS A 484 24.33 -18.11 8.36
C LYS A 484 23.58 -17.65 9.61
N GLY A 485 24.03 -18.08 10.79
CA GLY A 485 23.35 -17.68 12.00
C GLY A 485 23.41 -16.18 12.24
N ALA A 486 24.61 -15.60 12.11
CA ALA A 486 24.75 -14.16 12.26
C ALA A 486 24.01 -13.41 11.16
N SER A 487 24.01 -13.96 9.94
CA SER A 487 23.27 -13.32 8.85
C SER A 487 21.78 -13.27 9.17
N ALA A 488 21.21 -14.37 9.67
CA ALA A 488 19.79 -14.38 10.02
C ALA A 488 19.52 -13.46 11.22
N GLN A 489 20.43 -13.43 12.20
CA GLN A 489 20.25 -12.54 13.34
C GLN A 489 20.21 -11.09 12.89
N SER A 490 21.12 -10.69 12.01
CA SER A 490 21.09 -9.32 11.48
C SER A 490 19.88 -9.09 10.60
N PHE A 491 19.44 -10.12 9.87
CA PHE A 491 18.26 -9.99 9.03
C PHE A 491 17.01 -9.70 9.87
N ILE A 492 16.86 -10.39 11.00
CA ILE A 492 15.71 -10.15 11.87
C ILE A 492 15.86 -8.83 12.61
N GLU A 493 17.05 -8.55 13.14
CA GLU A 493 17.24 -7.42 14.03
C GLU A 493 17.51 -6.10 13.32
N ARG A 494 17.77 -6.10 12.01
CA ARG A 494 17.99 -4.84 11.31
C ARG A 494 16.69 -4.07 11.09
N MET A 495 15.54 -4.70 11.32
CA MET A 495 14.25 -4.07 11.08
C MET A 495 13.36 -4.03 12.31
N THR A 496 13.78 -4.62 13.43
CA THR A 496 13.01 -4.52 14.67
C THR A 496 13.22 -3.16 15.32
N ASN A 497 12.19 -2.71 16.04
CA ASN A 497 12.24 -1.42 16.71
C ASN A 497 13.16 -1.46 17.93
N PHE A 498 13.90 -0.37 18.12
CA PHE A 498 14.68 -0.19 19.33
C PHE A 498 13.79 0.23 20.48
N ASP A 499 14.35 0.18 21.69
CA ASP A 499 13.59 0.53 22.89
C ASP A 499 13.21 2.01 22.85
N LYS A 500 12.01 2.31 23.34
CA LYS A 500 11.48 3.67 23.27
C LYS A 500 12.34 4.64 24.09
N ASN A 501 12.73 4.23 25.29
CA ASN A 501 13.54 5.10 26.14
C ASN A 501 14.98 5.16 25.64
N LEU A 502 15.61 4.00 25.44
CA LEU A 502 16.99 3.95 25.01
C LEU A 502 17.07 3.55 23.55
N PRO A 503 17.50 4.44 22.65
CA PRO A 503 17.52 4.12 21.22
C PRO A 503 18.75 3.34 20.76
N ASN A 504 19.69 3.07 21.65
CA ASN A 504 20.94 2.39 21.28
C ASN A 504 20.96 0.93 21.70
N GLU A 505 19.82 0.38 22.15
CA GLU A 505 19.77 -1.00 22.61
C GLU A 505 18.65 -1.74 21.89
N LYS A 506 18.94 -2.98 21.49
CA LYS A 506 17.94 -3.81 20.82
C LYS A 506 16.85 -4.22 21.81
N VAL A 507 15.61 -4.27 21.31
CA VAL A 507 14.49 -4.65 22.16
C VAL A 507 14.55 -6.15 22.44
N LEU A 508 13.97 -6.55 23.57
CA LEU A 508 13.95 -7.95 23.97
C LEU A 508 12.86 -8.71 23.22
N PRO A 509 13.01 -10.04 23.12
CA PRO A 509 11.93 -10.85 22.56
C PRO A 509 10.66 -10.76 23.39
N LYS A 510 9.52 -10.92 22.72
CA LYS A 510 8.23 -10.76 23.40
C LYS A 510 8.05 -11.82 24.47
N HIS A 511 8.42 -13.06 24.19
CA HIS A 511 8.25 -14.17 25.13
C HIS A 511 9.49 -14.42 25.98
N SER A 512 10.38 -13.44 26.10
CA SER A 512 11.54 -13.58 26.96
C SER A 512 11.12 -13.70 28.42
N LEU A 513 11.85 -14.51 29.18
CA LEU A 513 11.53 -14.69 30.60
C LEU A 513 11.67 -13.39 31.37
N LEU A 514 12.67 -12.57 31.01
CA LEU A 514 12.82 -11.28 31.66
C LEU A 514 11.60 -10.41 31.46
N TYR A 515 11.07 -10.38 30.23
CA TYR A 515 9.89 -9.56 29.95
C TYR A 515 8.68 -10.02 30.76
N GLU A 516 8.45 -11.33 30.81
CA GLU A 516 7.32 -11.85 31.57
C GLU A 516 7.47 -11.60 33.06
N TYR A 517 8.67 -11.80 33.60
CA TYR A 517 8.90 -11.50 35.01
C TYR A 517 8.69 -10.03 35.31
N PHE A 518 9.16 -9.14 34.42
CA PHE A 518 8.96 -7.72 34.61
C PHE A 518 7.48 -7.38 34.60
N THR A 519 6.72 -7.93 33.66
CA THR A 519 5.29 -7.65 33.60
C THR A 519 4.58 -8.15 34.85
N VAL A 520 4.92 -9.36 35.31
CA VAL A 520 4.28 -9.91 36.50
C VAL A 520 4.58 -9.05 37.72
N TYR A 521 5.85 -8.66 37.89
CA TYR A 521 6.20 -7.83 39.04
C TYR A 521 5.55 -6.46 38.96
N ASN A 522 5.48 -5.87 37.77
CA ASN A 522 4.84 -4.57 37.62
C ASN A 522 3.36 -4.64 37.94
N GLU A 523 2.69 -5.72 37.52
CA GLU A 523 1.27 -5.86 37.83
C GLU A 523 1.05 -6.11 39.31
N LEU A 524 1.90 -6.92 39.94
CA LEU A 524 1.77 -7.18 41.37
C LEU A 524 2.19 -5.99 42.23
N THR A 525 2.89 -5.03 41.65
CA THR A 525 3.33 -3.86 42.40
C THR A 525 2.15 -3.05 42.93
N LYS A 526 1.11 -2.91 42.12
CA LYS A 526 -0.02 -2.05 42.45
C LYS A 526 -1.22 -2.81 43.01
N VAL A 527 -1.05 -4.08 43.35
CA VAL A 527 -2.14 -4.87 43.90
C VAL A 527 -2.30 -4.58 45.39
N LYS A 528 -3.52 -4.29 45.82
CA LYS A 528 -3.82 -4.03 47.21
C LYS A 528 -4.78 -5.08 47.74
N TYR A 529 -4.61 -5.44 49.01
CA TYR A 529 -5.45 -6.42 49.68
C TYR A 529 -5.94 -5.86 51.01
N VAL A 530 -7.20 -6.14 51.33
CA VAL A 530 -7.83 -5.67 52.55
C VAL A 530 -8.44 -6.87 53.27
N THR A 531 -8.24 -6.93 54.59
CA THR A 531 -8.85 -7.97 55.42
C THR A 531 -9.81 -7.32 56.42
N GLU A 532 -10.71 -8.13 56.94
CA GLU A 532 -11.71 -7.61 57.88
C GLU A 532 -11.07 -7.09 59.15
N GLY A 533 -10.04 -7.79 59.65
CA GLY A 533 -9.38 -7.36 60.86
C GLY A 533 -8.64 -6.04 60.70
N MET A 534 -7.94 -5.87 59.58
CA MET A 534 -7.13 -4.68 59.36
C MET A 534 -8.02 -3.49 59.00
N ARG A 535 -7.44 -2.29 59.13
CA ARG A 535 -8.14 -1.04 58.90
C ARG A 535 -7.86 -0.43 57.54
N LYS A 536 -6.61 -0.47 57.08
CA LYS A 536 -6.22 0.22 55.86
C LYS A 536 -5.63 -0.76 54.85
N PRO A 537 -5.93 -0.61 53.57
CA PRO A 537 -5.31 -1.47 52.55
C PRO A 537 -3.79 -1.30 52.53
N ALA A 538 -3.11 -2.40 52.25
CA ALA A 538 -1.66 -2.41 52.23
C ALA A 538 -1.16 -3.15 50.98
N PHE A 539 0.05 -2.82 50.58
CA PHE A 539 0.68 -3.46 49.43
C PHE A 539 1.26 -4.82 49.81
N LEU A 540 1.62 -5.59 48.79
CA LEU A 540 2.23 -6.89 48.98
C LEU A 540 3.74 -6.75 49.11
N SER A 541 4.32 -7.49 50.06
CA SER A 541 5.75 -7.46 50.28
C SER A 541 6.47 -8.36 49.27
N GLY A 542 7.80 -8.31 49.30
CA GLY A 542 8.58 -9.12 48.38
C GLY A 542 8.39 -10.61 48.61
N GLU A 543 8.38 -11.03 49.87
CA GLU A 543 8.17 -12.44 50.20
C GLU A 543 6.78 -12.88 49.75
N GLN A 544 5.76 -12.05 49.97
CA GLN A 544 4.42 -12.39 49.56
C GLN A 544 4.33 -12.54 48.04
N LYS A 545 4.93 -11.62 47.29
CA LYS A 545 4.91 -11.71 45.84
C LYS A 545 5.66 -12.94 45.35
N LYS A 546 6.80 -13.25 45.99
CA LYS A 546 7.54 -14.45 45.61
C LYS A 546 6.72 -15.70 45.85
N ALA A 547 6.03 -15.78 46.99
CA ALA A 547 5.19 -16.93 47.29
C ALA A 547 4.04 -17.03 46.29
N ILE A 548 3.43 -15.90 45.94
CA ILE A 548 2.34 -15.90 44.97
C ILE A 548 2.83 -16.40 43.62
N VAL A 549 3.99 -15.94 43.18
CA VAL A 549 4.54 -16.37 41.90
C VAL A 549 4.84 -17.87 41.94
N ASP A 550 5.45 -18.34 43.03
CA ASP A 550 5.79 -19.76 43.12
C ASP A 550 4.55 -20.64 43.15
N LEU A 551 3.50 -20.22 43.84
CA LEU A 551 2.33 -21.07 44.05
C LEU A 551 1.23 -20.85 43.03
N LEU A 552 1.17 -19.69 42.38
CA LEU A 552 0.11 -19.40 41.41
C LEU A 552 0.64 -19.22 40.00
N PHE A 553 1.59 -18.31 39.79
CA PHE A 553 2.07 -18.04 38.44
C PHE A 553 2.90 -19.20 37.89
N LYS A 554 3.55 -19.95 38.77
CA LYS A 554 4.37 -21.08 38.33
C LYS A 554 3.61 -22.39 38.29
N THR A 555 2.66 -22.60 39.21
CA THR A 555 1.91 -23.85 39.21
C THR A 555 0.88 -23.89 38.09
N ASN A 556 0.16 -22.79 37.87
CA ASN A 556 -0.88 -22.72 36.86
C ASN A 556 -0.59 -21.56 35.91
N ARG A 557 -0.87 -21.77 34.62
CA ARG A 557 -0.56 -20.76 33.61
C ARG A 557 -1.38 -19.49 33.83
N LYS A 558 -2.66 -19.62 34.15
CA LYS A 558 -3.56 -18.48 34.32
C LYS A 558 -3.87 -18.29 35.80
N VAL A 559 -3.75 -17.06 36.27
CA VAL A 559 -4.00 -16.70 37.66
C VAL A 559 -5.16 -15.72 37.70
N THR A 560 -6.17 -16.02 38.52
CA THR A 560 -7.35 -15.17 38.66
C THR A 560 -7.38 -14.56 40.06
N VAL A 561 -8.28 -13.58 40.22
CA VAL A 561 -8.42 -12.92 41.52
C VAL A 561 -8.91 -13.89 42.58
N LYS A 562 -9.88 -14.74 42.23
CA LYS A 562 -10.39 -15.72 43.19
C LYS A 562 -9.30 -16.72 43.57
N GLN A 563 -8.50 -17.15 42.61
CA GLN A 563 -7.40 -18.05 42.92
C GLN A 563 -6.38 -17.38 43.85
N LEU A 564 -6.11 -16.10 43.61
CA LEU A 564 -5.21 -15.36 44.50
C LEU A 564 -5.78 -15.28 45.91
N LYS A 565 -7.09 -15.04 46.03
CA LYS A 565 -7.71 -14.93 47.35
C LYS A 565 -7.71 -16.27 48.08
N GLU A 566 -7.96 -17.37 47.36
CA GLU A 566 -8.17 -18.66 48.00
C GLU A 566 -6.89 -19.48 48.15
N ASP A 567 -6.22 -19.77 47.04
CA ASP A 567 -5.09 -20.70 47.06
C ASP A 567 -3.88 -20.17 47.80
N TYR A 568 -3.79 -18.87 48.04
CA TYR A 568 -2.63 -18.30 48.71
C TYR A 568 -2.95 -17.69 50.06
N PHE A 569 -3.91 -16.76 50.13
CA PHE A 569 -4.17 -16.06 51.38
C PHE A 569 -4.71 -16.99 52.45
N LYS A 570 -5.55 -17.96 52.07
CA LYS A 570 -6.07 -18.90 53.04
C LYS A 570 -5.07 -20.01 53.35
N LYS A 571 -4.35 -20.48 52.33
CA LYS A 571 -3.42 -21.59 52.53
C LYS A 571 -2.13 -21.14 53.23
N ILE A 572 -1.64 -19.95 52.92
CA ILE A 572 -0.37 -19.45 53.44
C ILE A 572 -0.59 -18.32 54.45
N GLU A 573 -1.22 -17.23 54.02
CA GLU A 573 -1.44 -16.08 54.90
C GLU A 573 -2.50 -16.33 55.96
N CYS A 574 -3.23 -17.44 55.87
CA CYS A 574 -4.26 -17.80 56.85
C CYS A 574 -5.33 -16.72 56.95
N PHE A 575 -5.72 -16.15 55.81
CA PHE A 575 -6.79 -15.17 55.74
C PHE A 575 -7.99 -15.82 55.06
N ASP A 576 -9.08 -15.97 55.81
CA ASP A 576 -10.27 -16.61 55.28
C ASP A 576 -10.92 -15.75 54.20
N SER A 577 -11.07 -14.46 54.46
CA SER A 577 -11.70 -13.53 53.52
C SER A 577 -10.77 -12.36 53.26
N VAL A 578 -10.74 -11.89 52.01
CA VAL A 578 -9.89 -10.78 51.63
C VAL A 578 -10.48 -10.13 50.38
N GLU A 579 -10.48 -8.81 50.35
CA GLU A 579 -10.94 -8.04 49.20
C GLU A 579 -9.71 -7.46 48.50
N ILE A 580 -9.54 -7.78 47.22
CA ILE A 580 -8.36 -7.42 46.47
C ILE A 580 -8.72 -6.42 45.39
N SER A 581 -8.00 -5.31 45.35
CA SER A 581 -8.18 -4.27 44.36
C SER A 581 -6.91 -4.09 43.54
N GLY A 582 -7.08 -3.61 42.31
CA GLY A 582 -5.99 -3.47 41.37
C GLY A 582 -5.96 -4.53 40.28
N VAL A 583 -6.77 -5.57 40.40
CA VAL A 583 -6.86 -6.62 39.38
C VAL A 583 -8.30 -7.09 39.31
N GLU A 584 -8.80 -7.28 38.09
CA GLU A 584 -10.17 -7.69 37.85
C GLU A 584 -10.19 -9.00 37.07
N ASP A 585 -11.06 -9.92 37.49
CA ASP A 585 -11.26 -11.21 36.83
C ASP A 585 -9.99 -12.06 36.91
N ARG A 586 -8.97 -11.68 36.15
CA ARG A 586 -7.70 -12.40 36.16
C ARG A 586 -6.59 -11.44 35.77
N PHE A 587 -5.36 -11.83 36.13
CA PHE A 587 -4.19 -11.02 35.81
C PHE A 587 -3.92 -11.03 34.31
N ASN A 588 -3.51 -9.87 33.79
CA ASN A 588 -3.13 -9.78 32.38
C ASN A 588 -1.81 -10.48 32.13
N ALA A 589 -0.87 -10.39 33.07
CA ALA A 589 0.44 -11.00 32.90
C ALA A 589 0.38 -12.47 33.31
N SER A 590 1.12 -13.31 32.56
CA SER A 590 1.16 -14.74 32.82
C SER A 590 2.52 -15.27 32.41
N LEU A 591 3.01 -16.26 33.16
CA LEU A 591 4.31 -16.86 32.88
C LEU A 591 4.14 -18.08 31.97
N GLY A 592 3.64 -17.80 30.76
CA GLY A 592 3.44 -18.86 29.79
C GLY A 592 4.75 -19.46 29.31
N THR A 593 5.77 -18.62 29.12
CA THR A 593 7.07 -19.13 28.70
C THR A 593 7.68 -20.05 29.75
N TYR A 594 7.51 -19.70 31.03
CA TYR A 594 8.00 -20.57 32.10
C TYR A 594 7.32 -21.93 32.06
N HIS A 595 6.00 -21.94 31.86
CA HIS A 595 5.28 -23.22 31.77
C HIS A 595 5.73 -24.02 30.55
N ASP A 596 5.95 -23.36 29.42
CA ASP A 596 6.43 -24.06 28.24
C ASP A 596 7.81 -24.67 28.48
N LEU A 597 8.71 -23.91 29.11
CA LEU A 597 10.04 -24.44 29.41
C LEU A 597 9.98 -25.59 30.40
N LEU A 598 9.10 -25.49 31.40
CA LEU A 598 8.94 -26.59 32.35
C LEU A 598 8.40 -27.84 31.66
N LYS A 599 7.47 -27.67 30.72
CA LYS A 599 6.96 -28.81 29.98
C LYS A 599 8.03 -29.41 29.08
N ILE A 600 8.89 -28.58 28.49
CA ILE A 600 9.87 -29.08 27.53
C ILE A 600 11.03 -29.75 28.25
N ILE A 601 11.74 -29.01 29.11
CA ILE A 601 12.96 -29.54 29.70
C ILE A 601 12.72 -30.32 30.99
N LYS A 602 11.59 -30.08 31.67
CA LYS A 602 11.25 -30.79 32.90
C LYS A 602 12.35 -30.69 33.94
N ASP A 603 12.89 -29.48 34.10
CA ASP A 603 13.95 -29.21 35.07
C ASP A 603 13.53 -27.98 35.89
N LYS A 604 12.97 -28.22 37.08
CA LYS A 604 12.56 -27.13 37.95
C LYS A 604 13.75 -26.31 38.42
N ASP A 605 14.84 -26.98 38.80
CA ASP A 605 16.00 -26.29 39.35
C ASP A 605 16.65 -25.38 38.31
N PHE A 606 16.76 -25.86 37.07
CA PHE A 606 17.40 -25.06 36.02
C PHE A 606 16.64 -23.77 35.75
N LEU A 607 15.31 -23.85 35.72
CA LEU A 607 14.50 -22.66 35.51
C LEU A 607 14.54 -21.74 36.72
N ASP A 608 14.47 -22.32 37.93
CA ASP A 608 14.47 -21.50 39.13
C ASP A 608 15.82 -20.83 39.38
N ASN A 609 16.91 -21.45 38.93
CA ASN A 609 18.23 -20.89 39.16
C ASN A 609 18.40 -19.58 38.39
N GLU A 610 18.85 -18.54 39.10
CA GLU A 610 19.07 -17.25 38.47
C GLU A 610 20.33 -17.22 37.61
N GLU A 611 21.30 -18.10 37.88
CA GLU A 611 22.52 -18.16 37.08
C GLU A 611 22.22 -18.60 35.66
N ASN A 612 21.31 -19.57 35.49
CA ASN A 612 20.94 -20.07 34.17
C ASN A 612 19.95 -19.16 33.46
N GLU A 613 19.47 -18.10 34.13
CA GLU A 613 18.44 -17.24 33.56
C GLU A 613 18.89 -16.60 32.25
N ASP A 614 20.14 -16.11 32.22
CA ASP A 614 20.66 -15.49 31.01
C ASP A 614 20.74 -16.48 29.85
N ILE A 615 21.11 -17.73 30.14
CA ILE A 615 21.10 -18.76 29.12
C ILE A 615 19.69 -18.92 28.54
N LEU A 616 18.68 -18.86 29.40
CA LEU A 616 17.30 -18.89 28.93
C LEU A 616 16.96 -17.67 28.10
N GLU A 617 17.46 -16.49 28.50
CA GLU A 617 17.27 -15.28 27.71
C GLU A 617 17.88 -15.40 26.32
N ASP A 618 18.94 -16.18 26.20
CA ASP A 618 19.54 -16.45 24.89
C ASP A 618 18.77 -17.52 24.12
N ILE A 619 18.27 -18.55 24.82
CA ILE A 619 17.51 -19.61 24.16
C ILE A 619 16.21 -19.06 23.57
N VAL A 620 15.48 -18.26 24.36
CA VAL A 620 14.23 -17.67 23.87
C VAL A 620 14.52 -16.73 22.71
N LEU A 621 15.60 -15.96 22.80
CA LEU A 621 16.01 -15.10 21.70
C LEU A 621 16.30 -15.92 20.45
N THR A 622 16.93 -17.08 20.60
CA THR A 622 17.17 -17.96 19.46
C THR A 622 15.87 -18.46 18.86
N LEU A 623 14.93 -18.89 19.72
CA LEU A 623 13.66 -19.42 19.24
C LEU A 623 12.87 -18.35 18.49
N THR A 624 12.84 -17.12 19.01
CA THR A 624 12.16 -16.03 18.32
C THR A 624 12.89 -15.64 17.04
N LEU A 625 14.23 -15.67 17.07
CA LEU A 625 15.02 -15.12 15.98
C LEU A 625 14.89 -15.94 14.70
N PHE A 626 15.02 -17.26 14.80
CA PHE A 626 15.10 -18.11 13.63
C PHE A 626 13.86 -18.99 13.51
N GLU A 627 13.56 -19.39 12.27
CA GLU A 627 12.48 -20.32 11.98
C GLU A 627 12.93 -21.57 11.23
N ASP A 628 14.17 -21.61 10.75
CA ASP A 628 14.72 -22.79 10.08
C ASP A 628 15.24 -23.75 11.13
N ARG A 629 14.86 -25.03 11.02
CA ARG A 629 15.19 -26.01 12.04
C ARG A 629 16.70 -26.21 12.15
N GLU A 630 17.39 -26.31 11.01
CA GLU A 630 18.82 -26.58 11.02
C GLU A 630 19.60 -25.46 11.70
N MET A 631 19.29 -24.20 11.38
CA MET A 631 20.02 -23.10 11.98
C MET A 631 19.62 -22.89 13.44
N ILE A 632 18.38 -23.25 13.79
CA ILE A 632 17.99 -23.24 15.21
C ILE A 632 18.84 -24.24 15.98
N GLU A 633 19.02 -25.44 15.43
CA GLU A 633 19.88 -26.43 16.07
C GLU A 633 21.32 -25.93 16.15
N GLU A 634 21.80 -25.29 15.08
CA GLU A 634 23.16 -24.75 15.08
C GLU A 634 23.35 -23.71 16.18
N ARG A 635 22.37 -22.82 16.35
CA ARG A 635 22.47 -21.80 17.38
C ARG A 635 22.35 -22.40 18.78
N LEU A 636 21.51 -23.43 18.94
CA LEU A 636 21.37 -24.09 20.23
C LEU A 636 22.50 -25.04 20.56
N LYS A 637 23.37 -25.34 19.59
CA LYS A 637 24.53 -26.20 19.86
C LYS A 637 25.40 -25.63 20.97
N THR A 638 25.42 -24.30 21.14
CA THR A 638 26.21 -23.71 22.21
C THR A 638 25.72 -24.13 23.59
N TYR A 639 24.41 -24.27 23.76
CA TYR A 639 23.81 -24.70 25.01
C TYR A 639 23.40 -26.17 24.99
N ALA A 640 23.76 -26.91 23.93
CA ALA A 640 23.43 -28.32 23.83
C ALA A 640 24.19 -29.18 24.83
N HIS A 641 25.20 -28.63 25.50
CA HIS A 641 25.96 -29.37 26.50
C HIS A 641 25.25 -29.42 27.85
N LEU A 642 24.11 -28.75 27.99
CA LEU A 642 23.36 -28.73 29.24
C LEU A 642 22.04 -29.49 29.14
N PHE A 643 21.61 -29.88 27.94
CA PHE A 643 20.35 -30.57 27.75
C PHE A 643 20.57 -31.79 26.86
N ASP A 644 19.70 -32.78 27.02
CA ASP A 644 19.81 -34.02 26.26
C ASP A 644 19.38 -33.80 24.81
N ASP A 645 19.62 -34.83 23.99
CA ASP A 645 19.24 -34.76 22.58
C ASP A 645 17.74 -34.64 22.41
N LYS A 646 16.97 -35.40 23.21
CA LYS A 646 15.51 -35.29 23.17
C LYS A 646 15.06 -33.89 23.59
N VAL A 647 15.66 -33.35 24.64
CA VAL A 647 15.32 -32.00 25.08
C VAL A 647 15.71 -30.98 24.02
N MET A 648 16.87 -31.18 23.38
CA MET A 648 17.29 -30.28 22.31
C MET A 648 16.30 -30.31 21.15
N LYS A 649 15.85 -31.48 20.75
CA LYS A 649 14.87 -31.58 19.67
C LYS A 649 13.55 -30.94 20.05
N GLN A 650 13.11 -31.15 21.30
CA GLN A 650 11.87 -30.54 21.75
C GLN A 650 11.96 -29.02 21.75
N LEU A 651 13.11 -28.48 22.16
CA LEU A 651 13.34 -27.03 22.07
C LEU A 651 13.34 -26.57 20.63
N LYS A 652 13.95 -27.34 19.73
CA LYS A 652 13.99 -26.98 18.32
C LYS A 652 12.60 -26.91 17.71
N ARG A 653 11.74 -27.87 18.07
CA ARG A 653 10.41 -27.90 17.48
C ARG A 653 9.56 -26.71 17.91
N ARG A 654 9.77 -26.21 19.12
CA ARG A 654 9.02 -25.06 19.60
C ARG A 654 9.48 -23.78 18.90
N ARG A 655 8.53 -22.89 18.65
CA ARG A 655 8.79 -21.63 17.98
C ARG A 655 8.14 -20.48 18.75
N TYR A 656 8.70 -19.29 18.58
CA TYR A 656 8.15 -18.08 19.16
C TYR A 656 8.18 -16.96 18.12
N THR A 657 7.19 -16.07 18.20
CA THR A 657 7.09 -14.94 17.29
C THR A 657 6.71 -13.69 18.07
N GLY A 658 7.04 -12.54 17.50
CA GLY A 658 6.74 -11.27 18.12
C GLY A 658 7.90 -10.74 18.96
N TRP A 659 7.88 -9.42 19.17
CA TRP A 659 8.91 -8.74 19.94
C TRP A 659 8.26 -7.83 20.97
N GLY A 660 8.93 -7.67 22.10
CA GLY A 660 8.42 -6.86 23.18
C GLY A 660 8.60 -5.37 22.91
N ARG A 661 8.35 -4.59 23.97
CA ARG A 661 8.44 -3.14 23.88
C ARG A 661 9.58 -2.55 24.69
N LEU A 662 10.18 -3.31 25.60
CA LEU A 662 11.24 -2.82 26.46
C LEU A 662 12.45 -3.75 26.38
N SER A 663 13.64 -3.18 26.48
CA SER A 663 14.89 -3.92 26.39
C SER A 663 15.42 -4.24 27.79
N ARG A 664 16.44 -5.10 27.82
CA ARG A 664 17.08 -5.45 29.09
C ARG A 664 17.81 -4.26 29.68
N LYS A 665 18.31 -3.35 28.84
CA LYS A 665 18.99 -2.17 29.34
C LYS A 665 18.08 -1.32 30.19
N LEU A 666 16.77 -1.41 29.96
CA LEU A 666 15.77 -0.71 30.76
C LEU A 666 15.37 -1.50 32.00
N ILE A 667 15.04 -2.79 31.83
CA ILE A 667 14.51 -3.57 32.94
C ILE A 667 15.60 -3.85 33.99
N ASN A 668 16.79 -4.24 33.54
CA ASN A 668 17.88 -4.52 34.46
C ASN A 668 19.22 -3.96 34.04
N GLY A 669 19.33 -3.32 32.86
CA GLY A 669 20.60 -2.78 32.43
C GLY A 669 20.99 -1.48 33.11
N ILE A 670 20.04 -0.75 33.66
CA ILE A 670 20.30 0.50 34.36
C ILE A 670 20.08 0.29 35.85
N ARG A 671 21.00 0.82 36.66
CA ARG A 671 20.91 0.71 38.12
C ARG A 671 20.99 2.10 38.72
N ASP A 672 20.19 2.34 39.74
CA ASP A 672 20.22 3.62 40.44
C ASP A 672 21.57 3.81 41.13
N LYS A 673 22.09 5.03 41.08
CA LYS A 673 23.42 5.30 41.62
C LYS A 673 23.44 5.12 43.14
N GLN A 674 22.48 5.71 43.84
CA GLN A 674 22.50 5.67 45.29
C GLN A 674 22.15 4.30 45.84
N SER A 675 21.11 3.66 45.28
CA SER A 675 20.61 2.40 45.83
C SER A 675 21.22 1.17 45.16
N GLY A 676 21.64 1.29 43.90
CA GLY A 676 22.19 0.14 43.20
C GLY A 676 21.16 -0.89 42.81
N LYS A 677 19.92 -0.48 42.56
CA LYS A 677 18.84 -1.38 42.21
C LYS A 677 18.30 -1.03 40.83
N THR A 678 17.89 -2.06 40.09
CA THR A 678 17.34 -1.90 38.76
C THR A 678 15.83 -1.69 38.84
N ILE A 679 15.20 -1.52 37.68
CA ILE A 679 13.74 -1.37 37.64
C ILE A 679 13.07 -2.63 38.18
N LEU A 680 13.55 -3.80 37.77
CA LEU A 680 13.02 -5.06 38.31
C LEU A 680 13.26 -5.16 39.80
N ASP A 681 14.44 -4.73 40.26
CA ASP A 681 14.73 -4.76 41.70
C ASP A 681 13.79 -3.85 42.47
N PHE A 682 13.51 -2.66 41.94
CA PHE A 682 12.57 -1.76 42.60
C PHE A 682 11.16 -2.35 42.61
N LEU A 683 10.77 -3.01 41.51
CA LEU A 683 9.46 -3.68 41.49
C LEU A 683 9.39 -4.80 42.52
N LYS A 684 10.50 -5.50 42.74
CA LYS A 684 10.53 -6.54 43.76
C LYS A 684 10.32 -5.97 45.16
N SER A 685 10.95 -4.83 45.44
CA SER A 685 10.83 -4.23 46.77
C SER A 685 11.08 -2.73 46.64
N ASP A 686 10.05 -1.93 46.93
CA ASP A 686 10.15 -0.47 46.92
C ASP A 686 9.50 0.09 48.18
N GLY A 687 9.81 -0.52 49.32
CA GLY A 687 9.20 -0.10 50.58
C GLY A 687 7.70 -0.33 50.54
N PHE A 688 6.94 0.73 50.86
CA PHE A 688 5.49 0.68 50.83
C PHE A 688 4.88 1.59 49.77
N ALA A 689 5.69 2.37 49.06
CA ALA A 689 5.17 3.22 48.00
C ALA A 689 4.80 2.42 46.76
N ASN A 690 5.63 1.44 46.39
CA ASN A 690 5.40 0.55 45.25
C ASN A 690 5.22 1.35 43.96
N ARG A 691 6.29 2.06 43.58
CA ARG A 691 6.28 2.83 42.35
C ARG A 691 6.36 1.91 41.15
N ASN A 692 5.51 2.15 40.15
CA ASN A 692 5.46 1.32 38.97
C ASN A 692 6.52 1.78 37.96
N PHE A 693 6.50 1.19 36.77
CA PHE A 693 7.53 1.50 35.77
C PHE A 693 7.46 2.96 35.34
N MET A 694 6.25 3.48 35.11
CA MET A 694 6.12 4.86 34.67
C MET A 694 6.63 5.83 35.74
N GLN A 695 6.30 5.57 37.01
CA GLN A 695 6.80 6.42 38.08
C GLN A 695 8.31 6.29 38.23
N LEU A 696 8.84 5.06 38.07
CA LEU A 696 10.28 4.86 38.18
C LEU A 696 11.04 5.62 37.09
N ILE A 697 10.52 5.61 35.85
CA ILE A 697 11.20 6.30 34.77
C ILE A 697 10.89 7.79 34.74
N HIS A 698 9.97 8.26 35.58
CA HIS A 698 9.63 9.67 35.68
C HIS A 698 9.71 10.14 37.12
N ASP A 699 10.75 9.72 37.84
CA ASP A 699 10.97 10.12 39.22
C ASP A 699 12.21 11.01 39.30
N ASP A 700 12.05 12.20 39.87
CA ASP A 700 13.17 13.12 40.01
C ASP A 700 14.14 12.65 41.09
N SER A 701 13.65 11.93 42.10
CA SER A 701 14.52 11.44 43.17
C SER A 701 15.46 10.34 42.71
N LEU A 702 15.25 9.78 41.52
CA LEU A 702 16.11 8.74 40.98
C LEU A 702 16.74 9.20 39.68
N THR A 703 17.90 8.63 39.36
CA THR A 703 18.65 8.99 38.17
C THR A 703 18.14 8.32 36.90
N PHE A 704 17.02 7.60 36.98
CA PHE A 704 16.51 6.89 35.81
C PHE A 704 16.14 7.86 34.69
N LYS A 705 15.33 8.87 34.99
CA LYS A 705 14.90 9.81 33.97
C LYS A 705 16.09 10.60 33.41
N GLU A 706 16.99 11.03 34.29
CA GLU A 706 18.15 11.79 33.84
C GLU A 706 19.03 10.96 32.92
N ASP A 707 19.30 9.71 33.28
CA ASP A 707 20.12 8.85 32.43
C ASP A 707 19.42 8.55 31.11
N ILE A 708 18.11 8.32 31.15
CA ILE A 708 17.37 8.04 29.92
C ILE A 708 17.46 9.24 28.97
N GLN A 709 17.25 10.44 29.50
CA GLN A 709 17.36 11.63 28.66
C GLN A 709 18.78 11.84 28.16
N LYS A 710 19.78 11.62 29.02
CA LYS A 710 21.16 11.84 28.63
C LYS A 710 21.59 10.89 27.53
N ALA A 711 21.16 9.63 27.60
CA ALA A 711 21.43 8.70 26.51
C ALA A 711 20.53 8.96 25.30
N GLN A 712 19.43 9.67 25.49
CA GLN A 712 18.53 9.99 24.38
C GLN A 712 19.00 11.18 23.56
N VAL A 713 19.98 11.95 24.05
CA VAL A 713 20.51 13.07 23.27
C VAL A 713 21.17 12.58 21.99
N SER A 714 21.62 11.32 21.97
CA SER A 714 22.16 10.73 20.75
C SER A 714 21.02 10.52 19.76
N GLY A 715 21.07 11.24 18.65
CA GLY A 715 19.98 11.22 17.69
C GLY A 715 18.85 12.17 17.99
N GLN A 716 18.92 12.92 19.09
CA GLN A 716 17.90 13.90 19.41
C GLN A 716 18.05 15.12 18.50
N GLY A 717 16.93 15.57 17.92
CA GLY A 717 16.97 16.73 17.05
C GLY A 717 17.79 16.51 15.79
N ASP A 718 17.60 15.37 15.13
CA ASP A 718 18.34 15.06 13.91
C ASP A 718 17.74 15.83 12.73
N SER A 719 18.17 15.48 11.52
CA SER A 719 17.69 16.17 10.34
C SER A 719 16.19 15.97 10.16
N LEU A 720 15.53 16.99 9.61
CA LEU A 720 14.09 16.92 9.41
C LEU A 720 13.71 15.80 8.45
N HIS A 721 14.50 15.62 7.40
CA HIS A 721 14.21 14.56 6.43
C HIS A 721 14.29 13.19 7.07
N GLU A 722 15.27 12.98 7.95
CA GLU A 722 15.38 11.70 8.65
C GLU A 722 14.17 11.45 9.54
N HIS A 723 13.71 12.48 10.26
CA HIS A 723 12.54 12.32 11.11
C HIS A 723 11.29 12.03 10.30
N ILE A 724 11.12 12.72 9.17
CA ILE A 724 9.95 12.50 8.33
C ILE A 724 9.98 11.10 7.72
N ALA A 725 11.18 10.62 7.33
CA ALA A 725 11.30 9.30 6.75
C ALA A 725 10.93 8.21 7.75
N ASN A 726 11.21 8.43 9.03
CA ASN A 726 10.87 7.45 10.06
C ASN A 726 9.37 7.41 10.34
N LEU A 727 8.60 8.35 9.82
CA LEU A 727 7.16 8.35 10.03
C LEU A 727 6.50 7.20 9.27
N ALA A 728 5.28 6.89 9.66
CA ALA A 728 4.50 5.81 9.06
C ALA A 728 3.48 6.41 8.09
N GLY A 729 3.58 6.02 6.83
CA GLY A 729 2.64 6.50 5.83
C GLY A 729 3.21 6.34 4.43
N SER A 730 2.39 6.71 3.46
CA SER A 730 2.81 6.69 2.08
C SER A 730 3.88 7.75 1.83
N PRO A 731 4.82 7.49 0.92
CA PRO A 731 5.85 8.50 0.62
C PRO A 731 5.28 9.81 0.11
N ALA A 732 4.15 9.78 -0.60
CA ALA A 732 3.54 11.01 -1.07
C ALA A 732 3.09 11.89 0.10
N ILE A 733 2.52 11.28 1.13
CA ILE A 733 2.10 12.05 2.29
C ILE A 733 3.32 12.61 3.02
N LYS A 734 4.43 11.88 3.04
CA LYS A 734 5.65 12.41 3.66
C LYS A 734 6.21 13.59 2.88
N LYS A 735 6.17 13.51 1.54
CA LYS A 735 6.57 14.63 0.72
C LYS A 735 5.69 15.85 0.98
N GLY A 736 4.38 15.62 1.09
CA GLY A 736 3.47 16.70 1.44
C GLY A 736 3.78 17.32 2.79
N ILE A 737 4.12 16.48 3.78
CA ILE A 737 4.48 16.99 5.09
C ILE A 737 5.73 17.85 5.02
N LEU A 738 6.76 17.38 4.28
CA LEU A 738 7.99 18.14 4.15
C LEU A 738 7.74 19.48 3.47
N GLN A 739 6.93 19.47 2.40
CA GLN A 739 6.61 20.73 1.71
C GLN A 739 5.82 21.66 2.62
N THR A 740 4.91 21.11 3.42
CA THR A 740 4.16 21.93 4.37
C THR A 740 5.08 22.57 5.40
N VAL A 741 6.04 21.81 5.92
CA VAL A 741 6.98 22.35 6.90
C VAL A 741 7.82 23.46 6.30
N LYS A 742 8.31 23.24 5.08
CA LYS A 742 9.11 24.28 4.41
C LYS A 742 8.28 25.52 4.14
N VAL A 743 7.01 25.34 3.74
CA VAL A 743 6.12 26.47 3.53
C VAL A 743 5.91 27.24 4.84
N VAL A 744 5.75 26.51 5.95
CA VAL A 744 5.57 27.17 7.24
C VAL A 744 6.81 27.99 7.60
N ASP A 745 8.00 27.42 7.40
CA ASP A 745 9.22 28.14 7.69
C ASP A 745 9.35 29.40 6.82
N GLU A 746 9.04 29.28 5.53
CA GLU A 746 9.12 30.43 4.65
C GLU A 746 8.11 31.50 5.04
N LEU A 747 6.89 31.08 5.42
CA LEU A 747 5.89 32.05 5.86
C LEU A 747 6.31 32.77 7.13
N VAL A 748 6.92 32.04 8.06
CA VAL A 748 7.48 32.67 9.25
C VAL A 748 8.53 33.69 8.85
N LYS A 749 9.36 33.36 7.85
CA LYS A 749 10.31 34.33 7.32
C LYS A 749 9.61 35.54 6.71
N VAL A 750 8.43 35.35 6.12
CA VAL A 750 7.73 36.44 5.45
C VAL A 750 7.27 37.48 6.46
N MET A 751 6.80 37.05 7.62
CA MET A 751 6.18 37.94 8.60
C MET A 751 7.18 38.57 9.55
N GLY A 752 8.43 38.73 9.12
CA GLY A 752 9.43 39.36 9.97
C GLY A 752 9.97 38.49 11.08
N ARG A 753 10.10 37.18 10.83
CA ARG A 753 10.58 36.23 11.83
C ARG A 753 9.72 36.25 13.09
N HIS A 754 8.41 36.43 12.89
CA HIS A 754 7.44 36.37 13.98
C HIS A 754 6.67 35.07 13.86
N LYS A 755 6.75 34.25 14.91
CA LYS A 755 6.05 32.97 14.89
C LYS A 755 4.54 33.21 14.90
N PRO A 756 3.77 32.45 14.12
CA PRO A 756 2.32 32.66 14.10
C PRO A 756 1.69 32.34 15.45
N GLU A 757 0.62 33.07 15.75
CA GLU A 757 -0.11 32.80 16.98
C GLU A 757 -0.73 31.41 16.94
N ASN A 758 -1.29 31.01 15.80
CA ASN A 758 -1.90 29.70 15.65
C ASN A 758 -1.54 29.13 14.29
N ILE A 759 -1.52 27.80 14.21
CA ILE A 759 -1.36 27.07 12.97
C ILE A 759 -2.45 26.01 12.92
N VAL A 760 -3.16 25.96 11.80
CA VAL A 760 -4.26 25.02 11.60
C VAL A 760 -3.88 24.09 10.45
N ILE A 761 -4.11 22.79 10.63
CA ILE A 761 -3.79 21.81 9.60
C ILE A 761 -4.99 20.92 9.34
N GLU A 762 -5.03 20.36 8.13
CA GLU A 762 -6.04 19.38 7.75
C GLU A 762 -5.49 18.53 6.62
N MET A 763 -5.25 17.26 6.90
CA MET A 763 -4.72 16.32 5.91
C MET A 763 -5.88 15.53 5.32
N ALA A 764 -6.13 15.71 4.03
CA ALA A 764 -7.19 14.97 3.35
C ALA A 764 -6.85 13.48 3.30
N ARG A 765 -7.83 12.65 3.64
CA ARG A 765 -7.61 11.21 3.65
C ARG A 765 -7.47 10.68 2.23
N GLU A 766 -6.50 9.79 2.03
CA GLU A 766 -6.29 9.17 0.72
C GLU A 766 -7.38 8.15 0.44
N ASN A 767 -7.28 7.52 -0.73
CA ASN A 767 -8.23 6.50 -1.18
C ASN A 767 -9.66 7.03 -1.21
N LYS A 775 -20.84 -1.76 -9.15
CA LYS A 775 -19.86 -1.54 -8.09
C LYS A 775 -20.52 -1.61 -6.71
N ASN A 776 -20.53 -0.47 -6.01
CA ASN A 776 -21.17 -0.42 -4.70
C ASN A 776 -22.68 -0.60 -4.80
N SER A 777 -23.28 -0.26 -5.94
CA SER A 777 -24.70 -0.51 -6.15
C SER A 777 -24.99 -2.00 -6.11
N ARG A 778 -24.12 -2.81 -6.73
CA ARG A 778 -24.29 -4.26 -6.67
C ARG A 778 -24.14 -4.78 -5.25
N GLU A 779 -23.23 -4.18 -4.47
CA GLU A 779 -23.08 -4.57 -3.08
C GLU A 779 -24.34 -4.23 -2.28
N ARG A 780 -24.93 -3.07 -2.52
CA ARG A 780 -26.17 -2.71 -1.85
C ARG A 780 -27.29 -3.67 -2.23
N MET A 781 -27.39 -4.03 -3.51
CA MET A 781 -28.41 -4.97 -3.93
C MET A 781 -28.20 -6.34 -3.30
N LYS A 782 -26.93 -6.77 -3.20
CA LYS A 782 -26.62 -8.03 -2.54
C LYS A 782 -27.03 -8.00 -1.08
N ARG A 783 -26.75 -6.90 -0.38
CA ARG A 783 -27.13 -6.78 1.02
C ARG A 783 -28.65 -6.80 1.17
N ILE A 784 -29.37 -6.10 0.30
CA ILE A 784 -30.83 -6.08 0.37
C ILE A 784 -31.39 -7.48 0.12
N GLU A 785 -30.86 -8.18 -0.89
CA GLU A 785 -31.32 -9.53 -1.18
C GLU A 785 -31.06 -10.47 -0.03
N GLU A 786 -29.87 -10.39 0.58
CA GLU A 786 -29.56 -11.25 1.72
C GLU A 786 -30.48 -10.96 2.89
N GLY A 787 -30.74 -9.68 3.17
CA GLY A 787 -31.66 -9.33 4.24
C GLY A 787 -33.07 -9.82 3.99
N ILE A 788 -33.55 -9.67 2.76
CA ILE A 788 -34.90 -10.12 2.43
C ILE A 788 -35.01 -11.63 2.56
N LYS A 789 -34.00 -12.36 2.07
CA LYS A 789 -34.03 -13.81 2.15
C LYS A 789 -33.95 -14.29 3.60
N GLU A 790 -33.10 -13.65 4.41
CA GLU A 790 -32.98 -14.05 5.81
C GLU A 790 -34.26 -13.75 6.58
N LEU A 791 -34.88 -12.59 6.33
CA LEU A 791 -36.11 -12.24 7.02
C LEU A 791 -37.30 -13.04 6.51
N GLY A 792 -37.22 -13.60 5.30
CA GLY A 792 -38.31 -14.32 4.72
C GLY A 792 -39.32 -13.49 3.95
N SER A 793 -39.05 -12.19 3.78
CA SER A 793 -39.96 -11.33 3.04
C SER A 793 -39.89 -11.64 1.55
N GLN A 794 -40.88 -11.13 0.81
CA GLN A 794 -40.93 -11.31 -0.63
C GLN A 794 -41.29 -10.01 -1.34
N ILE A 795 -40.87 -8.87 -0.77
CA ILE A 795 -41.16 -7.58 -1.39
C ILE A 795 -40.39 -7.43 -2.70
N LEU A 796 -39.20 -8.02 -2.79
CA LEU A 796 -38.41 -7.93 -4.02
C LEU A 796 -39.13 -8.63 -5.17
N LYS A 797 -39.76 -9.78 -4.89
CA LYS A 797 -40.51 -10.48 -5.94
C LYS A 797 -41.73 -9.67 -6.36
N GLU A 798 -42.39 -9.01 -5.41
CA GLU A 798 -43.57 -8.20 -5.74
C GLU A 798 -43.19 -7.02 -6.64
N HIS A 799 -42.10 -6.35 -6.34
CA HIS A 799 -41.66 -5.16 -7.10
C HIS A 799 -40.24 -5.36 -7.60
N PRO A 800 -40.03 -5.48 -8.90
CA PRO A 800 -38.66 -5.64 -9.40
C PRO A 800 -37.81 -4.40 -9.17
N VAL A 801 -36.51 -4.61 -9.01
CA VAL A 801 -35.56 -3.54 -8.76
C VAL A 801 -34.23 -3.90 -9.42
N GLU A 802 -33.41 -2.89 -9.67
CA GLU A 802 -32.11 -3.05 -10.29
C GLU A 802 -31.02 -2.58 -9.34
N ASN A 803 -29.80 -3.05 -9.57
CA ASN A 803 -28.68 -2.71 -8.69
C ASN A 803 -28.43 -1.21 -8.67
N THR A 804 -28.39 -0.59 -9.86
CA THR A 804 -28.08 0.83 -9.94
C THR A 804 -29.21 1.70 -9.41
N GLN A 805 -30.46 1.24 -9.55
CA GLN A 805 -31.60 2.02 -9.08
C GLN A 805 -31.57 2.24 -7.57
N LEU A 806 -30.80 1.44 -6.84
CA LEU A 806 -30.67 1.59 -5.40
C LEU A 806 -29.68 2.69 -5.01
N GLN A 807 -29.00 3.32 -5.98
CA GLN A 807 -28.13 4.43 -5.67
C GLN A 807 -28.88 5.60 -5.05
N ASN A 808 -30.14 5.78 -5.42
CA ASN A 808 -30.96 6.82 -4.81
C ASN A 808 -31.19 6.48 -3.33
N GLU A 809 -30.91 7.45 -2.46
CA GLU A 809 -31.01 7.20 -1.03
C GLU A 809 -32.44 6.90 -0.61
N LYS A 810 -33.41 7.63 -1.17
CA LYS A 810 -34.81 7.40 -0.80
C LYS A 810 -35.27 6.00 -1.17
N LEU A 811 -34.95 5.56 -2.40
CA LEU A 811 -35.35 4.22 -2.82
C LEU A 811 -34.58 3.14 -2.05
N TYR A 812 -33.30 3.42 -1.75
CA TYR A 812 -32.51 2.47 -0.97
C TYR A 812 -33.12 2.26 0.41
N LEU A 813 -33.49 3.35 1.08
CA LEU A 813 -34.17 3.23 2.37
C LEU A 813 -35.54 2.57 2.21
N TYR A 814 -36.27 2.92 1.16
CA TYR A 814 -37.59 2.33 0.92
C TYR A 814 -37.51 0.81 0.85
N TYR A 815 -36.53 0.29 0.10
CA TYR A 815 -36.35 -1.15 0.03
C TYR A 815 -35.78 -1.70 1.33
N LEU A 816 -34.97 -0.92 2.05
CA LEU A 816 -34.51 -1.36 3.36
C LEU A 816 -35.62 -1.32 4.39
N GLN A 817 -36.52 -0.33 4.30
CA GLN A 817 -37.60 -0.15 5.26
C GLN A 817 -38.86 -0.93 4.88
N ASN A 818 -38.72 -1.99 4.09
CA ASN A 818 -39.84 -2.87 3.72
C ASN A 818 -40.95 -2.11 3.00
N GLY A 819 -40.58 -1.07 2.26
CA GLY A 819 -41.58 -0.27 1.56
C GLY A 819 -42.53 0.46 2.49
N ARG A 820 -42.04 0.90 3.64
CA ARG A 820 -42.88 1.55 4.64
C ARG A 820 -42.07 2.64 5.33
N ASP A 821 -42.78 3.55 5.97
CA ASP A 821 -42.13 4.57 6.78
C ASP A 821 -41.44 3.92 7.97
N MET A 822 -40.27 4.45 8.34
CA MET A 822 -39.54 3.89 9.47
C MET A 822 -40.26 4.14 10.79
N TYR A 823 -40.95 5.28 10.91
CA TYR A 823 -41.64 5.63 12.15
C TYR A 823 -43.13 5.33 12.10
N VAL A 824 -43.72 5.21 10.92
CA VAL A 824 -45.16 4.99 10.76
C VAL A 824 -45.37 3.70 9.97
N ASP A 825 -46.39 2.93 10.37
CA ASP A 825 -46.69 1.67 9.71
C ASP A 825 -47.24 1.85 8.31
N GLN A 826 -47.58 3.07 7.91
CA GLN A 826 -48.14 3.31 6.58
C GLN A 826 -47.13 2.98 5.49
N GLU A 827 -47.65 2.58 4.34
CA GLU A 827 -46.82 2.20 3.20
C GLU A 827 -46.22 3.45 2.53
N LEU A 828 -45.40 3.22 1.52
CA LEU A 828 -44.80 4.30 0.74
C LEU A 828 -44.89 3.95 -0.73
N ASP A 829 -44.85 5.00 -1.56
CA ASP A 829 -44.97 4.87 -3.01
C ASP A 829 -43.69 5.34 -3.68
N ILE A 830 -43.20 4.56 -4.64
CA ILE A 830 -41.99 4.94 -5.36
C ILE A 830 -42.23 6.19 -6.20
N ASN A 831 -43.43 6.34 -6.75
CA ASN A 831 -43.75 7.49 -7.58
C ASN A 831 -43.72 8.80 -6.80
N ARG A 832 -43.86 8.75 -5.49
CA ARG A 832 -43.93 9.94 -4.64
C ARG A 832 -42.65 10.19 -3.86
N LEU A 833 -41.49 9.96 -4.48
CA LEU A 833 -40.22 10.22 -3.79
C LEU A 833 -40.10 11.68 -3.37
N SER A 834 -40.52 12.60 -4.24
CA SER A 834 -40.47 14.01 -3.90
C SER A 834 -41.40 14.34 -2.74
N ASP A 835 -42.57 13.71 -2.69
CA ASP A 835 -43.51 13.97 -1.61
C ASP A 835 -42.97 13.51 -0.26
N TYR A 836 -42.05 12.55 -0.26
CA TYR A 836 -41.46 12.06 0.98
C TYR A 836 -40.24 12.90 1.35
N ASP A 837 -39.81 12.75 2.60
CA ASP A 837 -38.72 13.54 3.15
C ASP A 837 -37.67 12.64 3.78
N VAL A 838 -36.49 13.20 3.98
CA VAL A 838 -35.38 12.53 4.65
C VAL A 838 -35.12 13.26 5.95
N ASP A 839 -35.18 12.53 7.06
CA ASP A 839 -35.03 13.09 8.40
C ASP A 839 -33.86 12.41 9.11
N ALA A 840 -33.19 13.18 9.96
CA ALA A 840 -32.06 12.68 10.72
C ALA A 840 -32.54 12.11 12.05
N ILE A 841 -32.06 10.91 12.38
CA ILE A 841 -32.42 10.29 13.67
C ILE A 841 -31.92 11.17 14.82
N VAL A 842 -30.66 11.59 14.75
CA VAL A 842 -30.11 12.59 15.65
C VAL A 842 -30.20 13.94 14.94
N PRO A 843 -30.83 14.94 15.54
CA PRO A 843 -31.08 16.19 14.82
C PRO A 843 -29.79 16.89 14.39
N GLN A 844 -29.90 17.69 13.33
CA GLN A 844 -28.75 18.43 12.83
C GLN A 844 -28.12 19.30 13.91
N SER A 845 -28.92 19.79 14.86
CA SER A 845 -28.41 20.57 15.97
C SER A 845 -27.61 19.73 16.96
N PHE A 846 -27.61 18.41 16.83
CA PHE A 846 -26.91 17.53 17.74
C PHE A 846 -25.70 16.83 17.13
N LEU A 847 -25.74 16.49 15.85
CA LEU A 847 -24.62 15.81 15.22
C LEU A 847 -24.71 15.99 13.71
N LYS A 848 -23.55 16.08 13.07
CA LYS A 848 -23.47 16.19 11.61
C LYS A 848 -23.26 14.80 11.01
N ASP A 849 -24.28 13.97 11.17
CA ASP A 849 -24.25 12.58 10.68
C ASP A 849 -25.07 12.53 9.39
N ASP A 850 -24.35 12.44 8.26
CA ASP A 850 -24.98 12.38 6.94
C ASP A 850 -25.07 10.97 6.39
N SER A 851 -24.65 9.96 7.16
CA SER A 851 -24.62 8.59 6.68
C SER A 851 -26.03 7.99 6.69
N ILE A 852 -26.13 6.76 6.18
CA ILE A 852 -27.41 6.07 6.14
C ILE A 852 -27.90 5.76 7.55
N ASP A 853 -26.97 5.60 8.50
CA ASP A 853 -27.36 5.33 9.89
C ASP A 853 -28.23 6.44 10.46
N ASN A 854 -28.04 7.68 10.00
CA ASN A 854 -28.81 8.81 10.47
C ASN A 854 -29.96 9.19 9.56
N LYS A 855 -29.79 9.07 8.24
CA LYS A 855 -30.84 9.44 7.31
C LYS A 855 -31.94 8.38 7.30
N VAL A 856 -33.19 8.83 7.36
CA VAL A 856 -34.35 7.95 7.38
C VAL A 856 -35.41 8.53 6.47
N LEU A 857 -36.03 7.68 5.66
CA LEU A 857 -37.08 8.12 4.75
C LEU A 857 -38.42 8.09 5.48
N THR A 858 -39.02 9.28 5.64
CA THR A 858 -40.32 9.41 6.30
C THR A 858 -41.23 10.27 5.45
N ARG A 859 -42.49 9.83 5.33
CA ARG A 859 -43.47 10.59 4.54
C ARG A 859 -43.81 11.92 5.22
N SER A 860 -44.05 11.88 6.53
CA SER A 860 -44.43 13.07 7.28
C SER A 860 -43.21 13.69 7.94
N ASP A 861 -43.44 14.79 8.66
CA ASP A 861 -42.39 15.49 9.38
C ASP A 861 -42.63 15.58 10.88
N LYS A 862 -43.88 15.70 11.33
CA LYS A 862 -44.20 15.73 12.74
C LYS A 862 -44.49 14.35 13.32
N ASN A 863 -44.35 13.30 12.51
CA ASN A 863 -44.60 11.94 12.99
C ASN A 863 -43.57 11.48 14.00
N ARG A 864 -42.44 12.18 14.12
CA ARG A 864 -41.44 11.83 15.11
C ARG A 864 -41.99 11.95 16.53
N GLY A 865 -42.71 13.04 16.81
CA GLY A 865 -43.33 13.25 18.09
C GLY A 865 -42.48 13.98 19.11
N LYS A 866 -41.17 14.05 18.91
CA LYS A 866 -40.27 14.74 19.82
C LYS A 866 -39.26 15.52 19.01
N SER A 867 -39.27 16.85 19.17
CA SER A 867 -38.42 17.71 18.36
C SER A 867 -37.01 17.84 18.94
N ASP A 868 -36.92 18.16 20.23
CA ASP A 868 -35.62 18.40 20.84
C ASP A 868 -34.77 17.13 20.84
N ASN A 869 -35.32 16.03 21.34
CA ASN A 869 -34.58 14.79 21.48
C ASN A 869 -34.89 13.85 20.31
N VAL A 870 -34.48 12.59 20.46
CA VAL A 870 -34.79 11.51 19.53
C VAL A 870 -36.31 11.39 19.48
N PRO A 871 -36.90 10.99 18.32
CA PRO A 871 -38.37 10.91 18.23
C PRO A 871 -39.07 10.22 19.40
N SER A 872 -40.36 10.49 19.54
CA SER A 872 -41.08 10.19 20.77
C SER A 872 -41.03 8.71 21.11
N GLU A 873 -40.99 8.41 22.40
CA GLU A 873 -40.85 7.03 22.86
C GLU A 873 -42.06 6.19 22.49
N GLU A 874 -43.24 6.81 22.31
CA GLU A 874 -44.40 6.05 21.88
C GLU A 874 -44.20 5.46 20.49
N VAL A 875 -43.67 6.27 19.56
CA VAL A 875 -43.37 5.78 18.22
C VAL A 875 -42.30 4.70 18.27
N VAL A 876 -41.32 4.87 19.15
CA VAL A 876 -40.26 3.87 19.29
C VAL A 876 -40.84 2.54 19.76
N LYS A 877 -41.74 2.58 20.75
CA LYS A 877 -42.38 1.36 21.21
C LYS A 877 -43.25 0.74 20.13
N LYS A 878 -43.92 1.57 19.33
CA LYS A 878 -44.74 1.04 18.24
C LYS A 878 -43.90 0.34 17.20
N MET A 879 -42.74 0.91 16.85
CA MET A 879 -41.91 0.39 15.76
C MET A 879 -40.75 -0.48 16.25
N LYS A 880 -40.72 -0.82 17.54
CA LYS A 880 -39.63 -1.64 18.07
C LYS A 880 -39.56 -3.00 17.38
N ASN A 881 -40.71 -3.66 17.20
CA ASN A 881 -40.70 -4.98 16.57
C ASN A 881 -40.20 -4.91 15.14
N TYR A 882 -40.66 -3.91 14.38
CA TYR A 882 -40.23 -3.77 13.00
C TYR A 882 -38.75 -3.40 12.91
N TRP A 883 -38.26 -2.57 13.83
CA TRP A 883 -36.84 -2.26 13.86
C TRP A 883 -36.01 -3.50 14.20
N ARG A 884 -36.49 -4.32 15.12
CA ARG A 884 -35.80 -5.56 15.44
C ARG A 884 -35.78 -6.51 14.25
N GLN A 885 -36.89 -6.57 13.51
CA GLN A 885 -36.93 -7.38 12.29
C GLN A 885 -35.92 -6.89 11.27
N LEU A 886 -35.79 -5.56 11.13
CA LEU A 886 -34.77 -5.00 10.24
C LEU A 886 -33.37 -5.37 10.72
N LEU A 887 -33.14 -5.30 12.03
CA LEU A 887 -31.82 -5.62 12.58
C LEU A 887 -31.46 -7.09 12.33
N ASN A 888 -32.42 -7.99 12.49
CA ASN A 888 -32.16 -9.40 12.27
C ASN A 888 -31.77 -9.71 10.83
N ALA A 889 -32.18 -8.87 9.89
CA ALA A 889 -31.82 -9.04 8.48
C ALA A 889 -30.58 -8.25 8.09
N LYS A 890 -29.91 -7.62 9.05
CA LYS A 890 -28.72 -6.80 8.81
C LYS A 890 -28.98 -5.63 7.86
N LEU A 891 -30.24 -5.19 7.77
CA LEU A 891 -30.56 -4.03 6.94
C LEU A 891 -30.09 -2.73 7.59
N ILE A 892 -29.98 -2.72 8.92
CA ILE A 892 -29.53 -1.56 9.67
C ILE A 892 -28.43 -2.00 10.63
N THR A 893 -27.73 -1.02 11.18
CA THR A 893 -26.65 -1.28 12.14
C THR A 893 -27.17 -1.22 13.57
N GLN A 894 -26.34 -1.67 14.50
CA GLN A 894 -26.73 -1.71 15.90
C GLN A 894 -26.72 -0.34 16.54
N ARG A 895 -25.76 0.51 16.16
CA ARG A 895 -25.64 1.82 16.79
C ARG A 895 -26.84 2.72 16.44
N LYS A 896 -27.30 2.68 15.20
CA LYS A 896 -28.49 3.44 14.84
C LYS A 896 -29.73 2.89 15.53
N PHE A 897 -29.79 1.57 15.72
CA PHE A 897 -30.89 0.98 16.49
C PHE A 897 -30.89 1.49 17.92
N ASP A 898 -29.70 1.55 18.54
CA ASP A 898 -29.61 2.08 19.90
C ASP A 898 -29.99 3.56 19.95
N ASN A 899 -29.57 4.33 18.94
CA ASN A 899 -29.94 5.74 18.88
C ASN A 899 -31.45 5.91 18.75
N LEU A 900 -32.09 5.07 17.94
CA LEU A 900 -33.55 5.10 17.82
C LEU A 900 -34.23 4.73 19.13
N THR A 901 -33.71 3.72 19.83
CA THR A 901 -34.32 3.23 21.05
C THR A 901 -33.92 4.02 22.29
N LYS A 902 -33.04 5.02 22.16
CA LYS A 902 -32.69 5.85 23.31
C LYS A 902 -33.87 6.63 23.86
N ALA A 903 -34.96 6.74 23.09
CA ALA A 903 -36.18 7.33 23.64
C ALA A 903 -36.77 6.50 24.77
N GLU A 904 -36.38 5.22 24.88
CA GLU A 904 -36.78 4.43 26.03
C GLU A 904 -36.23 5.01 27.32
N ARG A 905 -34.98 5.48 27.30
CA ARG A 905 -34.39 6.18 28.42
C ARG A 905 -34.97 7.59 28.49
N GLY A 906 -34.45 8.40 29.42
CA GLY A 906 -34.93 9.76 29.56
C GLY A 906 -34.72 10.59 28.32
N GLY A 907 -33.60 10.38 27.63
CA GLY A 907 -33.29 11.12 26.42
C GLY A 907 -31.81 11.05 26.12
N LEU A 908 -31.36 11.96 25.27
CA LEU A 908 -29.95 12.05 24.92
C LEU A 908 -29.18 12.63 26.11
N SER A 909 -28.31 11.82 26.71
CA SER A 909 -27.57 12.23 27.88
C SER A 909 -26.30 12.99 27.47
N GLU A 910 -25.55 13.45 28.48
CA GLU A 910 -24.32 14.18 28.21
C GLU A 910 -23.23 13.30 27.62
N LEU A 911 -23.30 11.98 27.84
CA LEU A 911 -22.33 11.08 27.23
C LEU A 911 -22.43 11.11 25.71
N ASP A 912 -23.66 11.13 25.18
CA ASP A 912 -23.84 11.19 23.73
C ASP A 912 -23.23 12.45 23.15
N LYS A 913 -23.47 13.60 23.79
CA LYS A 913 -22.93 14.85 23.28
C LYS A 913 -21.42 14.92 23.43
N ALA A 914 -20.87 14.36 24.51
CA ALA A 914 -19.43 14.28 24.64
C ALA A 914 -18.81 13.43 23.53
N GLY A 915 -19.43 12.30 23.22
CA GLY A 915 -18.97 11.50 22.10
C GLY A 915 -19.07 12.24 20.77
N PHE A 916 -20.16 12.99 20.60
CA PHE A 916 -20.35 13.74 19.36
C PHE A 916 -19.28 14.82 19.20
N ILE A 917 -18.98 15.56 20.26
CA ILE A 917 -17.97 16.61 20.15
C ILE A 917 -16.58 16.00 19.98
N LYS A 918 -16.34 14.85 20.58
CA LYS A 918 -15.05 14.18 20.38
C LYS A 918 -14.93 13.78 18.92
N ARG A 919 -16.01 13.23 18.37
CA ARG A 919 -16.00 12.82 16.97
C ARG A 919 -15.78 14.01 16.04
N GLN A 920 -16.44 15.14 16.32
CA GLN A 920 -16.41 16.28 15.41
C GLN A 920 -15.15 17.12 15.54
N LEU A 921 -14.46 17.08 16.68
CA LEU A 921 -13.33 17.97 16.90
C LEU A 921 -12.01 17.37 16.42
N VAL A 922 -11.65 16.21 16.95
CA VAL A 922 -10.32 15.64 16.74
C VAL A 922 -10.40 14.51 15.73
N GLU A 923 -9.26 14.21 15.11
CA GLU A 923 -9.12 13.08 14.21
C GLU A 923 -8.40 11.94 14.91
N THR A 924 -8.84 10.71 14.64
CA THR A 924 -8.19 9.54 15.21
C THR A 924 -6.92 9.14 14.48
N ARG A 925 -6.64 9.75 13.33
CA ARG A 925 -5.43 9.42 12.59
C ARG A 925 -4.19 9.87 13.33
N GLN A 926 -3.14 9.06 13.26
CA GLN A 926 -1.91 9.41 13.95
C GLN A 926 -0.94 10.20 13.04
N ILE A 927 -1.16 10.15 11.74
CA ILE A 927 -0.30 10.91 10.84
C ILE A 927 -0.46 12.41 11.08
N THR A 928 -1.69 12.86 11.28
CA THR A 928 -1.91 14.26 11.63
C THR A 928 -1.30 14.59 12.98
N LYS A 929 -1.34 13.64 13.91
CA LYS A 929 -0.69 13.84 15.21
C LYS A 929 0.82 14.02 15.04
N HIS A 930 1.44 13.22 14.18
CA HIS A 930 2.87 13.35 13.96
C HIS A 930 3.22 14.66 13.27
N VAL A 931 2.38 15.10 12.32
CA VAL A 931 2.59 16.40 11.69
C VAL A 931 2.49 17.51 12.72
N ALA A 932 1.50 17.42 13.61
CA ALA A 932 1.38 18.41 14.67
C ALA A 932 2.59 18.40 15.59
N GLN A 933 3.11 17.20 15.91
CA GLN A 933 4.30 17.11 16.73
C GLN A 933 5.49 17.79 16.06
N ILE A 934 5.67 17.54 14.75
CA ILE A 934 6.79 18.15 14.04
C ILE A 934 6.66 19.67 14.03
N LEU A 935 5.46 20.17 13.73
CA LEU A 935 5.25 21.61 13.69
C LEU A 935 5.46 22.24 15.06
N ASP A 936 4.95 21.61 16.12
CA ASP A 936 5.11 22.14 17.47
C ASP A 936 6.57 22.15 17.89
N SER A 937 7.31 21.08 17.56
CA SER A 937 8.73 21.03 17.91
C SER A 937 9.51 22.09 17.16
N ARG A 938 9.19 22.31 15.89
CA ARG A 938 9.94 23.30 15.10
C ARG A 938 9.56 24.73 15.46
N MET A 939 8.35 24.95 15.95
CA MET A 939 7.91 26.30 16.32
C MET A 939 8.10 26.61 17.79
N ASN A 940 7.68 25.71 18.67
CA ASN A 940 7.83 25.91 20.12
C ASN A 940 9.17 25.29 20.53
N THR A 941 10.22 26.09 20.44
CA THR A 941 11.57 25.64 20.79
C THR A 941 12.05 26.15 22.14
N LYS A 942 11.56 27.30 22.58
CA LYS A 942 11.96 27.83 23.88
C LYS A 942 11.47 26.93 25.01
N TYR A 943 12.36 26.67 25.97
CA TYR A 943 12.05 25.84 27.12
C TYR A 943 12.02 26.69 28.38
N ASP A 944 10.94 26.59 29.14
CA ASP A 944 10.85 27.29 30.42
C ASP A 944 11.84 26.71 31.42
N GLU A 945 12.38 27.58 32.28
CA GLU A 945 13.33 27.13 33.28
C GLU A 945 12.70 26.24 34.34
N ASN A 946 11.37 26.17 34.40
CA ASN A 946 10.67 25.33 35.37
C ASN A 946 10.36 23.95 34.82
N ASP A 947 11.17 23.44 33.89
CA ASP A 947 10.99 22.13 33.28
C ASP A 947 9.65 22.02 32.56
N LYS A 948 9.18 23.11 31.99
CA LYS A 948 7.94 23.15 31.24
C LYS A 948 8.20 23.65 29.83
N LEU A 949 7.29 23.35 28.93
CA LEU A 949 7.38 23.75 27.53
C LEU A 949 6.60 25.04 27.32
N ILE A 950 7.25 26.04 26.72
CA ILE A 950 6.63 27.32 26.43
C ILE A 950 5.83 27.17 25.15
N ARG A 951 4.53 26.91 25.28
CA ARG A 951 3.65 26.69 24.12
C ARG A 951 3.19 28.05 23.60
N GLU A 952 4.10 28.75 22.92
CA GLU A 952 3.79 30.03 22.34
C GLU A 952 3.15 29.93 20.97
N VAL A 953 3.15 28.75 20.36
CA VAL A 953 2.50 28.51 19.08
C VAL A 953 1.58 27.31 19.24
N LYS A 954 0.30 27.48 18.94
CA LYS A 954 -0.69 26.41 19.05
C LYS A 954 -0.83 25.72 17.71
N VAL A 955 -0.86 24.39 17.73
CA VAL A 955 -1.05 23.58 16.53
C VAL A 955 -2.40 22.89 16.65
N ILE A 956 -3.28 23.15 15.68
CA ILE A 956 -4.66 22.67 15.70
C ILE A 956 -4.86 21.73 14.53
N THR A 957 -5.58 20.65 14.77
CA THR A 957 -5.93 19.67 13.74
C THR A 957 -7.44 19.70 13.55
N LEU A 958 -7.87 19.98 12.32
CA LEU A 958 -9.29 20.04 11.99
C LEU A 958 -9.62 18.96 10.97
N LYS A 959 -10.87 18.50 11.02
CA LYS A 959 -11.36 17.49 10.10
C LYS A 959 -11.87 18.16 8.82
N SER A 960 -11.80 17.41 7.72
CA SER A 960 -12.38 17.89 6.47
C SER A 960 -13.90 18.03 6.56
N LYS A 961 -14.53 17.33 7.51
CA LYS A 961 -15.98 17.42 7.65
C LYS A 961 -16.41 18.83 8.03
N LEU A 962 -15.68 19.48 8.93
CA LEU A 962 -16.06 20.82 9.36
C LEU A 962 -15.99 21.81 8.21
N VAL A 963 -14.89 21.78 7.44
CA VAL A 963 -14.73 22.71 6.33
C VAL A 963 -15.75 22.40 5.24
N SER A 964 -16.02 21.12 4.97
CA SER A 964 -17.01 20.76 3.96
C SER A 964 -18.40 21.25 4.36
N ASP A 965 -18.76 21.10 5.65
CA ASP A 965 -20.05 21.59 6.12
C ASP A 965 -20.11 23.11 6.03
N PHE A 966 -19.01 23.79 6.37
CA PHE A 966 -18.98 25.25 6.25
C PHE A 966 -19.23 25.69 4.81
N ARG A 967 -18.54 25.04 3.87
CA ARG A 967 -18.71 25.40 2.46
C ARG A 967 -20.12 25.11 1.97
N LYS A 968 -20.68 23.95 2.34
CA LYS A 968 -21.98 23.55 1.84
C LYS A 968 -23.14 24.25 2.55
N ASP A 969 -22.89 24.88 3.71
CA ASP A 969 -23.94 25.60 4.42
C ASP A 969 -23.89 27.09 4.18
N PHE A 970 -22.71 27.68 4.00
CA PHE A 970 -22.58 29.11 3.77
C PHE A 970 -22.29 29.45 2.32
N GLN A 971 -22.55 28.52 1.41
CA GLN A 971 -22.49 28.77 -0.03
C GLN A 971 -21.09 29.18 -0.50
N PHE A 972 -20.06 28.69 0.16
CA PHE A 972 -18.69 28.84 -0.33
C PHE A 972 -18.27 27.59 -1.09
N TYR A 973 -18.99 27.33 -2.18
CA TYR A 973 -18.84 26.09 -2.92
C TYR A 973 -17.50 26.03 -3.64
N LYS A 974 -17.03 24.81 -3.87
CA LYS A 974 -15.76 24.55 -4.53
C LYS A 974 -15.98 23.69 -5.77
N VAL A 975 -15.26 24.00 -6.84
CA VAL A 975 -15.23 23.20 -8.05
C VAL A 975 -13.77 22.93 -8.39
N ARG A 976 -13.39 21.65 -8.38
CA ARG A 976 -12.00 21.28 -8.60
C ARG A 976 -11.58 21.43 -10.06
N GLU A 977 -12.53 21.44 -11.00
CA GLU A 977 -12.21 21.50 -12.40
C GLU A 977 -11.96 22.92 -12.91
N ILE A 978 -12.28 23.95 -12.12
CA ILE A 978 -12.09 25.32 -12.58
C ILE A 978 -10.61 25.69 -12.53
N ASN A 979 -10.03 25.65 -11.34
CA ASN A 979 -8.62 26.00 -11.15
C ASN A 979 -8.14 25.38 -9.85
N ASN A 980 -6.88 25.65 -9.53
CA ASN A 980 -6.27 25.12 -8.32
C ASN A 980 -6.49 26.02 -7.11
N TYR A 981 -7.13 27.18 -7.29
CA TYR A 981 -7.31 28.12 -6.20
C TYR A 981 -8.03 27.50 -5.02
N HIS A 982 -8.88 26.50 -5.27
CA HIS A 982 -9.62 25.86 -4.19
C HIS A 982 -8.69 25.36 -3.10
N HIS A 983 -7.52 24.85 -3.49
CA HIS A 983 -6.54 24.42 -2.50
C HIS A 983 -6.30 25.51 -1.48
N ALA A 984 -5.84 26.68 -1.96
CA ALA A 984 -5.60 27.79 -1.06
C ALA A 984 -6.87 28.19 -0.34
N HIS A 985 -7.99 28.19 -1.05
CA HIS A 985 -9.25 28.56 -0.43
C HIS A 985 -9.54 27.65 0.76
N ASP A 986 -9.34 26.34 0.58
CA ASP A 986 -9.57 25.43 1.69
C ASP A 986 -8.69 25.79 2.87
N ALA A 987 -7.41 26.05 2.59
CA ALA A 987 -6.50 26.42 3.66
C ALA A 987 -7.02 27.65 4.39
N TYR A 988 -7.45 28.66 3.64
CA TYR A 988 -7.97 29.86 4.29
C TYR A 988 -9.13 29.52 5.19
N LEU A 989 -10.10 28.76 4.65
CA LEU A 989 -11.26 28.41 5.46
C LEU A 989 -10.81 27.64 6.69
N ASN A 990 -9.87 26.72 6.52
CA ASN A 990 -9.36 25.97 7.65
C ASN A 990 -8.87 26.93 8.73
N ALA A 991 -8.00 27.87 8.32
CA ALA A 991 -7.48 28.83 9.29
C ALA A 991 -8.61 29.53 10.01
N VAL A 992 -9.58 30.05 9.25
CA VAL A 992 -10.68 30.78 9.85
C VAL A 992 -11.37 29.90 10.88
N VAL A 993 -11.74 28.69 10.46
CA VAL A 993 -12.49 27.82 11.34
C VAL A 993 -11.67 27.57 12.60
N GLY A 994 -10.39 27.25 12.41
CA GLY A 994 -9.56 26.95 13.56
C GLY A 994 -9.53 28.12 14.51
N THR A 995 -9.27 29.32 13.98
CA THR A 995 -9.24 30.48 14.87
C THR A 995 -10.61 30.68 15.49
N ALA A 996 -11.66 30.59 14.67
CA ALA A 996 -13.01 30.84 15.18
C ALA A 996 -13.39 29.79 16.21
N LEU A 997 -12.77 28.61 16.14
CA LEU A 997 -13.02 27.63 17.18
C LEU A 997 -12.31 28.01 18.47
N ILE A 998 -11.00 28.29 18.38
CA ILE A 998 -10.20 28.39 19.60
C ILE A 998 -10.58 29.64 20.39
N LYS A 999 -10.95 30.72 19.69
CA LYS A 999 -11.46 31.90 20.37
C LYS A 999 -12.83 31.64 20.97
N LYS A 1000 -13.65 30.82 20.32
CA LYS A 1000 -15.01 30.58 20.82
C LYS A 1000 -15.00 29.66 22.02
N TYR A 1001 -14.21 28.59 21.98
CA TYR A 1001 -14.20 27.56 23.02
C TYR A 1001 -12.77 27.35 23.50
N PRO A 1002 -12.24 28.27 24.30
CA PRO A 1002 -10.87 28.09 24.83
C PRO A 1002 -10.72 26.89 25.76
N LYS A 1003 -11.82 26.39 26.33
CA LYS A 1003 -11.75 25.29 27.28
C LYS A 1003 -11.73 23.92 26.61
N LEU A 1004 -11.84 23.86 25.28
CA LEU A 1004 -11.75 22.61 24.54
C LEU A 1004 -10.40 22.46 23.84
N GLU A 1005 -9.39 23.20 24.28
CA GLU A 1005 -8.09 23.22 23.61
C GLU A 1005 -7.51 21.81 23.49
N SER A 1006 -7.49 21.08 24.60
CA SER A 1006 -6.93 19.72 24.60
C SER A 1006 -7.65 18.81 23.61
N GLU A 1007 -8.89 19.13 23.24
CA GLU A 1007 -9.58 18.33 22.24
C GLU A 1007 -8.89 18.42 20.88
N PHE A 1008 -8.47 19.62 20.47
CA PHE A 1008 -7.88 19.81 19.15
C PHE A 1008 -6.44 20.28 19.20
N VAL A 1009 -6.16 21.33 19.97
CA VAL A 1009 -4.80 21.88 20.00
C VAL A 1009 -3.85 20.85 20.59
N TYR A 1010 -2.70 20.65 19.94
CA TYR A 1010 -1.73 19.66 20.38
C TYR A 1010 -1.05 20.12 21.65
N GLY A 1011 -1.20 19.34 22.72
CA GLY A 1011 -0.57 19.65 23.98
C GLY A 1011 -1.15 18.81 25.09
N ASP A 1012 -0.48 18.86 26.24
CA ASP A 1012 -0.93 18.13 27.42
C ASP A 1012 -1.75 19.04 28.33
N TYR A 1013 -2.83 19.57 27.75
CA TYR A 1013 -3.73 20.45 28.48
C TYR A 1013 -4.70 19.62 29.32
N LYS A 1014 -5.39 20.31 30.23
CA LYS A 1014 -6.38 19.66 31.09
C LYS A 1014 -7.57 19.20 30.24
N VAL A 1015 -8.21 18.12 30.70
CA VAL A 1015 -9.30 17.49 29.97
C VAL A 1015 -10.58 17.63 30.78
N TYR A 1016 -11.58 18.27 30.19
CA TYR A 1016 -12.91 18.36 30.79
C TYR A 1016 -13.91 18.61 29.66
N ASP A 1017 -14.70 17.59 29.31
CA ASP A 1017 -15.61 17.69 28.18
C ASP A 1017 -16.96 17.03 28.44
N VAL A 1018 -17.34 16.81 29.69
CA VAL A 1018 -18.58 16.09 29.99
C VAL A 1018 -19.57 16.99 30.71
N ARG A 1019 -19.16 17.58 31.83
CA ARG A 1019 -20.08 18.39 32.64
C ARG A 1019 -19.98 19.87 32.34
N LYS A 1020 -18.77 20.39 32.15
CA LYS A 1020 -18.59 21.82 31.91
C LYS A 1020 -19.07 22.26 30.53
N MET A 1021 -19.42 21.34 29.65
CA MET A 1021 -19.82 21.66 28.28
C MET A 1021 -21.31 21.55 28.05
N ILE A 1022 -21.92 20.41 28.40
CA ILE A 1022 -23.33 20.18 28.14
C ILE A 1022 -24.16 20.74 29.29
N ALA A 1023 -25.16 21.55 28.97
CA ALA A 1023 -26.03 22.14 29.97
C ALA A 1023 -27.27 21.27 30.15
N LYS A 1024 -28.22 21.76 30.94
CA LYS A 1024 -29.49 21.09 31.13
C LYS A 1024 -30.43 21.47 29.98
N SER A 1025 -31.71 21.09 30.09
CA SER A 1025 -32.69 21.40 29.05
C SER A 1025 -33.12 22.87 29.15
N GLU A 1026 -32.13 23.75 28.94
CA GLU A 1026 -32.32 25.19 29.02
C GLU A 1026 -31.63 25.82 27.80
N GLN A 1027 -32.39 25.98 26.72
CA GLN A 1027 -31.82 26.58 25.51
C GLN A 1027 -31.48 28.05 25.73
N GLU A 1028 -32.34 28.77 26.48
CA GLU A 1028 -32.14 30.21 26.63
C GLU A 1028 -30.99 30.53 27.57
N ILE A 1029 -30.86 29.79 28.67
CA ILE A 1029 -29.90 30.13 29.70
C ILE A 1029 -28.72 29.17 29.76
N GLY A 1030 -28.83 27.97 29.17
CA GLY A 1030 -27.72 27.02 29.23
C GLY A 1030 -26.48 27.54 28.54
N LYS A 1031 -26.64 28.20 27.39
CA LYS A 1031 -25.51 28.80 26.71
C LYS A 1031 -24.94 29.98 27.50
N ALA A 1032 -25.80 30.74 28.18
CA ALA A 1032 -25.34 31.90 28.93
C ALA A 1032 -24.51 31.49 30.15
N THR A 1033 -24.75 30.30 30.70
CA THR A 1033 -24.04 29.84 31.89
C THR A 1033 -22.64 29.36 31.49
N ALA A 1034 -21.95 28.72 32.44
CA ALA A 1034 -20.59 28.25 32.17
C ALA A 1034 -20.57 27.20 31.08
N LYS A 1035 -21.66 26.46 30.90
CA LYS A 1035 -21.74 25.49 29.82
C LYS A 1035 -21.74 26.20 28.47
N TYR A 1036 -21.00 25.63 27.51
CA TYR A 1036 -20.84 26.28 26.21
C TYR A 1036 -22.15 26.31 25.44
N PHE A 1037 -22.83 25.17 25.31
CA PHE A 1037 -24.05 25.11 24.53
C PHE A 1037 -24.80 23.83 24.87
N PHE A 1038 -26.13 23.92 24.96
CA PHE A 1038 -26.94 22.73 25.11
C PHE A 1038 -26.83 21.82 23.89
N TYR A 1039 -26.84 22.39 22.70
CA TYR A 1039 -26.67 21.61 21.49
C TYR A 1039 -25.23 21.17 21.33
N SER A 1040 -25.04 19.93 20.89
CA SER A 1040 -23.71 19.34 20.77
C SER A 1040 -22.96 19.81 19.54
N ASN A 1041 -23.61 20.54 18.62
CA ASN A 1041 -22.94 20.99 17.41
C ASN A 1041 -21.80 21.94 17.74
N ILE A 1042 -20.72 21.82 16.96
CA ILE A 1042 -19.53 22.64 17.16
C ILE A 1042 -19.65 23.98 16.42
N MET A 1043 -20.14 23.96 15.18
CA MET A 1043 -20.16 25.14 14.33
C MET A 1043 -21.56 25.74 14.19
N ASN A 1044 -22.46 25.46 15.13
CA ASN A 1044 -23.79 26.08 15.08
C ASN A 1044 -23.74 27.57 15.35
N PHE A 1045 -22.73 28.05 16.07
CA PHE A 1045 -22.62 29.49 16.33
C PHE A 1045 -22.30 30.28 15.07
N PHE A 1046 -21.76 29.63 14.03
CA PHE A 1046 -21.50 30.32 12.77
C PHE A 1046 -22.78 30.80 12.12
N LYS A 1047 -23.82 29.97 12.14
CA LYS A 1047 -25.08 30.32 11.49
C LYS A 1047 -25.82 31.39 12.30
N THR A 1048 -26.75 32.06 11.62
CA THR A 1048 -27.59 33.05 12.28
C THR A 1048 -28.79 32.42 12.95
N GLU A 1049 -29.39 31.40 12.33
CA GLU A 1049 -30.49 30.65 12.89
C GLU A 1049 -30.23 29.16 12.71
N ILE A 1050 -30.70 28.37 13.67
CA ILE A 1050 -30.48 26.92 13.67
C ILE A 1050 -31.83 26.22 13.70
N THR A 1051 -32.04 25.29 12.78
CA THR A 1051 -33.29 24.56 12.67
C THR A 1051 -33.24 23.35 13.60
N LEU A 1052 -34.11 23.35 14.61
CA LEU A 1052 -34.21 22.23 15.53
C LEU A 1052 -35.23 21.24 14.99
N ALA A 1053 -34.79 20.01 14.73
CA ALA A 1053 -35.62 18.96 14.14
C ALA A 1053 -36.23 19.51 12.85
N ASN A 1054 -37.52 19.38 12.62
CA ASN A 1054 -38.18 19.87 11.41
C ASN A 1054 -39.28 20.85 11.79
N GLY A 1055 -39.28 22.03 11.16
CA GLY A 1055 -40.38 22.96 11.26
C GLY A 1055 -40.18 24.13 12.22
N GLU A 1056 -39.24 24.02 13.15
CA GLU A 1056 -38.99 25.06 14.14
C GLU A 1056 -37.53 25.49 14.10
N ILE A 1057 -37.31 26.80 14.23
CA ILE A 1057 -35.98 27.38 14.14
C ILE A 1057 -35.75 28.27 15.37
N ARG A 1058 -34.57 28.15 15.96
CA ARG A 1058 -34.13 29.03 17.03
C ARG A 1058 -33.12 30.03 16.50
N LYS A 1059 -33.00 31.15 17.21
CA LYS A 1059 -32.20 32.28 16.76
C LYS A 1059 -31.03 32.51 17.71
N ARG A 1060 -29.87 32.79 17.14
CA ARG A 1060 -28.66 33.12 17.87
C ARG A 1060 -28.30 34.59 17.70
N PRO A 1061 -27.53 35.16 18.63
CA PRO A 1061 -27.14 36.57 18.50
C PRO A 1061 -26.36 36.81 17.21
N LEU A 1062 -26.58 37.99 16.62
CA LEU A 1062 -25.93 38.34 15.37
C LEU A 1062 -24.41 38.39 15.51
N ILE A 1063 -23.91 38.70 16.70
CA ILE A 1063 -22.48 38.73 16.98
C ILE A 1063 -22.19 37.69 18.05
N GLU A 1064 -21.28 36.77 17.74
CA GLU A 1064 -20.89 35.71 18.67
C GLU A 1064 -19.62 36.14 19.39
N THR A 1065 -19.69 36.20 20.71
CA THR A 1065 -18.56 36.59 21.54
C THR A 1065 -18.32 35.54 22.60
N ASN A 1066 -17.09 35.49 23.11
CA ASN A 1066 -16.73 34.52 24.13
C ASN A 1066 -17.49 34.80 25.43
N GLY A 1067 -17.96 33.72 26.07
CA GLY A 1067 -18.77 33.88 27.26
C GLY A 1067 -18.00 34.47 28.43
N GLU A 1068 -16.77 34.00 28.65
CA GLU A 1068 -16.00 34.42 29.83
C GLU A 1068 -15.13 35.64 29.52
N THR A 1069 -14.23 35.53 28.56
CA THR A 1069 -13.31 36.63 28.25
C THR A 1069 -14.01 37.82 27.63
N GLY A 1070 -15.17 37.61 27.01
CA GLY A 1070 -15.89 38.69 26.36
C GLY A 1070 -15.34 39.12 25.03
N GLU A 1071 -14.40 38.36 24.47
CA GLU A 1071 -13.81 38.70 23.17
C GLU A 1071 -14.77 38.35 22.05
N ILE A 1072 -14.95 39.29 21.12
CA ILE A 1072 -15.81 39.04 19.96
C ILE A 1072 -15.12 38.04 19.04
N VAL A 1073 -15.81 36.95 18.73
CA VAL A 1073 -15.25 35.89 17.93
C VAL A 1073 -15.77 35.86 16.50
N TRP A 1074 -17.05 36.18 16.28
CA TRP A 1074 -17.64 36.05 14.96
C TRP A 1074 -18.61 37.20 14.73
N ASP A 1075 -18.31 38.05 13.76
CA ASP A 1075 -19.19 39.14 13.35
C ASP A 1075 -19.86 38.72 12.04
N LYS A 1076 -21.08 38.19 12.16
CA LYS A 1076 -21.77 37.64 10.99
C LYS A 1076 -22.10 38.69 9.94
N GLY A 1077 -22.06 39.97 10.30
CA GLY A 1077 -22.33 41.03 9.34
C GLY A 1077 -21.10 41.47 8.58
N ARG A 1078 -19.92 41.13 9.10
CA ARG A 1078 -18.66 41.53 8.49
C ARG A 1078 -17.77 40.35 8.10
N ASP A 1079 -17.73 39.30 8.92
CA ASP A 1079 -16.81 38.19 8.66
C ASP A 1079 -17.17 37.45 7.37
N PHE A 1080 -18.47 37.25 7.11
CA PHE A 1080 -18.87 36.57 5.88
C PHE A 1080 -18.47 37.38 4.65
N ALA A 1081 -18.65 38.71 4.70
CA ALA A 1081 -18.22 39.54 3.58
C ALA A 1081 -16.71 39.48 3.37
N THR A 1082 -15.95 39.47 4.47
CA THR A 1082 -14.50 39.37 4.36
C THR A 1082 -14.08 38.04 3.75
N VAL A 1083 -14.73 36.95 4.16
CA VAL A 1083 -14.42 35.63 3.60
C VAL A 1083 -14.76 35.60 2.12
N ARG A 1084 -15.91 36.18 1.74
CA ARG A 1084 -16.30 36.22 0.33
C ARG A 1084 -15.29 37.02 -0.49
N LYS A 1085 -14.83 38.16 0.04
CA LYS A 1085 -13.83 38.96 -0.66
C LYS A 1085 -12.51 38.21 -0.80
N VAL A 1086 -12.10 37.49 0.25
CA VAL A 1086 -10.86 36.74 0.20
C VAL A 1086 -10.95 35.64 -0.84
N LEU A 1087 -12.07 34.90 -0.86
CA LEU A 1087 -12.23 33.84 -1.85
C LEU A 1087 -12.37 34.38 -3.27
N SER A 1088 -12.76 35.65 -3.42
CA SER A 1088 -12.91 36.26 -4.74
C SER A 1088 -11.64 36.96 -5.21
N MET A 1089 -10.55 36.90 -4.45
CA MET A 1089 -9.31 37.55 -4.86
C MET A 1089 -8.74 36.83 -6.08
N PRO A 1090 -8.41 37.56 -7.15
CA PRO A 1090 -7.88 36.88 -8.35
C PRO A 1090 -6.44 36.40 -8.17
N GLN A 1091 -5.63 37.13 -7.41
CA GLN A 1091 -4.21 36.84 -7.28
C GLN A 1091 -4.02 35.82 -6.17
N VAL A 1092 -3.72 34.57 -6.55
CA VAL A 1092 -3.43 33.50 -5.60
C VAL A 1092 -2.11 32.87 -6.02
N ASN A 1093 -1.20 32.72 -5.06
CA ASN A 1093 0.16 32.24 -5.33
C ASN A 1093 0.13 30.74 -5.59
N ILE A 1094 -0.16 30.36 -6.82
CA ILE A 1094 -0.14 28.97 -7.24
C ILE A 1094 1.26 28.67 -7.78
N VAL A 1095 1.94 27.72 -7.16
CA VAL A 1095 3.32 27.39 -7.49
C VAL A 1095 3.40 25.91 -7.86
N LYS A 1096 3.98 25.63 -9.02
CA LYS A 1096 4.28 24.28 -9.45
C LYS A 1096 5.73 23.98 -9.11
N LYS A 1097 5.95 23.05 -8.18
CA LYS A 1097 7.29 22.76 -7.68
C LYS A 1097 8.18 22.22 -8.80
N THR A 1098 9.21 22.99 -9.16
CA THR A 1098 10.16 22.54 -10.17
C THR A 1098 10.95 21.35 -9.64
N GLU A 1099 11.02 20.29 -10.45
CA GLU A 1099 11.67 19.06 -10.04
C GLU A 1099 12.57 18.55 -11.16
N VAL A 1100 13.80 18.18 -10.80
CA VAL A 1100 14.66 17.48 -11.75
C VAL A 1100 14.18 16.04 -11.87
N GLN A 1101 13.91 15.61 -13.10
CA GLN A 1101 13.27 14.33 -13.33
C GLN A 1101 14.26 13.19 -13.10
N THR A 1102 13.82 12.20 -12.32
CA THR A 1102 14.62 11.01 -12.03
C THR A 1102 13.80 9.77 -12.35
N GLY A 1103 14.50 8.67 -12.60
CA GLY A 1103 13.85 7.44 -12.97
C GLY A 1103 14.58 6.70 -14.07
N GLY A 1104 13.83 5.99 -14.92
CA GLY A 1104 14.43 5.24 -16.00
C GLY A 1104 15.06 6.15 -17.04
N PHE A 1105 16.10 5.63 -17.72
CA PHE A 1105 16.76 6.40 -18.76
C PHE A 1105 15.81 6.73 -19.89
N SER A 1106 14.99 5.77 -20.29
CA SER A 1106 14.09 5.92 -21.43
C SER A 1106 13.04 4.83 -21.34
N LYS A 1107 12.29 4.66 -22.43
CA LYS A 1107 11.34 3.56 -22.50
C LYS A 1107 12.07 2.23 -22.51
N GLU A 1108 11.59 1.30 -21.68
CA GLU A 1108 12.23 -0.01 -21.56
C GLU A 1108 12.01 -0.88 -22.79
N SER A 1109 10.96 -0.61 -23.57
CA SER A 1109 10.72 -1.38 -24.78
C SER A 1109 11.88 -1.23 -25.76
N ILE A 1110 12.37 -2.35 -26.26
CA ILE A 1110 13.49 -2.36 -27.20
C ILE A 1110 12.93 -2.39 -28.61
N LEU A 1111 13.12 -1.30 -29.34
CA LEU A 1111 12.61 -1.24 -30.70
C LEU A 1111 13.52 -2.01 -31.65
N PRO A 1112 12.98 -2.52 -32.76
CA PRO A 1112 13.82 -3.23 -33.74
C PRO A 1112 14.76 -2.28 -34.46
N LYS A 1113 15.51 -2.81 -35.44
CA LYS A 1113 16.43 -1.98 -36.19
C LYS A 1113 15.68 -0.92 -36.98
N ARG A 1114 16.27 0.28 -37.07
CA ARG A 1114 15.65 1.38 -37.77
C ARG A 1114 16.71 2.43 -38.05
N ASN A 1115 16.68 3.01 -39.25
CA ASN A 1115 17.65 4.02 -39.66
C ASN A 1115 17.19 5.39 -39.17
N SER A 1116 17.22 5.54 -37.84
CA SER A 1116 16.82 6.78 -37.20
C SER A 1116 17.80 7.11 -36.07
N ASP A 1117 18.00 8.40 -35.84
CA ASP A 1117 18.89 8.88 -34.79
C ASP A 1117 18.21 8.96 -33.43
N LYS A 1118 16.91 8.67 -33.35
CA LYS A 1118 16.19 8.71 -32.09
C LYS A 1118 16.38 7.47 -31.24
N LEU A 1119 17.02 6.43 -31.78
CA LEU A 1119 17.26 5.21 -31.04
C LEU A 1119 18.48 5.36 -30.15
N ILE A 1120 18.40 4.80 -28.94
CA ILE A 1120 19.49 4.82 -27.97
C ILE A 1120 20.11 3.45 -27.91
N ALA A 1121 21.44 3.39 -28.06
CA ALA A 1121 22.14 2.11 -28.09
C ALA A 1121 21.99 1.38 -26.75
N ARG A 1122 21.66 0.09 -26.82
CA ARG A 1122 21.59 -0.72 -25.61
C ARG A 1122 22.96 -0.99 -25.03
N LYS A 1123 24.01 -1.01 -25.86
CA LYS A 1123 25.37 -1.25 -25.42
C LYS A 1123 26.30 -0.33 -26.20
N LYS A 1124 27.53 -0.19 -25.70
CA LYS A 1124 28.49 0.72 -26.35
C LYS A 1124 28.82 0.27 -27.76
N ASP A 1125 28.99 -1.04 -27.96
CA ASP A 1125 29.41 -1.58 -29.25
C ASP A 1125 28.26 -1.97 -30.14
N TRP A 1126 27.02 -1.69 -29.74
CA TRP A 1126 25.83 -2.09 -30.48
C TRP A 1126 25.24 -0.86 -31.16
N ASP A 1127 25.45 -0.76 -32.46
CA ASP A 1127 24.89 0.34 -33.23
C ASP A 1127 23.37 0.20 -33.30
N PRO A 1128 22.61 1.23 -32.91
CA PRO A 1128 21.14 1.12 -33.00
C PRO A 1128 20.63 0.88 -34.42
N LYS A 1129 21.38 1.29 -35.44
CA LYS A 1129 20.96 1.08 -36.82
C LYS A 1129 20.98 -0.38 -37.24
N LYS A 1130 21.59 -1.26 -36.45
CA LYS A 1130 21.67 -2.67 -36.82
C LYS A 1130 21.10 -3.56 -35.73
N TYR A 1131 21.21 -3.14 -34.47
CA TYR A 1131 20.76 -3.95 -33.33
C TYR A 1131 19.55 -3.35 -32.63
N GLY A 1132 19.00 -2.26 -33.12
CA GLY A 1132 17.89 -1.63 -32.44
C GLY A 1132 18.34 -0.98 -31.13
N GLY A 1133 17.36 -0.66 -30.30
CA GLY A 1133 17.66 -0.07 -29.01
C GLY A 1133 16.45 0.68 -28.47
N PHE A 1134 16.69 1.36 -27.35
CA PHE A 1134 15.65 2.13 -26.68
C PHE A 1134 15.46 3.48 -27.36
N ASP A 1135 14.33 4.11 -27.07
CA ASP A 1135 14.06 5.45 -27.54
C ASP A 1135 13.24 6.18 -26.47
N SER A 1136 12.78 7.38 -26.81
CA SER A 1136 12.00 8.22 -25.92
C SER A 1136 12.70 8.47 -24.59
N PRO A 1137 13.86 9.14 -24.60
CA PRO A 1137 14.56 9.41 -23.35
C PRO A 1137 13.82 10.42 -22.49
N THR A 1138 14.04 10.33 -21.19
CA THR A 1138 13.45 11.25 -20.22
C THR A 1138 14.47 12.32 -19.88
N VAL A 1139 14.11 13.58 -20.10
CA VAL A 1139 15.01 14.70 -19.84
C VAL A 1139 14.90 15.08 -18.37
N ALA A 1140 16.03 15.01 -17.66
CA ALA A 1140 16.03 15.40 -16.25
C ALA A 1140 15.81 16.90 -16.10
N TYR A 1141 16.52 17.70 -16.90
CA TYR A 1141 16.36 19.14 -16.89
C TYR A 1141 16.97 19.71 -18.17
N SER A 1142 16.33 20.75 -18.70
CA SER A 1142 16.87 21.42 -19.88
C SER A 1142 17.99 22.37 -19.48
N VAL A 1143 18.80 22.73 -20.47
CA VAL A 1143 19.92 23.65 -20.26
C VAL A 1143 19.89 24.70 -21.35
N LEU A 1144 19.77 25.97 -20.95
CA LEU A 1144 19.87 27.09 -21.86
C LEU A 1144 21.34 27.43 -22.08
N VAL A 1145 21.80 27.31 -23.33
CA VAL A 1145 23.19 27.55 -23.70
C VAL A 1145 23.22 28.68 -24.73
N VAL A 1146 24.21 29.55 -24.59
CA VAL A 1146 24.47 30.62 -25.55
C VAL A 1146 25.85 30.39 -26.14
N ALA A 1147 25.89 29.93 -27.38
CA ALA A 1147 27.15 29.58 -28.04
C ALA A 1147 26.95 29.68 -29.55
N LYS A 1148 27.91 29.16 -30.30
CA LYS A 1148 27.87 29.17 -31.76
C LYS A 1148 28.11 27.77 -32.30
N VAL A 1149 27.50 27.49 -33.45
CA VAL A 1149 27.61 26.20 -34.11
C VAL A 1149 27.97 26.43 -35.57
N GLU A 1150 28.80 25.55 -36.12
CA GLU A 1150 29.18 25.65 -37.52
C GLU A 1150 27.98 25.36 -38.42
N LYS A 1151 27.83 26.17 -39.47
CA LYS A 1151 26.73 26.04 -40.40
C LYS A 1151 27.25 26.00 -41.83
N GLY A 1152 26.69 25.10 -42.63
CA GLY A 1152 27.07 24.98 -44.02
C GLY A 1152 28.36 24.21 -44.21
N LYS A 1153 28.73 24.03 -45.48
CA LYS A 1153 29.96 23.33 -45.82
C LYS A 1153 31.20 24.14 -45.48
N SER A 1154 31.06 25.46 -45.33
CA SER A 1154 32.20 26.31 -44.96
C SER A 1154 32.44 26.34 -43.45
N LYS A 1155 31.56 25.72 -42.66
CA LYS A 1155 31.69 25.69 -41.20
C LYS A 1155 31.79 27.09 -40.61
N LYS A 1156 30.96 28.00 -41.12
CA LYS A 1156 30.92 29.36 -40.59
C LYS A 1156 30.27 29.36 -39.21
N LEU A 1157 30.83 30.16 -38.30
CA LEU A 1157 30.31 30.23 -36.93
C LEU A 1157 29.12 31.17 -36.88
N LYS A 1158 27.99 30.67 -36.42
CA LYS A 1158 26.76 31.45 -36.30
C LYS A 1158 26.25 31.38 -34.87
N SER A 1159 25.92 32.54 -34.31
CA SER A 1159 25.43 32.60 -32.94
C SER A 1159 24.06 31.95 -32.84
N VAL A 1160 23.90 31.05 -31.86
CA VAL A 1160 22.65 30.35 -31.64
C VAL A 1160 22.33 30.33 -30.15
N LYS A 1161 21.06 30.11 -29.84
CA LYS A 1161 20.61 29.98 -28.45
C LYS A 1161 19.36 29.14 -28.44
N GLU A 1162 19.42 28.01 -27.75
CA GLU A 1162 18.28 27.09 -27.68
C GLU A 1162 18.39 26.25 -26.42
N LEU A 1163 17.27 25.63 -26.05
CA LEU A 1163 17.24 24.74 -24.89
C LEU A 1163 17.70 23.35 -25.29
N LEU A 1164 18.70 22.84 -24.58
CA LEU A 1164 19.24 21.50 -24.83
C LEU A 1164 18.74 20.55 -23.75
N GLY A 1165 18.17 19.43 -24.18
CA GLY A 1165 17.62 18.47 -23.25
C GLY A 1165 18.66 17.51 -22.70
N ILE A 1166 18.97 17.65 -21.41
CA ILE A 1166 19.92 16.76 -20.74
C ILE A 1166 19.13 15.57 -20.20
N THR A 1167 19.33 14.42 -20.82
CA THR A 1167 18.61 13.22 -20.41
C THR A 1167 19.15 12.70 -19.09
N ILE A 1168 18.42 11.75 -18.50
CA ILE A 1168 18.85 11.15 -17.24
C ILE A 1168 20.15 10.37 -17.45
N MET A 1169 20.29 9.73 -18.61
CA MET A 1169 21.52 8.98 -18.88
C MET A 1169 22.73 9.89 -19.00
N GLU A 1170 22.56 11.06 -19.61
CA GLU A 1170 23.65 12.00 -19.84
C GLU A 1170 23.79 13.04 -18.75
N ARG A 1171 23.00 12.96 -17.68
CA ARG A 1171 23.06 13.95 -16.61
C ARG A 1171 24.41 13.96 -15.94
N SER A 1172 24.94 12.76 -15.62
CA SER A 1172 26.23 12.68 -14.93
C SER A 1172 27.36 13.22 -15.80
N SER A 1173 27.35 12.88 -17.09
CA SER A 1173 28.40 13.36 -17.99
C SER A 1173 28.36 14.88 -18.12
N PHE A 1174 27.15 15.46 -18.22
CA PHE A 1174 27.04 16.91 -18.30
C PHE A 1174 27.49 17.58 -17.01
N GLU A 1175 27.09 17.03 -15.87
CA GLU A 1175 27.45 17.66 -14.59
C GLU A 1175 28.93 17.52 -14.29
N LYS A 1176 29.58 16.46 -14.80
CA LYS A 1176 31.01 16.30 -14.58
C LYS A 1176 31.81 17.41 -15.25
N ASN A 1177 31.47 17.73 -16.50
CA ASN A 1177 32.14 18.79 -17.24
C ASN A 1177 31.23 19.30 -18.34
N PRO A 1178 30.45 20.35 -18.08
CA PRO A 1178 29.50 20.83 -19.10
C PRO A 1178 30.17 21.29 -20.40
N ILE A 1179 31.37 21.86 -20.33
CA ILE A 1179 32.00 22.42 -21.52
C ILE A 1179 32.29 21.33 -22.54
N ASP A 1180 32.88 20.22 -22.10
CA ASP A 1180 33.20 19.13 -23.01
C ASP A 1180 31.94 18.47 -23.55
N PHE A 1181 30.91 18.33 -22.73
CA PHE A 1181 29.65 17.76 -23.19
C PHE A 1181 29.03 18.63 -24.28
N LEU A 1182 29.02 19.94 -24.07
CA LEU A 1182 28.45 20.84 -25.06
C LEU A 1182 29.29 20.84 -26.34
N GLU A 1183 30.61 20.76 -26.22
CA GLU A 1183 31.46 20.67 -27.41
C GLU A 1183 31.19 19.39 -28.18
N ALA A 1184 30.99 18.28 -27.47
CA ALA A 1184 30.65 17.03 -28.14
C ALA A 1184 29.28 17.10 -28.79
N LYS A 1185 28.35 17.82 -28.19
CA LYS A 1185 27.03 17.99 -28.79
C LYS A 1185 27.06 18.83 -30.06
N GLY A 1186 28.14 19.60 -30.28
CA GLY A 1186 28.31 20.40 -31.48
C GLY A 1186 28.52 21.88 -31.21
N TYR A 1187 28.13 22.38 -30.05
CA TYR A 1187 28.31 23.78 -29.73
C TYR A 1187 29.78 24.12 -29.56
N LYS A 1188 30.15 25.33 -29.99
CA LYS A 1188 31.52 25.79 -29.91
C LYS A 1188 31.57 27.12 -29.16
N GLU A 1189 32.63 27.31 -28.38
CA GLU A 1189 32.84 28.50 -27.57
C GLU A 1189 31.63 28.76 -26.67
N VAL A 1190 31.33 27.77 -25.84
CA VAL A 1190 30.19 27.85 -24.93
C VAL A 1190 30.54 28.78 -23.77
N LYS A 1191 29.62 29.68 -23.43
CA LYS A 1191 29.78 30.58 -22.30
C LYS A 1191 29.26 29.88 -21.05
N LYS A 1192 30.19 29.50 -20.16
CA LYS A 1192 29.81 28.76 -18.96
C LYS A 1192 28.96 29.60 -18.03
N ASP A 1193 29.18 30.93 -18.01
CA ASP A 1193 28.42 31.79 -17.12
C ASP A 1193 26.96 31.91 -17.54
N LEU A 1194 26.68 31.80 -18.83
CA LEU A 1194 25.31 31.92 -19.33
C LEU A 1194 24.57 30.60 -19.40
N ILE A 1195 25.20 29.50 -18.99
CA ILE A 1195 24.52 28.21 -18.94
C ILE A 1195 23.48 28.25 -17.82
N ILE A 1196 22.22 28.04 -18.19
CA ILE A 1196 21.11 28.13 -17.24
C ILE A 1196 20.47 26.76 -17.11
N LYS A 1197 20.31 26.29 -15.87
CA LYS A 1197 19.69 25.00 -15.60
C LYS A 1197 18.20 25.21 -15.36
N LEU A 1198 17.36 24.60 -16.20
CA LEU A 1198 15.91 24.73 -16.10
C LEU A 1198 15.30 23.35 -15.81
N PRO A 1199 14.93 23.08 -14.57
CA PRO A 1199 14.22 21.83 -14.27
C PRO A 1199 12.84 21.84 -14.90
N LYS A 1200 12.15 20.70 -14.78
CA LYS A 1200 10.79 20.60 -15.26
C LYS A 1200 9.89 21.55 -14.48
N TYR A 1201 8.82 22.00 -15.14
CA TYR A 1201 7.86 22.96 -14.60
C TYR A 1201 8.47 24.35 -14.38
N SER A 1202 9.54 24.68 -15.12
CA SER A 1202 10.10 26.02 -15.05
C SER A 1202 9.13 27.03 -15.64
N LEU A 1203 8.96 28.16 -14.97
CA LEU A 1203 7.93 29.13 -15.33
C LEU A 1203 8.51 30.22 -16.22
N PHE A 1204 7.81 30.53 -17.31
CA PHE A 1204 8.15 31.63 -18.20
C PHE A 1204 6.93 32.49 -18.41
N GLU A 1205 7.11 33.81 -18.36
CA GLU A 1205 6.07 34.77 -18.69
C GLU A 1205 6.45 35.45 -19.99
N LEU A 1206 5.67 35.18 -21.04
CA LEU A 1206 6.00 35.68 -22.37
C LEU A 1206 5.50 37.12 -22.56
N GLU A 1207 4.19 37.31 -22.52
CA GLU A 1207 3.59 38.63 -22.67
C GLU A 1207 2.10 38.53 -22.39
N ASN A 1208 1.52 39.63 -21.93
CA ASN A 1208 0.08 39.76 -21.70
C ASN A 1208 -0.44 38.68 -20.74
N GLY A 1209 0.38 38.30 -19.76
CA GLY A 1209 -0.02 37.31 -18.78
C GLY A 1209 0.18 35.87 -19.17
N ARG A 1210 0.64 35.60 -20.40
CA ARG A 1210 0.88 34.23 -20.83
C ARG A 1210 1.99 33.60 -20.00
N LYS A 1211 1.65 32.54 -19.27
CA LYS A 1211 2.62 31.77 -18.49
C LYS A 1211 2.70 30.36 -19.05
N ARG A 1212 3.93 29.92 -19.33
CA ARG A 1212 4.21 28.58 -19.84
C ARG A 1212 5.15 27.87 -18.88
N MET A 1213 4.82 26.63 -18.53
CA MET A 1213 5.66 25.82 -17.66
C MET A 1213 6.46 24.86 -18.52
N LEU A 1214 7.78 24.88 -18.38
CA LEU A 1214 8.65 24.02 -19.17
C LEU A 1214 8.42 22.56 -18.80
N ALA A 1215 8.17 21.72 -19.80
CA ALA A 1215 7.99 20.30 -19.60
C ALA A 1215 9.08 19.44 -20.21
N SER A 1216 9.82 19.97 -21.17
CA SER A 1216 10.93 19.26 -21.81
C SER A 1216 11.68 20.26 -22.68
N ALA A 1217 12.66 19.76 -23.42
CA ALA A 1217 13.39 20.60 -24.37
C ALA A 1217 12.53 21.01 -25.56
N GLY A 1218 11.39 20.35 -25.77
CA GLY A 1218 10.58 20.64 -26.93
C GLY A 1218 9.08 20.63 -26.70
N GLU A 1219 8.65 20.84 -25.46
CA GLU A 1219 7.22 20.91 -25.17
C GLU A 1219 6.98 21.75 -23.92
N LEU A 1220 5.87 22.49 -23.92
CA LEU A 1220 5.48 23.35 -22.81
C LEU A 1220 4.13 22.90 -22.27
N GLN A 1221 3.74 23.50 -21.14
CA GLN A 1221 2.45 23.25 -20.51
C GLN A 1221 1.80 24.58 -20.14
N LYS A 1222 0.47 24.57 -20.09
CA LYS A 1222 -0.27 25.75 -19.68
C LYS A 1222 0.07 26.12 -18.24
N GLY A 1223 0.36 27.40 -18.02
CA GLY A 1223 0.81 27.86 -16.72
C GLY A 1223 0.01 28.99 -16.12
N ASN A 1224 -1.22 29.18 -16.59
CA ASN A 1224 -2.08 30.25 -16.10
C ASN A 1224 -3.28 29.67 -15.37
N GLU A 1225 -3.83 30.46 -14.45
CA GLU A 1225 -5.02 30.09 -13.68
C GLU A 1225 -6.17 31.00 -14.07
N LEU A 1226 -7.35 30.41 -14.25
CA LEU A 1226 -8.55 31.15 -14.59
C LEU A 1226 -9.22 31.60 -13.30
N ALA A 1227 -9.18 32.90 -13.02
CA ALA A 1227 -9.78 33.46 -11.81
C ALA A 1227 -11.26 33.74 -12.06
N LEU A 1228 -12.02 32.65 -12.11
CA LEU A 1228 -13.46 32.76 -12.34
C LEU A 1228 -14.13 33.41 -11.13
N PRO A 1229 -15.07 34.32 -11.35
CA PRO A 1229 -15.77 34.94 -10.22
C PRO A 1229 -16.52 33.91 -9.39
N SER A 1230 -16.62 34.19 -8.09
CA SER A 1230 -17.25 33.26 -7.16
C SER A 1230 -18.71 33.02 -7.49
N LYS A 1231 -19.39 34.01 -8.08
CA LYS A 1231 -20.79 33.84 -8.46
C LYS A 1231 -20.93 32.73 -9.50
N TYR A 1232 -20.04 32.72 -10.51
CA TYR A 1232 -20.07 31.66 -11.52
C TYR A 1232 -19.78 30.30 -10.90
N VAL A 1233 -18.84 30.24 -9.96
CA VAL A 1233 -18.51 28.97 -9.30
C VAL A 1233 -19.72 28.45 -8.53
N ASN A 1234 -20.39 29.33 -7.79
CA ASN A 1234 -21.57 28.93 -7.04
C ASN A 1234 -22.69 28.47 -7.98
N PHE A 1235 -22.89 29.20 -9.08
CA PHE A 1235 -23.92 28.81 -10.04
C PHE A 1235 -23.61 27.44 -10.64
N LEU A 1236 -22.34 27.20 -10.99
CA LEU A 1236 -21.98 25.90 -11.56
C LEU A 1236 -22.17 24.78 -10.56
N TYR A 1237 -21.80 25.01 -9.30
CA TYR A 1237 -21.99 23.97 -8.28
C TYR A 1237 -23.47 23.68 -8.07
N LEU A 1238 -24.30 24.73 -8.03
CA LEU A 1238 -25.73 24.53 -7.82
C LEU A 1238 -26.37 23.81 -9.00
N ALA A 1239 -26.04 24.21 -10.23
CA ALA A 1239 -26.66 23.61 -11.40
C ALA A 1239 -26.20 22.18 -11.61
N SER A 1240 -24.89 21.92 -11.46
CA SER A 1240 -24.39 20.55 -11.61
C SER A 1240 -24.96 19.63 -10.54
N HIS A 1241 -25.03 20.11 -9.30
CA HIS A 1241 -25.63 19.33 -8.21
C HIS A 1241 -27.12 19.67 -8.07
N TYR A 1242 -27.83 19.52 -9.19
CA TYR A 1242 -29.25 19.81 -9.20
C TYR A 1242 -30.03 18.89 -8.28
N GLU A 1243 -29.65 17.61 -8.25
CA GLU A 1243 -30.22 16.62 -7.35
C GLU A 1243 -29.22 16.29 -6.25
N LYS A 1244 -29.74 15.73 -5.16
CA LYS A 1244 -28.93 15.36 -4.00
C LYS A 1244 -28.19 16.56 -3.41
N LEU A 1245 -28.77 17.75 -3.55
CA LEU A 1245 -28.15 18.95 -3.03
C LEU A 1245 -28.20 19.03 -1.50
N LYS A 1246 -29.12 18.28 -0.88
CA LYS A 1246 -29.27 18.19 0.56
C LYS A 1246 -29.84 19.50 1.13
N GLY A 1247 -30.34 19.46 2.36
CA GLY A 1247 -30.92 20.62 3.00
C GLY A 1247 -32.44 20.57 2.98
N SER A 1248 -33.02 21.65 3.50
CA SER A 1248 -34.47 21.76 3.54
C SER A 1248 -35.05 21.85 2.14
N PRO A 1249 -36.25 21.30 1.92
CA PRO A 1249 -36.87 21.40 0.59
C PRO A 1249 -37.09 22.83 0.14
N GLU A 1250 -37.37 23.76 1.06
CA GLU A 1250 -37.49 25.16 0.68
C GLU A 1250 -36.18 25.71 0.15
N ASP A 1251 -35.06 25.37 0.80
CA ASP A 1251 -33.75 25.81 0.31
C ASP A 1251 -33.45 25.21 -1.06
N ASN A 1252 -33.80 23.94 -1.27
CA ASN A 1252 -33.60 23.31 -2.57
C ASN A 1252 -34.42 24.01 -3.64
N GLU A 1253 -35.68 24.35 -3.33
CA GLU A 1253 -36.52 25.07 -4.29
C GLU A 1253 -35.94 26.43 -4.61
N GLN A 1254 -35.43 27.13 -3.58
CA GLN A 1254 -34.81 28.44 -3.82
C GLN A 1254 -33.59 28.31 -4.71
N LYS A 1255 -32.76 27.28 -4.48
CA LYS A 1255 -31.58 27.08 -5.32
C LYS A 1255 -31.98 26.76 -6.76
N GLN A 1256 -33.00 25.92 -6.94
CA GLN A 1256 -33.48 25.62 -8.27
C GLN A 1256 -34.01 26.86 -8.97
N LEU A 1257 -34.74 27.70 -8.24
CA LEU A 1257 -35.23 28.95 -8.82
C LEU A 1257 -34.09 29.86 -9.22
N PHE A 1258 -33.06 29.95 -8.38
CA PHE A 1258 -31.88 30.76 -8.72
C PHE A 1258 -31.20 30.23 -9.98
N VAL A 1259 -31.04 28.92 -10.08
CA VAL A 1259 -30.41 28.33 -11.27
C VAL A 1259 -31.23 28.62 -12.51
N GLU A 1260 -32.56 28.48 -12.41
CA GLU A 1260 -33.42 28.73 -13.56
C GLU A 1260 -33.41 30.19 -13.97
N GLN A 1261 -33.35 31.10 -12.99
CA GLN A 1261 -33.37 32.53 -13.27
C GLN A 1261 -31.99 33.08 -13.64
N HIS A 1262 -30.94 32.27 -13.54
CA HIS A 1262 -29.62 32.72 -13.95
C HIS A 1262 -29.04 31.83 -15.04
N LYS A 1263 -29.84 31.55 -16.07
CA LYS A 1263 -29.38 30.73 -17.18
C LYS A 1263 -28.32 31.44 -18.02
N HIS A 1264 -28.36 32.77 -18.07
CA HIS A 1264 -27.38 33.52 -18.86
C HIS A 1264 -25.96 33.36 -18.32
N TYR A 1265 -25.80 32.85 -17.10
CA TYR A 1265 -24.48 32.57 -16.58
C TYR A 1265 -23.76 31.55 -17.43
N LEU A 1266 -24.48 30.64 -18.09
CA LEU A 1266 -23.84 29.69 -18.99
C LEU A 1266 -23.13 30.41 -20.13
N ASP A 1267 -23.83 31.33 -20.78
CA ASP A 1267 -23.22 32.08 -21.88
C ASP A 1267 -22.11 32.99 -21.38
N GLU A 1268 -22.29 33.58 -20.19
CA GLU A 1268 -21.23 34.42 -19.64
C GLU A 1268 -19.97 33.62 -19.34
N ILE A 1269 -20.13 32.41 -18.81
CA ILE A 1269 -18.98 31.55 -18.53
C ILE A 1269 -18.32 31.09 -19.81
N ILE A 1270 -19.12 30.80 -20.85
CA ILE A 1270 -18.55 30.44 -22.15
C ILE A 1270 -17.73 31.60 -22.69
N GLU A 1271 -18.24 32.83 -22.59
CA GLU A 1271 -17.49 34.00 -23.03
C GLU A 1271 -16.21 34.18 -22.22
N GLN A 1272 -16.29 33.96 -20.91
CA GLN A 1272 -15.10 34.06 -20.07
C GLN A 1272 -14.03 33.06 -20.49
N ILE A 1273 -14.44 31.81 -20.73
CA ILE A 1273 -13.50 30.78 -21.17
C ILE A 1273 -12.90 31.16 -22.52
N SER A 1274 -13.72 31.67 -23.44
CA SER A 1274 -13.20 32.08 -24.75
C SER A 1274 -12.18 33.20 -24.61
N GLU A 1275 -12.48 34.20 -23.77
CA GLU A 1275 -11.55 35.31 -23.58
C GLU A 1275 -10.25 34.84 -22.95
N PHE A 1276 -10.33 33.95 -21.96
CA PHE A 1276 -9.13 33.44 -21.33
C PHE A 1276 -8.29 32.62 -22.30
N SER A 1277 -8.95 31.81 -23.14
CA SER A 1277 -8.23 31.01 -24.12
C SER A 1277 -7.55 31.90 -25.16
N LYS A 1278 -8.25 32.92 -25.64
CA LYS A 1278 -7.64 33.83 -26.61
C LYS A 1278 -6.50 34.63 -26.00
N ARG A 1279 -6.61 34.98 -24.71
CA ARG A 1279 -5.57 35.76 -24.06
C ARG A 1279 -4.35 34.90 -23.72
N VAL A 1280 -4.57 33.64 -23.32
CA VAL A 1280 -3.49 32.82 -22.78
C VAL A 1280 -3.29 31.55 -23.62
N ILE A 1281 -4.34 30.73 -23.72
CA ILE A 1281 -4.20 29.39 -24.29
C ILE A 1281 -3.77 29.47 -25.76
N LEU A 1282 -4.39 30.37 -26.52
CA LEU A 1282 -4.10 30.53 -27.95
C LEU A 1282 -4.28 29.21 -28.70
N ALA A 1283 -5.40 28.54 -28.45
CA ALA A 1283 -5.77 27.30 -29.13
C ALA A 1283 -6.99 27.62 -30.00
N ASP A 1284 -6.73 27.98 -31.25
CA ASP A 1284 -7.80 28.43 -32.14
C ASP A 1284 -8.76 27.29 -32.46
N ALA A 1285 -8.24 26.14 -32.90
CA ALA A 1285 -9.10 25.05 -33.33
C ALA A 1285 -9.93 24.50 -32.18
N ASN A 1286 -9.31 24.29 -31.02
CA ASN A 1286 -10.04 23.76 -29.87
C ASN A 1286 -11.12 24.72 -29.41
N LEU A 1287 -10.80 26.01 -29.35
CA LEU A 1287 -11.79 27.00 -28.93
C LEU A 1287 -12.94 27.08 -29.92
N ASP A 1288 -12.63 27.04 -31.22
CA ASP A 1288 -13.69 27.08 -32.23
C ASP A 1288 -14.60 25.86 -32.12
N LYS A 1289 -14.00 24.67 -31.92
CA LYS A 1289 -14.82 23.46 -31.78
C LYS A 1289 -15.66 23.51 -30.51
N VAL A 1290 -15.10 24.04 -29.41
CA VAL A 1290 -15.87 24.18 -28.18
C VAL A 1290 -17.05 25.11 -28.38
N LEU A 1291 -16.82 26.25 -29.04
CA LEU A 1291 -17.91 27.19 -29.29
C LEU A 1291 -18.98 26.56 -30.18
N SER A 1292 -18.56 25.83 -31.22
CA SER A 1292 -19.53 25.17 -32.10
C SER A 1292 -20.35 24.14 -31.34
N ALA A 1293 -19.70 23.35 -30.49
CA ALA A 1293 -20.42 22.35 -29.70
C ALA A 1293 -21.39 23.01 -28.72
N TYR A 1294 -20.96 24.10 -28.08
CA TYR A 1294 -21.84 24.80 -27.15
C TYR A 1294 -23.06 25.36 -27.88
N ASN A 1295 -22.85 25.96 -29.06
CA ASN A 1295 -23.98 26.46 -29.84
C ASN A 1295 -24.86 25.34 -30.36
N LYS A 1296 -24.30 24.15 -30.54
CA LYS A 1296 -25.08 23.02 -31.05
C LYS A 1296 -26.07 22.48 -30.03
N HIS A 1297 -25.70 22.50 -28.74
CA HIS A 1297 -26.49 21.90 -27.68
C HIS A 1297 -27.01 22.96 -26.70
N ARG A 1298 -27.53 24.07 -27.23
CA ARG A 1298 -28.07 25.12 -26.38
C ARG A 1298 -29.42 24.74 -25.77
N ASP A 1299 -30.10 23.75 -26.33
CA ASP A 1299 -31.43 23.37 -25.87
C ASP A 1299 -31.41 22.27 -24.82
N LYS A 1300 -30.24 21.81 -24.42
CA LYS A 1300 -30.14 20.76 -23.41
C LYS A 1300 -30.51 21.31 -22.03
N PRO A 1301 -30.89 20.44 -21.09
CA PRO A 1301 -31.24 20.90 -19.75
C PRO A 1301 -30.06 21.57 -19.06
N ILE A 1302 -30.38 22.29 -17.98
CA ILE A 1302 -29.38 23.12 -17.31
C ILE A 1302 -28.31 22.27 -16.65
N ARG A 1303 -28.71 21.16 -16.02
CA ARG A 1303 -27.76 20.31 -15.31
C ARG A 1303 -26.72 19.72 -16.27
N GLU A 1304 -27.19 19.22 -17.41
CA GLU A 1304 -26.28 18.62 -18.39
C GLU A 1304 -25.32 19.68 -18.95
N GLN A 1305 -25.83 20.86 -19.26
CA GLN A 1305 -24.97 21.93 -19.78
C GLN A 1305 -23.95 22.37 -18.73
N ALA A 1306 -24.36 22.43 -17.46
CA ALA A 1306 -23.42 22.79 -16.41
C ALA A 1306 -22.31 21.76 -16.27
N GLU A 1307 -22.67 20.48 -16.29
CA GLU A 1307 -21.65 19.44 -16.22
C GLU A 1307 -20.73 19.50 -17.43
N ASN A 1308 -21.29 19.77 -18.62
CA ASN A 1308 -20.47 19.87 -19.81
C ASN A 1308 -19.54 21.07 -19.77
N ILE A 1309 -19.97 22.18 -19.17
CA ILE A 1309 -19.09 23.34 -19.00
C ILE A 1309 -17.98 23.01 -17.99
N ILE A 1310 -18.32 22.28 -16.92
CA ILE A 1310 -17.31 21.82 -15.98
C ILE A 1310 -16.26 20.98 -16.72
N HIS A 1311 -16.71 20.12 -17.63
CA HIS A 1311 -15.77 19.37 -18.45
C HIS A 1311 -14.97 20.27 -19.37
N LEU A 1312 -15.62 21.28 -19.96
CA LEU A 1312 -14.94 22.24 -20.84
C LEU A 1312 -13.85 23.02 -20.12
N PHE A 1313 -13.95 23.15 -18.81
CA PHE A 1313 -12.93 23.87 -18.06
C PHE A 1313 -11.56 23.21 -18.12
N THR A 1314 -11.49 21.96 -18.58
CA THR A 1314 -10.20 21.28 -18.72
C THR A 1314 -9.30 21.97 -19.73
N LEU A 1315 -9.87 22.72 -20.67
CA LEU A 1315 -9.06 23.39 -21.69
C LEU A 1315 -8.14 24.44 -21.06
N THR A 1316 -8.64 25.18 -20.07
CA THR A 1316 -7.90 26.29 -19.47
C THR A 1316 -7.23 25.92 -18.16
N ASN A 1317 -7.23 24.63 -17.79
CA ASN A 1317 -6.64 24.22 -16.52
C ASN A 1317 -5.11 24.31 -16.58
N LEU A 1318 -4.51 24.35 -15.39
CA LEU A 1318 -3.07 24.40 -15.27
C LEU A 1318 -2.46 23.03 -15.59
N GLY A 1319 -1.24 23.06 -16.11
CA GLY A 1319 -0.51 21.84 -16.36
C GLY A 1319 -0.52 21.38 -17.81
N ALA A 1320 -0.33 20.09 -18.03
CA ALA A 1320 -0.28 19.56 -19.38
C ALA A 1320 -1.67 19.58 -20.01
N PRO A 1321 -1.76 19.83 -21.32
CA PRO A 1321 -3.06 19.78 -22.00
C PRO A 1321 -3.66 18.39 -21.95
N ALA A 1322 -4.99 18.35 -21.86
CA ALA A 1322 -5.72 17.09 -21.79
C ALA A 1322 -7.00 17.19 -22.63
N ALA A 1323 -7.44 16.04 -23.12
CA ALA A 1323 -8.66 15.98 -23.91
C ALA A 1323 -9.88 15.93 -23.00
N PHE A 1324 -11.01 16.42 -23.51
CA PHE A 1324 -12.25 16.45 -22.75
C PHE A 1324 -13.41 16.18 -23.69
N LYS A 1325 -14.63 16.16 -23.13
CA LYS A 1325 -15.83 15.87 -23.89
C LYS A 1325 -16.92 16.88 -23.56
N TYR A 1326 -17.60 17.36 -24.60
CA TYR A 1326 -18.82 18.15 -24.48
C TYR A 1326 -19.95 17.30 -25.05
N PHE A 1327 -20.73 16.68 -24.16
CA PHE A 1327 -21.76 15.72 -24.53
C PHE A 1327 -21.15 14.58 -25.32
N ASP A 1328 -21.36 14.57 -26.64
CA ASP A 1328 -20.78 13.54 -27.50
C ASP A 1328 -19.53 14.02 -28.24
N THR A 1329 -19.33 15.32 -28.37
CA THR A 1329 -18.15 15.84 -29.05
C THR A 1329 -16.91 15.62 -28.18
N THR A 1330 -15.84 15.14 -28.79
CA THR A 1330 -14.58 14.89 -28.08
C THR A 1330 -13.53 15.87 -28.59
N ILE A 1331 -13.06 16.74 -27.70
CA ILE A 1331 -12.04 17.73 -28.02
C ILE A 1331 -10.70 17.22 -27.54
N ASP A 1332 -9.72 17.18 -28.43
CA ASP A 1332 -8.40 16.66 -28.11
C ASP A 1332 -7.56 17.75 -27.46
N ARG A 1333 -6.26 17.46 -27.31
CA ARG A 1333 -5.34 18.37 -26.63
C ARG A 1333 -4.35 19.08 -27.54
N LYS A 1334 -4.29 20.39 -27.43
CA LYS A 1334 -3.33 21.17 -28.21
C LYS A 1334 -2.00 21.19 -27.46
N ARG A 1335 -0.99 20.55 -28.03
CA ARG A 1335 0.32 20.42 -27.39
C ARG A 1335 1.26 21.48 -27.95
N TYR A 1336 1.88 22.23 -27.05
CA TYR A 1336 2.80 23.31 -27.44
C TYR A 1336 4.20 22.72 -27.63
N THR A 1337 4.39 22.11 -28.80
CA THR A 1337 5.64 21.42 -29.11
C THR A 1337 6.76 22.36 -29.51
N SER A 1338 6.61 23.67 -29.32
CA SER A 1338 7.63 24.65 -29.67
C SER A 1338 8.12 25.33 -28.39
N THR A 1339 9.42 25.27 -28.15
CA THR A 1339 10.06 25.95 -27.02
C THR A 1339 10.93 27.12 -27.47
N LYS A 1340 10.79 27.55 -28.72
CA LYS A 1340 11.56 28.68 -29.21
C LYS A 1340 11.05 30.02 -28.67
N GLU A 1341 9.79 30.07 -28.24
CA GLU A 1341 9.23 31.33 -27.74
C GLU A 1341 9.77 31.69 -26.36
N VAL A 1342 9.93 30.70 -25.49
CA VAL A 1342 10.41 30.96 -24.13
C VAL A 1342 11.85 31.46 -24.10
N LEU A 1343 12.58 31.32 -25.20
CA LEU A 1343 13.94 31.86 -25.27
C LEU A 1343 13.95 33.38 -25.23
N ASP A 1344 12.82 34.03 -25.55
CA ASP A 1344 12.70 35.47 -25.47
C ASP A 1344 11.72 35.92 -24.39
N ALA A 1345 11.23 35.00 -23.57
CA ALA A 1345 10.30 35.32 -22.51
C ALA A 1345 11.06 35.70 -21.25
N THR A 1346 10.34 35.85 -20.14
CA THR A 1346 10.95 36.18 -18.86
C THR A 1346 10.88 34.95 -17.96
N LEU A 1347 12.05 34.38 -17.65
CA LEU A 1347 12.10 33.24 -16.75
C LEU A 1347 11.82 33.70 -15.32
N ILE A 1348 11.06 32.89 -14.58
CA ILE A 1348 10.70 33.21 -13.22
C ILE A 1348 11.15 32.09 -12.31
N HIS A 1349 12.09 32.40 -11.41
CA HIS A 1349 12.46 31.50 -10.32
C HIS A 1349 11.56 31.84 -9.14
N GLN A 1350 10.66 30.92 -8.80
CA GLN A 1350 9.71 31.10 -7.72
C GLN A 1350 10.13 30.29 -6.51
N SER A 1351 10.10 30.90 -5.33
CA SER A 1351 10.33 30.18 -4.10
C SER A 1351 9.19 29.18 -3.86
N ILE A 1352 9.30 28.43 -2.75
CA ILE A 1352 8.31 27.39 -2.48
C ILE A 1352 6.93 28.00 -2.29
N THR A 1353 6.84 29.12 -1.55
CA THR A 1353 5.57 29.82 -1.40
C THR A 1353 5.22 30.68 -2.61
N GLY A 1354 6.22 31.05 -3.42
CA GLY A 1354 5.99 31.88 -4.58
C GLY A 1354 5.97 33.38 -4.32
N LEU A 1355 6.05 33.80 -3.05
CA LEU A 1355 6.13 35.22 -2.75
C LEU A 1355 7.49 35.79 -3.13
N TYR A 1356 8.56 35.02 -2.89
CA TYR A 1356 9.91 35.40 -3.25
C TYR A 1356 10.15 34.97 -4.70
N GLU A 1357 10.34 35.94 -5.58
CA GLU A 1357 10.52 35.68 -7.00
C GLU A 1357 11.81 36.32 -7.49
N THR A 1358 12.34 35.76 -8.58
CA THR A 1358 13.47 36.32 -9.29
C THR A 1358 13.19 36.21 -10.79
N ARG A 1359 13.03 37.36 -11.45
CA ARG A 1359 12.72 37.40 -12.88
C ARG A 1359 13.99 37.66 -13.66
N ILE A 1360 14.31 36.75 -14.59
CA ILE A 1360 15.48 36.85 -15.44
C ILE A 1360 14.99 37.11 -16.86
N ASP A 1361 15.50 38.18 -17.48
CA ASP A 1361 15.16 38.53 -18.86
C ASP A 1361 16.09 37.77 -19.80
N LEU A 1362 15.57 36.74 -20.45
CA LEU A 1362 16.40 35.94 -21.35
C LEU A 1362 16.72 36.66 -22.66
N SER A 1363 15.97 37.71 -23.00
CA SER A 1363 16.29 38.48 -24.19
C SER A 1363 17.64 39.18 -24.07
N GLN A 1364 17.99 39.63 -22.86
CA GLN A 1364 19.30 40.23 -22.64
C GLN A 1364 20.41 39.21 -22.86
N LEU A 1365 20.20 37.96 -22.42
CA LEU A 1365 21.17 36.88 -22.62
C LEU A 1365 21.01 36.31 -24.03
N GLY A 1366 21.38 37.13 -25.01
CA GLY A 1366 21.27 36.74 -26.39
C GLY A 1366 22.47 37.13 -27.24
N GLY A 1367 22.97 36.19 -28.04
CA GLY A 1367 24.08 36.46 -28.92
C GLY A 1367 23.76 37.24 -30.17
N ASP A 1368 22.47 37.39 -30.49
CA ASP A 1368 22.01 38.12 -31.67
C ASP A 1368 22.65 37.59 -32.95
#